data_4CIK
# 
_entry.id   4CIK 
# 
_audit_conform.dict_name       mmcif_pdbx.dic 
_audit_conform.dict_version    5.398 
_audit_conform.dict_location   http://mmcif.pdb.org/dictionaries/ascii/mmcif_pdbx.dic 
# 
loop_
_database_2.database_id 
_database_2.database_code 
_database_2.pdbx_database_accession 
_database_2.pdbx_DOI 
PDB   4CIK         pdb_00004cik 10.2210/pdb4cik/pdb 
PDBE  EBI-59193    ?            ?                   
WWPDB D_1290059193 ?            ?                   
# 
loop_
_pdbx_audit_revision_history.ordinal 
_pdbx_audit_revision_history.data_content_type 
_pdbx_audit_revision_history.major_revision 
_pdbx_audit_revision_history.minor_revision 
_pdbx_audit_revision_history.revision_date 
1 'Structure model' 1 0 2014-06-18 
2 'Structure model' 1 1 2023-12-20 
3 'Structure model' 1 2 2024-11-06 
# 
_pdbx_audit_revision_details.ordinal             1 
_pdbx_audit_revision_details.revision_ordinal    1 
_pdbx_audit_revision_details.data_content_type   'Structure model' 
_pdbx_audit_revision_details.provider            repository 
_pdbx_audit_revision_details.type                'Initial release' 
_pdbx_audit_revision_details.description         ? 
_pdbx_audit_revision_details.details             ? 
# 
loop_
_pdbx_audit_revision_group.ordinal 
_pdbx_audit_revision_group.revision_ordinal 
_pdbx_audit_revision_group.data_content_type 
_pdbx_audit_revision_group.group 
1 2 'Structure model' 'Data collection'        
2 2 'Structure model' 'Database references'    
3 2 'Structure model' 'Derived calculations'   
4 2 'Structure model' Other                    
5 2 'Structure model' 'Refinement description' 
6 3 'Structure model' 'Structure summary'      
# 
loop_
_pdbx_audit_revision_category.ordinal 
_pdbx_audit_revision_category.revision_ordinal 
_pdbx_audit_revision_category.data_content_type 
_pdbx_audit_revision_category.category 
1 2 'Structure model' chem_comp_atom                
2 2 'Structure model' chem_comp_bond                
3 2 'Structure model' database_2                    
4 2 'Structure model' pdbx_database_status          
5 2 'Structure model' pdbx_initial_refinement_model 
6 2 'Structure model' struct_site                   
7 3 'Structure model' pdbx_entry_details            
8 3 'Structure model' pdbx_modification_feature     
# 
loop_
_pdbx_audit_revision_item.ordinal 
_pdbx_audit_revision_item.revision_ordinal 
_pdbx_audit_revision_item.data_content_type 
_pdbx_audit_revision_item.item 
1 2 'Structure model' '_database_2.pdbx_DOI'                 
2 2 'Structure model' '_database_2.pdbx_database_accession'  
3 2 'Structure model' '_pdbx_database_status.status_code_sf' 
4 2 'Structure model' '_struct_site.pdbx_auth_asym_id'       
5 2 'Structure model' '_struct_site.pdbx_auth_comp_id'       
6 2 'Structure model' '_struct_site.pdbx_auth_seq_id'        
# 
_pdbx_database_status.status_code                     REL 
_pdbx_database_status.entry_id                        4CIK 
_pdbx_database_status.deposit_site                    PDBE 
_pdbx_database_status.process_site                    PDBE 
_pdbx_database_status.SG_entry                        . 
_pdbx_database_status.recvd_initial_deposition_date   2013-12-10 
_pdbx_database_status.pdb_format_compatible           Y 
_pdbx_database_status.status_code_sf                  REL 
_pdbx_database_status.status_code_mr                  ? 
_pdbx_database_status.status_code_cs                  ? 
_pdbx_database_status.methods_development_category    ? 
_pdbx_database_status.status_code_nmr_data            ? 
# 
loop_
_audit_author.name 
_audit_author.pdbx_ordinal 
'Xue, Y.'        1 
'Johansson, C.'  2 
'Cheng, L.'      3 
'Pettersen, D.'  4 
'Gustafsson, D.' 5 
# 
_citation.id                        primary 
_citation.title                     
'Discovery of the Fibrinolysis Inhibitor Azd6564, Acting Via Interference of a Protein-Protein Interaction.' 
_citation.journal_abbrev            'Acs Med.Chem.Lett.' 
_citation.journal_volume            5 
_citation.page_first                538 
_citation.page_last                 ? 
_citation.year                      2014 
_citation.journal_id_ASTM           ? 
_citation.country                   US 
_citation.journal_id_ISSN           1948-5875 
_citation.journal_id_CSD            ? 
_citation.book_publisher            ? 
_citation.pdbx_database_id_PubMed   24900876 
_citation.pdbx_database_id_DOI      10.1021/ML400526D 
# 
loop_
_citation_author.citation_id 
_citation_author.name 
_citation_author.ordinal 
_citation_author.identifier_ORCID 
primary 'Cheng, L.'       1  ? 
primary 'Pettersen, D.'   2  ? 
primary 'Ohlsson, B.'     3  ? 
primary 'Schell, P.'      4  ? 
primary 'Karle, M.'       5  ? 
primary 'Evertsson, E.'   6  ? 
primary 'Pahlen, S.'      7  ? 
primary 'Jonforsen, M.'   8  ? 
primary 'Plowright, A.T.' 9  ? 
primary 'Bostrom, J.'     10 ? 
primary 'Fex, T.'         11 ? 
primary 'Thelin, A.'      12 ? 
primary 'Hilgendorf, C.'  13 ? 
primary 'Xue, Y.'         14 ? 
primary 'Wahlund, G.'     15 ? 
primary 'Lindberg, W.'    16 ? 
primary 'Larsson, L.'     17 ? 
primary 'Gustafsson, D.'  18 ? 
# 
loop_
_entity.id 
_entity.type 
_entity.src_method 
_entity.pdbx_description 
_entity.formula_weight 
_entity.pdbx_number_of_molecules 
_entity.pdbx_ec 
_entity.pdbx_mutation 
_entity.pdbx_fragment 
_entity.details 
1 polymer     man PLASMINOGEN                                                   9579.554 1   3.4.21.7 ? 
'KRINGLE 1, RESIDUES 101-181' ? 
2 non-polymer syn '5-[(2R,4S)-2-(phenylmethyl)piperidin-4-yl]-1,2-oxazol-3-one' 258.316  1   ?        ? ? ? 
3 water       nat water                                                         18.015   183 ?        ? ? ? 
# 
_entity_poly.entity_id                      1 
_entity_poly.type                           'polypeptide(L)' 
_entity_poly.nstd_linkage                   no 
_entity_poly.nstd_monomer                   no 
_entity_poly.pdbx_seq_one_letter_code       
;KRSECKTGNGKNYRGTMSKTKNGITCQKWSSTSPHRPRFSPATHPSEGLEENYCRNPDNDPQGPWCYTTDPEKRYDYCDI
LEC
;
_entity_poly.pdbx_seq_one_letter_code_can   
;KRSECKTGNGKNYRGTMSKTKNGITCQKWSSTSPHRPRFSPATHPSEGLEENYCRNPDNDPQGPWCYTTDPEKRYDYCDI
LEC
;
_entity_poly.pdbx_strand_id                 A 
_entity_poly.pdbx_target_identifier         ? 
# 
loop_
_pdbx_entity_nonpoly.entity_id 
_pdbx_entity_nonpoly.name 
_pdbx_entity_nonpoly.comp_id 
2 '5-[(2R,4S)-2-(phenylmethyl)piperidin-4-yl]-1,2-oxazol-3-one' XO3 
3 water                                                         HOH 
# 
loop_
_entity_poly_seq.entity_id 
_entity_poly_seq.num 
_entity_poly_seq.mon_id 
_entity_poly_seq.hetero 
1 1  LYS n 
1 2  ARG n 
1 3  SER n 
1 4  GLU n 
1 5  CYS n 
1 6  LYS n 
1 7  THR n 
1 8  GLY n 
1 9  ASN n 
1 10 GLY n 
1 11 LYS n 
1 12 ASN n 
1 13 TYR n 
1 14 ARG n 
1 15 GLY n 
1 16 THR n 
1 17 MET n 
1 18 SER n 
1 19 LYS n 
1 20 THR n 
1 21 LYS n 
1 22 ASN n 
1 23 GLY n 
1 24 ILE n 
1 25 THR n 
1 26 CYS n 
1 27 GLN n 
1 28 LYS n 
1 29 TRP n 
1 30 SER n 
1 31 SER n 
1 32 THR n 
1 33 SER n 
1 34 PRO n 
1 35 HIS n 
1 36 ARG n 
1 37 PRO n 
1 38 ARG n 
1 39 PHE n 
1 40 SER n 
1 41 PRO n 
1 42 ALA n 
1 43 THR n 
1 44 HIS n 
1 45 PRO n 
1 46 SER n 
1 47 GLU n 
1 48 GLY n 
1 49 LEU n 
1 50 GLU n 
1 51 GLU n 
1 52 ASN n 
1 53 TYR n 
1 54 CYS n 
1 55 ARG n 
1 56 ASN n 
1 57 PRO n 
1 58 ASP n 
1 59 ASN n 
1 60 ASP n 
1 61 PRO n 
1 62 GLN n 
1 63 GLY n 
1 64 PRO n 
1 65 TRP n 
1 66 CYS n 
1 67 TYR n 
1 68 THR n 
1 69 THR n 
1 70 ASP n 
1 71 PRO n 
1 72 GLU n 
1 73 LYS n 
1 74 ARG n 
1 75 TYR n 
1 76 ASP n 
1 77 TYR n 
1 78 CYS n 
1 79 ASP n 
1 80 ILE n 
1 81 LEU n 
1 82 GLU n 
1 83 CYS n 
# 
_entity_src_gen.entity_id                          1 
_entity_src_gen.pdbx_src_id                        1 
_entity_src_gen.pdbx_alt_source_flag               sample 
_entity_src_gen.pdbx_seq_type                      ? 
_entity_src_gen.pdbx_beg_seq_num                   ? 
_entity_src_gen.pdbx_end_seq_num                   ? 
_entity_src_gen.gene_src_common_name               HUMAN 
_entity_src_gen.gene_src_genus                     ? 
_entity_src_gen.pdbx_gene_src_gene                 ? 
_entity_src_gen.gene_src_species                   ? 
_entity_src_gen.gene_src_strain                    ? 
_entity_src_gen.gene_src_tissue                    ? 
_entity_src_gen.gene_src_tissue_fraction           ? 
_entity_src_gen.gene_src_details                   ? 
_entity_src_gen.pdbx_gene_src_fragment             ? 
_entity_src_gen.pdbx_gene_src_scientific_name      'HOMO SAPIENS' 
_entity_src_gen.pdbx_gene_src_ncbi_taxonomy_id     9606 
_entity_src_gen.pdbx_gene_src_variant              ? 
_entity_src_gen.pdbx_gene_src_cell_line            ? 
_entity_src_gen.pdbx_gene_src_atcc                 ? 
_entity_src_gen.pdbx_gene_src_organ                ? 
_entity_src_gen.pdbx_gene_src_organelle            ? 
_entity_src_gen.pdbx_gene_src_cell                 ? 
_entity_src_gen.pdbx_gene_src_cellular_location    ? 
_entity_src_gen.host_org_common_name               ? 
_entity_src_gen.pdbx_host_org_scientific_name      'KOMAGATAELLA PASTORIS' 
_entity_src_gen.pdbx_host_org_ncbi_taxonomy_id     4922 
_entity_src_gen.host_org_genus                     ? 
_entity_src_gen.pdbx_host_org_gene                 ? 
_entity_src_gen.pdbx_host_org_organ                ? 
_entity_src_gen.host_org_species                   ? 
_entity_src_gen.pdbx_host_org_tissue               ? 
_entity_src_gen.pdbx_host_org_tissue_fraction      ? 
_entity_src_gen.pdbx_host_org_strain               ? 
_entity_src_gen.pdbx_host_org_variant              ? 
_entity_src_gen.pdbx_host_org_cell_line            ? 
_entity_src_gen.pdbx_host_org_atcc                 ? 
_entity_src_gen.pdbx_host_org_culture_collection   ? 
_entity_src_gen.pdbx_host_org_cell                 ? 
_entity_src_gen.pdbx_host_org_organelle            ? 
_entity_src_gen.pdbx_host_org_cellular_location    ? 
_entity_src_gen.pdbx_host_org_vector_type          ? 
_entity_src_gen.pdbx_host_org_vector               ? 
_entity_src_gen.host_org_details                   ? 
_entity_src_gen.expression_system_id               ? 
_entity_src_gen.plasmid_name                       ? 
_entity_src_gen.plasmid_details                    ? 
_entity_src_gen.pdbx_description                   ? 
# 
loop_
_chem_comp.id 
_chem_comp.type 
_chem_comp.mon_nstd_flag 
_chem_comp.name 
_chem_comp.pdbx_synonyms 
_chem_comp.formula 
_chem_comp.formula_weight 
ALA 'L-peptide linking' y ALANINE                                                       ? 'C3 H7 N O2'     89.093  
ARG 'L-peptide linking' y ARGININE                                                      ? 'C6 H15 N4 O2 1' 175.209 
ASN 'L-peptide linking' y ASPARAGINE                                                    ? 'C4 H8 N2 O3'    132.118 
ASP 'L-peptide linking' y 'ASPARTIC ACID'                                               ? 'C4 H7 N O4'     133.103 
CYS 'L-peptide linking' y CYSTEINE                                                      ? 'C3 H7 N O2 S'   121.158 
GLN 'L-peptide linking' y GLUTAMINE                                                     ? 'C5 H10 N2 O3'   146.144 
GLU 'L-peptide linking' y 'GLUTAMIC ACID'                                               ? 'C5 H9 N O4'     147.129 
GLY 'peptide linking'   y GLYCINE                                                       ? 'C2 H5 N O2'     75.067  
HIS 'L-peptide linking' y HISTIDINE                                                     ? 'C6 H10 N3 O2 1' 156.162 
HOH non-polymer         . WATER                                                         ? 'H2 O'           18.015  
ILE 'L-peptide linking' y ISOLEUCINE                                                    ? 'C6 H13 N O2'    131.173 
LEU 'L-peptide linking' y LEUCINE                                                       ? 'C6 H13 N O2'    131.173 
LYS 'L-peptide linking' y LYSINE                                                        ? 'C6 H15 N2 O2 1' 147.195 
MET 'L-peptide linking' y METHIONINE                                                    ? 'C5 H11 N O2 S'  149.211 
PHE 'L-peptide linking' y PHENYLALANINE                                                 ? 'C9 H11 N O2'    165.189 
PRO 'L-peptide linking' y PROLINE                                                       ? 'C5 H9 N O2'     115.130 
SER 'L-peptide linking' y SERINE                                                        ? 'C3 H7 N O3'     105.093 
THR 'L-peptide linking' y THREONINE                                                     ? 'C4 H9 N O3'     119.119 
TRP 'L-peptide linking' y TRYPTOPHAN                                                    ? 'C11 H12 N2 O2'  204.225 
TYR 'L-peptide linking' y TYROSINE                                                      ? 'C9 H11 N O3'    181.189 
XO3 non-polymer         . '5-[(2R,4S)-2-(phenylmethyl)piperidin-4-yl]-1,2-oxazol-3-one' ? 'C15 H18 N2 O2'  258.316 
# 
loop_
_pdbx_poly_seq_scheme.asym_id 
_pdbx_poly_seq_scheme.entity_id 
_pdbx_poly_seq_scheme.seq_id 
_pdbx_poly_seq_scheme.mon_id 
_pdbx_poly_seq_scheme.ndb_seq_num 
_pdbx_poly_seq_scheme.pdb_seq_num 
_pdbx_poly_seq_scheme.auth_seq_num 
_pdbx_poly_seq_scheme.pdb_mon_id 
_pdbx_poly_seq_scheme.auth_mon_id 
_pdbx_poly_seq_scheme.pdb_strand_id 
_pdbx_poly_seq_scheme.pdb_ins_code 
_pdbx_poly_seq_scheme.hetero 
A 1 1  LYS 1  -2 ?  ?   ?   A . n 
A 1 2  ARG 2  -1 ?  ?   ?   A . n 
A 1 3  SER 3  0  0  SER SER A . n 
A 1 4  GLU 4  1  1  GLU GLU A . n 
A 1 5  CYS 5  2  2  CYS CYS A . n 
A 1 6  LYS 6  3  3  LYS LYS A . n 
A 1 7  THR 7  4  4  THR THR A . n 
A 1 8  GLY 8  5  5  GLY GLY A . n 
A 1 9  ASN 9  6  6  ASN ASN A . n 
A 1 10 GLY 10 7  7  GLY GLY A . n 
A 1 11 LYS 11 8  8  LYS LYS A . n 
A 1 12 ASN 12 9  9  ASN ASN A . n 
A 1 13 TYR 13 10 10 TYR TYR A . n 
A 1 14 ARG 14 11 11 ARG ARG A . n 
A 1 15 GLY 15 12 12 GLY GLY A . n 
A 1 16 THR 16 13 13 THR THR A . n 
A 1 17 MET 17 14 14 MET MET A . n 
A 1 18 SER 18 15 15 SER SER A . n 
A 1 19 LYS 19 16 16 LYS LYS A . n 
A 1 20 THR 20 17 17 THR THR A . n 
A 1 21 LYS 21 18 18 LYS LYS A . n 
A 1 22 ASN 22 19 19 ASN ASN A . n 
A 1 23 GLY 23 20 20 GLY GLY A . n 
A 1 24 ILE 24 21 21 ILE ILE A . n 
A 1 25 THR 25 22 22 THR THR A . n 
A 1 26 CYS 26 23 23 CYS CYS A . n 
A 1 27 GLN 27 24 24 GLN GLN A . n 
A 1 28 LYS 28 25 25 LYS LYS A . n 
A 1 29 TRP 29 26 26 TRP TRP A . n 
A 1 30 SER 30 27 27 SER SER A . n 
A 1 31 SER 31 28 28 SER SER A . n 
A 1 32 THR 32 29 29 THR THR A . n 
A 1 33 SER 33 30 30 SER SER A . n 
A 1 34 PRO 34 31 31 PRO PRO A . n 
A 1 35 HIS 35 32 32 HIS HIS A . n 
A 1 36 ARG 36 33 33 ARG ARG A . n 
A 1 37 PRO 37 34 34 PRO PRO A . n 
A 1 38 ARG 38 35 35 ARG ARG A . n 
A 1 39 PHE 39 36 36 PHE PHE A . n 
A 1 40 SER 40 37 37 SER SER A . n 
A 1 41 PRO 41 38 38 PRO PRO A . n 
A 1 42 ALA 42 39 39 ALA ALA A . n 
A 1 43 THR 43 40 40 THR THR A . n 
A 1 44 HIS 44 41 41 HIS HIS A . n 
A 1 45 PRO 45 42 42 PRO PRO A . n 
A 1 46 SER 46 43 43 SER SER A . n 
A 1 47 GLU 47 44 44 GLU GLU A . n 
A 1 48 GLY 48 45 45 GLY GLY A . n 
A 1 49 LEU 49 46 46 LEU LEU A . n 
A 1 50 GLU 50 47 47 GLU GLU A . n 
A 1 51 GLU 51 48 48 GLU GLU A . n 
A 1 52 ASN 52 49 49 ASN ASN A . n 
A 1 53 TYR 53 50 50 TYR TYR A . n 
A 1 54 CYS 54 51 51 CYS CYS A . n 
A 1 55 ARG 55 52 52 ARG ARG A . n 
A 1 56 ASN 56 53 53 ASN ASN A . n 
A 1 57 PRO 57 54 54 PRO PRO A . n 
A 1 58 ASP 58 55 55 ASP ASP A . n 
A 1 59 ASN 59 56 56 ASN ASN A . n 
A 1 60 ASP 60 57 57 ASP ASP A . n 
A 1 61 PRO 61 58 58 PRO PRO A . n 
A 1 62 GLN 62 59 59 GLN GLN A . n 
A 1 63 GLY 63 60 60 GLY GLY A . n 
A 1 64 PRO 64 61 61 PRO PRO A . n 
A 1 65 TRP 65 62 62 TRP TRP A . n 
A 1 66 CYS 66 63 63 CYS CYS A . n 
A 1 67 TYR 67 64 64 TYR TYR A . n 
A 1 68 THR 68 65 65 THR THR A . n 
A 1 69 THR 69 66 66 THR THR A . n 
A 1 70 ASP 70 67 67 ASP ASP A . n 
A 1 71 PRO 71 68 68 PRO PRO A . n 
A 1 72 GLU 72 69 69 GLU GLU A . n 
A 1 73 LYS 73 70 70 LYS LYS A . n 
A 1 74 ARG 74 71 71 ARG ARG A . n 
A 1 75 TYR 75 72 72 TYR TYR A . n 
A 1 76 ASP 76 73 73 ASP ASP A . n 
A 1 77 TYR 77 74 74 TYR TYR A . n 
A 1 78 CYS 78 75 75 CYS CYS A . n 
A 1 79 ASP 79 76 76 ASP ASP A . n 
A 1 80 ILE 80 77 77 ILE ILE A . n 
A 1 81 LEU 81 78 78 LEU LEU A . n 
A 1 82 GLU 82 79 79 GLU GLU A . n 
A 1 83 CYS 83 80 80 CYS CYS A . n 
# 
loop_
_pdbx_nonpoly_scheme.asym_id 
_pdbx_nonpoly_scheme.entity_id 
_pdbx_nonpoly_scheme.mon_id 
_pdbx_nonpoly_scheme.ndb_seq_num 
_pdbx_nonpoly_scheme.pdb_seq_num 
_pdbx_nonpoly_scheme.auth_seq_num 
_pdbx_nonpoly_scheme.pdb_mon_id 
_pdbx_nonpoly_scheme.auth_mon_id 
_pdbx_nonpoly_scheme.pdb_strand_id 
_pdbx_nonpoly_scheme.pdb_ins_code 
B 2 XO3 1   1081 1081 XO3 XO3 A . 
C 3 HOH 1   2001 2001 HOH HOH A . 
C 3 HOH 2   2002 2002 HOH HOH A . 
C 3 HOH 3   2003 2003 HOH HOH A . 
C 3 HOH 4   2004 2004 HOH HOH A . 
C 3 HOH 5   2005 2005 HOH HOH A . 
C 3 HOH 6   2006 2006 HOH HOH A . 
C 3 HOH 7   2007 2007 HOH HOH A . 
C 3 HOH 8   2008 2008 HOH HOH A . 
C 3 HOH 9   2009 2009 HOH HOH A . 
C 3 HOH 10  2010 2010 HOH HOH A . 
C 3 HOH 11  2011 2011 HOH HOH A . 
C 3 HOH 12  2012 2012 HOH HOH A . 
C 3 HOH 13  2013 2013 HOH HOH A . 
C 3 HOH 14  2014 2014 HOH HOH A . 
C 3 HOH 15  2015 2015 HOH HOH A . 
C 3 HOH 16  2016 2016 HOH HOH A . 
C 3 HOH 17  2017 2017 HOH HOH A . 
C 3 HOH 18  2018 2018 HOH HOH A . 
C 3 HOH 19  2019 2019 HOH HOH A . 
C 3 HOH 20  2020 2020 HOH HOH A . 
C 3 HOH 21  2021 2021 HOH HOH A . 
C 3 HOH 22  2022 2022 HOH HOH A . 
C 3 HOH 23  2023 2023 HOH HOH A . 
C 3 HOH 24  2024 2024 HOH HOH A . 
C 3 HOH 25  2025 2025 HOH HOH A . 
C 3 HOH 26  2026 2026 HOH HOH A . 
C 3 HOH 27  2027 2027 HOH HOH A . 
C 3 HOH 28  2028 2028 HOH HOH A . 
C 3 HOH 29  2029 2029 HOH HOH A . 
C 3 HOH 30  2030 2030 HOH HOH A . 
C 3 HOH 31  2031 2031 HOH HOH A . 
C 3 HOH 32  2032 2032 HOH HOH A . 
C 3 HOH 33  2033 2033 HOH HOH A . 
C 3 HOH 34  2034 2034 HOH HOH A . 
C 3 HOH 35  2035 2035 HOH HOH A . 
C 3 HOH 36  2036 2036 HOH HOH A . 
C 3 HOH 37  2037 2037 HOH HOH A . 
C 3 HOH 38  2038 2038 HOH HOH A . 
C 3 HOH 39  2039 2039 HOH HOH A . 
C 3 HOH 40  2040 2040 HOH HOH A . 
C 3 HOH 41  2041 2041 HOH HOH A . 
C 3 HOH 42  2042 2042 HOH HOH A . 
C 3 HOH 43  2043 2043 HOH HOH A . 
C 3 HOH 44  2044 2044 HOH HOH A . 
C 3 HOH 45  2045 2045 HOH HOH A . 
C 3 HOH 46  2046 2046 HOH HOH A . 
C 3 HOH 47  2047 2047 HOH HOH A . 
C 3 HOH 48  2048 2048 HOH HOH A . 
C 3 HOH 49  2049 2049 HOH HOH A . 
C 3 HOH 50  2050 2050 HOH HOH A . 
C 3 HOH 51  2051 2051 HOH HOH A . 
C 3 HOH 52  2052 2052 HOH HOH A . 
C 3 HOH 53  2053 2053 HOH HOH A . 
C 3 HOH 54  2054 2054 HOH HOH A . 
C 3 HOH 55  2055 2055 HOH HOH A . 
C 3 HOH 56  2056 2056 HOH HOH A . 
C 3 HOH 57  2057 2057 HOH HOH A . 
C 3 HOH 58  2058 2058 HOH HOH A . 
C 3 HOH 59  2059 2059 HOH HOH A . 
C 3 HOH 60  2060 2060 HOH HOH A . 
C 3 HOH 61  2061 2061 HOH HOH A . 
C 3 HOH 62  2062 2062 HOH HOH A . 
C 3 HOH 63  2063 2063 HOH HOH A . 
C 3 HOH 64  2064 2064 HOH HOH A . 
C 3 HOH 65  2065 2065 HOH HOH A . 
C 3 HOH 66  2066 2066 HOH HOH A . 
C 3 HOH 67  2067 2067 HOH HOH A . 
C 3 HOH 68  2068 2068 HOH HOH A . 
C 3 HOH 69  2069 2069 HOH HOH A . 
C 3 HOH 70  2070 2070 HOH HOH A . 
C 3 HOH 71  2071 2071 HOH HOH A . 
C 3 HOH 72  2072 2072 HOH HOH A . 
C 3 HOH 73  2073 2073 HOH HOH A . 
C 3 HOH 74  2074 2074 HOH HOH A . 
C 3 HOH 75  2075 2075 HOH HOH A . 
C 3 HOH 76  2076 2076 HOH HOH A . 
C 3 HOH 77  2077 2077 HOH HOH A . 
C 3 HOH 78  2078 2078 HOH HOH A . 
C 3 HOH 79  2079 2079 HOH HOH A . 
C 3 HOH 80  2080 2080 HOH HOH A . 
C 3 HOH 81  2081 2081 HOH HOH A . 
C 3 HOH 82  2082 2082 HOH HOH A . 
C 3 HOH 83  2083 2083 HOH HOH A . 
C 3 HOH 84  2084 2084 HOH HOH A . 
C 3 HOH 85  2085 2085 HOH HOH A . 
C 3 HOH 86  2086 2086 HOH HOH A . 
C 3 HOH 87  2087 2087 HOH HOH A . 
C 3 HOH 88  2088 2088 HOH HOH A . 
C 3 HOH 89  2089 2089 HOH HOH A . 
C 3 HOH 90  2090 2090 HOH HOH A . 
C 3 HOH 91  2091 2091 HOH HOH A . 
C 3 HOH 92  2092 2092 HOH HOH A . 
C 3 HOH 93  2093 2093 HOH HOH A . 
C 3 HOH 94  2094 2094 HOH HOH A . 
C 3 HOH 95  2095 2095 HOH HOH A . 
C 3 HOH 96  2096 2096 HOH HOH A . 
C 3 HOH 97  2097 2097 HOH HOH A . 
C 3 HOH 98  2098 2098 HOH HOH A . 
C 3 HOH 99  2099 2099 HOH HOH A . 
C 3 HOH 100 2100 2100 HOH HOH A . 
C 3 HOH 101 2101 2101 HOH HOH A . 
C 3 HOH 102 2102 2102 HOH HOH A . 
C 3 HOH 103 2103 2103 HOH HOH A . 
C 3 HOH 104 2104 2104 HOH HOH A . 
C 3 HOH 105 2105 2105 HOH HOH A . 
C 3 HOH 106 2106 2106 HOH HOH A . 
C 3 HOH 107 2107 2107 HOH HOH A . 
C 3 HOH 108 2108 2108 HOH HOH A . 
C 3 HOH 109 2109 2109 HOH HOH A . 
C 3 HOH 110 2110 2110 HOH HOH A . 
C 3 HOH 111 2111 2111 HOH HOH A . 
C 3 HOH 112 2112 2112 HOH HOH A . 
C 3 HOH 113 2113 2113 HOH HOH A . 
C 3 HOH 114 2114 2114 HOH HOH A . 
C 3 HOH 115 2115 2115 HOH HOH A . 
C 3 HOH 116 2116 2116 HOH HOH A . 
C 3 HOH 117 2117 2117 HOH HOH A . 
C 3 HOH 118 2118 2118 HOH HOH A . 
C 3 HOH 119 2119 2119 HOH HOH A . 
C 3 HOH 120 2120 2120 HOH HOH A . 
C 3 HOH 121 2121 2121 HOH HOH A . 
C 3 HOH 122 2122 2122 HOH HOH A . 
C 3 HOH 123 2123 2123 HOH HOH A . 
C 3 HOH 124 2124 2124 HOH HOH A . 
C 3 HOH 125 2125 2125 HOH HOH A . 
C 3 HOH 126 2126 2126 HOH HOH A . 
C 3 HOH 127 2127 2127 HOH HOH A . 
C 3 HOH 128 2128 2128 HOH HOH A . 
C 3 HOH 129 2129 2129 HOH HOH A . 
C 3 HOH 130 2130 2130 HOH HOH A . 
C 3 HOH 131 2131 2131 HOH HOH A . 
C 3 HOH 132 2132 2132 HOH HOH A . 
C 3 HOH 133 2133 2133 HOH HOH A . 
C 3 HOH 134 2134 2134 HOH HOH A . 
C 3 HOH 135 2135 2135 HOH HOH A . 
C 3 HOH 136 2136 2136 HOH HOH A . 
C 3 HOH 137 2137 2137 HOH HOH A . 
C 3 HOH 138 2138 2138 HOH HOH A . 
C 3 HOH 139 2139 2139 HOH HOH A . 
C 3 HOH 140 2140 2140 HOH HOH A . 
C 3 HOH 141 2141 2141 HOH HOH A . 
C 3 HOH 142 2142 2142 HOH HOH A . 
C 3 HOH 143 2143 2143 HOH HOH A . 
C 3 HOH 144 2144 2144 HOH HOH A . 
C 3 HOH 145 2145 2145 HOH HOH A . 
C 3 HOH 146 2146 2146 HOH HOH A . 
C 3 HOH 147 2147 2147 HOH HOH A . 
C 3 HOH 148 2148 2148 HOH HOH A . 
C 3 HOH 149 2149 2149 HOH HOH A . 
C 3 HOH 150 2150 2150 HOH HOH A . 
C 3 HOH 151 2151 2151 HOH HOH A . 
C 3 HOH 152 2152 2152 HOH HOH A . 
C 3 HOH 153 2153 2153 HOH HOH A . 
C 3 HOH 154 2154 2154 HOH HOH A . 
C 3 HOH 155 2155 2155 HOH HOH A . 
C 3 HOH 156 2156 2156 HOH HOH A . 
C 3 HOH 157 2157 2157 HOH HOH A . 
C 3 HOH 158 2158 2158 HOH HOH A . 
C 3 HOH 159 2159 2159 HOH HOH A . 
C 3 HOH 160 2160 2160 HOH HOH A . 
C 3 HOH 161 2161 2161 HOH HOH A . 
C 3 HOH 162 2162 2162 HOH HOH A . 
C 3 HOH 163 2163 2163 HOH HOH A . 
C 3 HOH 164 2164 2164 HOH HOH A . 
C 3 HOH 165 2165 2165 HOH HOH A . 
C 3 HOH 166 2166 2166 HOH HOH A . 
C 3 HOH 167 2167 2167 HOH HOH A . 
C 3 HOH 168 2168 2168 HOH HOH A . 
C 3 HOH 169 2169 2169 HOH HOH A . 
C 3 HOH 170 2170 2170 HOH HOH A . 
C 3 HOH 171 2171 2171 HOH HOH A . 
C 3 HOH 172 2172 2172 HOH HOH A . 
C 3 HOH 173 2173 2173 HOH HOH A . 
C 3 HOH 174 2174 2174 HOH HOH A . 
C 3 HOH 175 2175 2175 HOH HOH A . 
C 3 HOH 176 2176 2176 HOH HOH A . 
C 3 HOH 177 2177 2177 HOH HOH A . 
C 3 HOH 178 2178 2178 HOH HOH A . 
C 3 HOH 179 2179 2179 HOH HOH A . 
C 3 HOH 180 2180 2180 HOH HOH A . 
C 3 HOH 181 2181 2181 HOH HOH A . 
C 3 HOH 182 2182 2182 HOH HOH A . 
C 3 HOH 183 2183 2183 HOH HOH A . 
# 
loop_
_software.name 
_software.classification 
_software.version 
_software.citation_id 
_software.pdbx_ordinal 
BUSTER-TNT refinement       2.5.1 ? 1 
MOSFLM     'data reduction' .     ? 2 
SCALA      'data scaling'   .     ? 3 
# 
_cell.entry_id           4CIK 
_cell.length_a           50.777 
_cell.length_b           57.594 
_cell.length_c           81.414 
_cell.angle_alpha        90.00 
_cell.angle_beta         90.00 
_cell.angle_gamma        90.00 
_cell.Z_PDB              8 
_cell.pdbx_unique_axis   ? 
# 
_symmetry.entry_id                         4CIK 
_symmetry.space_group_name_H-M             'I 21 21 21' 
_symmetry.pdbx_full_space_group_name_H-M   ? 
_symmetry.cell_setting                     ? 
_symmetry.Int_Tables_number                24 
# 
_exptl.entry_id          4CIK 
_exptl.method            'X-RAY DIFFRACTION' 
_exptl.crystals_number   1 
# 
_exptl_crystal.id                    1 
_exptl_crystal.density_meas          ? 
_exptl_crystal.density_Matthews      3.23 
_exptl_crystal.density_percent_sol   62 
_exptl_crystal.description           NONE 
# 
_diffrn.id                     1 
_diffrn.ambient_temp           100 
_diffrn.ambient_temp_details   ? 
_diffrn.crystal_id             1 
# 
_diffrn_detector.diffrn_id              1 
_diffrn_detector.detector               CCD 
_diffrn_detector.type                   'RIGAKU CCD' 
_diffrn_detector.pdbx_collection_date   ? 
_diffrn_detector.details                MIRRORS 
# 
_diffrn_radiation.diffrn_id                        1 
_diffrn_radiation.wavelength_id                    1 
_diffrn_radiation.pdbx_monochromatic_or_laue_m_l   M 
_diffrn_radiation.monochromator                    ? 
_diffrn_radiation.pdbx_diffrn_protocol             'SINGLE WAVELENGTH' 
_diffrn_radiation.pdbx_scattering_type             x-ray 
# 
_diffrn_radiation_wavelength.id           1 
_diffrn_radiation_wavelength.wavelength   1.5418 
_diffrn_radiation_wavelength.wt           1.0 
# 
_diffrn_source.diffrn_id                   1 
_diffrn_source.source                      'ROTATING ANODE' 
_diffrn_source.type                        RIGAKU 
_diffrn_source.pdbx_synchrotron_site       ? 
_diffrn_source.pdbx_synchrotron_beamline   ? 
_diffrn_source.pdbx_wavelength             1.5418 
_diffrn_source.pdbx_wavelength_list        ? 
# 
_reflns.pdbx_diffrn_id               1 
_reflns.pdbx_ordinal                 1 
_reflns.entry_id                     4CIK 
_reflns.observed_criterion_sigma_I   1.0 
_reflns.observed_criterion_sigma_F   ? 
_reflns.d_resolution_low             28.80 
_reflns.d_resolution_high            1.78 
_reflns.number_obs                   11799 
_reflns.number_all                   ? 
_reflns.percent_possible_obs         100.0 
_reflns.pdbx_Rmerge_I_obs            0.07 
_reflns.pdbx_Rsym_value              ? 
_reflns.pdbx_netI_over_sigmaI        22.60 
_reflns.B_iso_Wilson_estimate        14.818 
_reflns.pdbx_redundancy              6.8 
# 
_reflns_shell.pdbx_diffrn_id         1 
_reflns_shell.pdbx_ordinal           1 
_reflns_shell.d_res_high             1.78 
_reflns_shell.d_res_low              1.83 
_reflns_shell.percent_possible_all   99.9 
_reflns_shell.Rmerge_I_obs           0.14 
_reflns_shell.pdbx_Rsym_value        ? 
_reflns_shell.meanI_over_sigI_obs    10.20 
_reflns_shell.pdbx_redundancy        6.4 
# 
_refine.pdbx_refine_id                           'X-RAY DIFFRACTION' 
_refine.entry_id                                 4CIK 
_refine.pdbx_diffrn_id                           1 
_refine.pdbx_TLS_residual_ADP_flag               ? 
_refine.ls_number_reflns_obs                     11798 
_refine.ls_number_reflns_all                     ? 
_refine.pdbx_ls_sigma_I                          ? 
_refine.pdbx_ls_sigma_F                          0.0 
_refine.pdbx_data_cutoff_high_absF               ? 
_refine.pdbx_data_cutoff_low_absF                ? 
_refine.pdbx_data_cutoff_high_rms_absF           ? 
_refine.ls_d_res_low                             47.04 
_refine.ls_d_res_high                            1.78 
_refine.ls_percent_reflns_obs                    99.76 
_refine.ls_R_factor_obs                          0.2529 
_refine.ls_R_factor_all                          ? 
_refine.ls_R_factor_R_work                       0.2509 
_refine.ls_R_factor_R_free                       0.2922 
_refine.ls_R_factor_R_free_error                 ? 
_refine.ls_R_factor_R_free_error_details         ? 
_refine.ls_percent_reflns_R_free                 4.74 
_refine.ls_number_reflns_R_free                  559 
_refine.ls_number_parameters                     ? 
_refine.ls_number_restraints                     ? 
_refine.occupancy_min                            ? 
_refine.occupancy_max                            ? 
_refine.correlation_coeff_Fo_to_Fc               ? 
_refine.correlation_coeff_Fo_to_Fc_free          ? 
_refine.B_iso_mean                               14.32 
_refine.aniso_B[1][1]                            -0.57008850 
_refine.aniso_B[2][2]                            0.32697971 
_refine.aniso_B[3][3]                            0.24310879 
_refine.aniso_B[1][2]                            0.00000000 
_refine.aniso_B[1][3]                            0.00000000 
_refine.aniso_B[2][3]                            0.00000000 
_refine.solvent_model_details                    ? 
_refine.solvent_model_param_ksol                 ? 
_refine.solvent_model_param_bsol                 ? 
_refine.pdbx_solvent_vdw_probe_radii             ? 
_refine.pdbx_solvent_ion_probe_radii             ? 
_refine.pdbx_solvent_shrinkage_radii             ? 
_refine.pdbx_ls_cross_valid_method               THROUGHOUT 
_refine.details                                  ? 
_refine.pdbx_starting_model                      'PDB ENTRY 1CEB' 
_refine.pdbx_method_to_determine_struct          'MOLECULAR REPLACEMENT' 
_refine.pdbx_isotropic_thermal_model             ? 
_refine.pdbx_stereochemistry_target_values       ? 
_refine.pdbx_stereochem_target_val_spec_case     ? 
_refine.pdbx_R_Free_selection_details            RANDOM 
_refine.pdbx_overall_ESU_R                       ? 
_refine.pdbx_overall_ESU_R_Free                  ? 
_refine.overall_SU_ML                            ? 
_refine.pdbx_overall_phase_error                 ? 
_refine.overall_SU_B                             ? 
_refine.overall_SU_R_Cruickshank_DPI             ? 
_refine.pdbx_overall_SU_R_free_Cruickshank_DPI   ? 
_refine.pdbx_overall_SU_R_Blow_DPI               ? 
_refine.pdbx_overall_SU_R_free_Blow_DPI          ? 
# 
_refine_hist.pdbx_refine_id                   'X-RAY DIFFRACTION' 
_refine_hist.cycle_id                         LAST 
_refine_hist.pdbx_number_atoms_protein        647 
_refine_hist.pdbx_number_atoms_nucleic_acid   0 
_refine_hist.pdbx_number_atoms_ligand         19 
_refine_hist.number_atoms_solvent             183 
_refine_hist.number_atoms_total               849 
_refine_hist.d_res_high                       1.78 
_refine_hist.d_res_low                        47.04 
# 
_refine_ls_shell.pdbx_refine_id                   'X-RAY DIFFRACTION' 
_refine_ls_shell.pdbx_total_number_of_bins_used   9 
_refine_ls_shell.d_res_high                       1.78 
_refine_ls_shell.d_res_low                        1.89 
_refine_ls_shell.number_reflns_R_work             1774 
_refine_ls_shell.R_factor_R_work                  0.2821 
_refine_ls_shell.percent_reflns_obs               99.76 
_refine_ls_shell.R_factor_R_free                  0.2819 
_refine_ls_shell.R_factor_R_free_error            ? 
_refine_ls_shell.percent_reflns_R_free            4.88 
_refine_ls_shell.number_reflns_R_free             91 
_refine_ls_shell.number_reflns_all                1865 
_refine_ls_shell.R_factor_all                     0.2821 
# 
_struct.entry_id                  4CIK 
_struct.title                     'plasminogen kringle 1 in complex with inhibitor' 
_struct.pdbx_model_details        ? 
_struct.pdbx_CASP_flag            ? 
_struct.pdbx_model_type_details   ? 
# 
_struct_keywords.entry_id        4CIK 
_struct_keywords.pdbx_keywords   HYDROLASE 
_struct_keywords.text            'HYDROLASE, FIBRINOLYSIS, PLASMINOGEN, PROTEIN-PROTEIN INTERACTION, KRINGLE LIGAND' 
# 
loop_
_struct_asym.id 
_struct_asym.pdbx_blank_PDB_chainid_flag 
_struct_asym.pdbx_modified 
_struct_asym.entity_id 
_struct_asym.details 
A N N 1 ? 
B N N 2 ? 
C N N 3 ? 
# 
_struct_ref.id                         1 
_struct_ref.db_name                    UNP 
_struct_ref.db_code                    PLMN_HUMAN 
_struct_ref.entity_id                  1 
_struct_ref.pdbx_seq_one_letter_code   ? 
_struct_ref.pdbx_align_begin           ? 
_struct_ref.pdbx_db_accession          P00747 
_struct_ref.pdbx_db_isoform            ? 
# 
_struct_ref_seq.align_id                      1 
_struct_ref_seq.ref_id                        1 
_struct_ref_seq.pdbx_PDB_id_code              4CIK 
_struct_ref_seq.pdbx_strand_id                A 
_struct_ref_seq.seq_align_beg                 3 
_struct_ref_seq.pdbx_seq_align_beg_ins_code   ? 
_struct_ref_seq.seq_align_end                 83 
_struct_ref_seq.pdbx_seq_align_end_ins_code   ? 
_struct_ref_seq.pdbx_db_accession             P00747 
_struct_ref_seq.db_align_beg                  101 
_struct_ref_seq.pdbx_db_align_beg_ins_code    ? 
_struct_ref_seq.db_align_end                  181 
_struct_ref_seq.pdbx_db_align_end_ins_code    ? 
_struct_ref_seq.pdbx_auth_seq_align_beg       0 
_struct_ref_seq.pdbx_auth_seq_align_end       80 
# 
loop_
_struct_ref_seq_dif.align_id 
_struct_ref_seq_dif.pdbx_pdb_id_code 
_struct_ref_seq_dif.mon_id 
_struct_ref_seq_dif.pdbx_pdb_strand_id 
_struct_ref_seq_dif.seq_num 
_struct_ref_seq_dif.pdbx_pdb_ins_code 
_struct_ref_seq_dif.pdbx_seq_db_name 
_struct_ref_seq_dif.pdbx_seq_db_accession_code 
_struct_ref_seq_dif.db_mon_id 
_struct_ref_seq_dif.pdbx_seq_db_seq_num 
_struct_ref_seq_dif.details 
_struct_ref_seq_dif.pdbx_auth_seq_num 
_struct_ref_seq_dif.pdbx_ordinal 
1 4CIK LYS A 1 ? UNP P00747 ? ? 'expression tag' -2 1 
1 4CIK ARG A 2 ? UNP P00747 ? ? 'expression tag' -1 2 
# 
_pdbx_struct_assembly.id                   1 
_pdbx_struct_assembly.details              author_and_software_defined_assembly 
_pdbx_struct_assembly.method_details       PISA 
_pdbx_struct_assembly.oligomeric_details   monomeric 
_pdbx_struct_assembly.oligomeric_count     1 
# 
_pdbx_struct_assembly_gen.assembly_id       1 
_pdbx_struct_assembly_gen.oper_expression   1 
_pdbx_struct_assembly_gen.asym_id_list      A,B,C 
# 
_pdbx_struct_oper_list.id                   1 
_pdbx_struct_oper_list.type                 'identity operation' 
_pdbx_struct_oper_list.name                 1_555 
_pdbx_struct_oper_list.symmetry_operation   x,y,z 
_pdbx_struct_oper_list.matrix[1][1]         1.0000000000 
_pdbx_struct_oper_list.matrix[1][2]         0.0000000000 
_pdbx_struct_oper_list.matrix[1][3]         0.0000000000 
_pdbx_struct_oper_list.vector[1]            0.0000000000 
_pdbx_struct_oper_list.matrix[2][1]         0.0000000000 
_pdbx_struct_oper_list.matrix[2][2]         1.0000000000 
_pdbx_struct_oper_list.matrix[2][3]         0.0000000000 
_pdbx_struct_oper_list.vector[2]            0.0000000000 
_pdbx_struct_oper_list.matrix[3][1]         0.0000000000 
_pdbx_struct_oper_list.matrix[3][2]         0.0000000000 
_pdbx_struct_oper_list.matrix[3][3]         1.0000000000 
_pdbx_struct_oper_list.vector[3]            0.0000000000 
# 
_struct_biol.id   1 
# 
loop_
_struct_conn.id 
_struct_conn.conn_type_id 
_struct_conn.pdbx_leaving_atom_flag 
_struct_conn.pdbx_PDB_id 
_struct_conn.ptnr1_label_asym_id 
_struct_conn.ptnr1_label_comp_id 
_struct_conn.ptnr1_label_seq_id 
_struct_conn.ptnr1_label_atom_id 
_struct_conn.pdbx_ptnr1_label_alt_id 
_struct_conn.pdbx_ptnr1_PDB_ins_code 
_struct_conn.pdbx_ptnr1_standard_comp_id 
_struct_conn.ptnr1_symmetry 
_struct_conn.ptnr2_label_asym_id 
_struct_conn.ptnr2_label_comp_id 
_struct_conn.ptnr2_label_seq_id 
_struct_conn.ptnr2_label_atom_id 
_struct_conn.pdbx_ptnr2_label_alt_id 
_struct_conn.pdbx_ptnr2_PDB_ins_code 
_struct_conn.ptnr1_auth_asym_id 
_struct_conn.ptnr1_auth_comp_id 
_struct_conn.ptnr1_auth_seq_id 
_struct_conn.ptnr2_auth_asym_id 
_struct_conn.ptnr2_auth_comp_id 
_struct_conn.ptnr2_auth_seq_id 
_struct_conn.ptnr2_symmetry 
_struct_conn.pdbx_ptnr3_label_atom_id 
_struct_conn.pdbx_ptnr3_label_seq_id 
_struct_conn.pdbx_ptnr3_label_comp_id 
_struct_conn.pdbx_ptnr3_label_asym_id 
_struct_conn.pdbx_ptnr3_label_alt_id 
_struct_conn.pdbx_ptnr3_PDB_ins_code 
_struct_conn.details 
_struct_conn.pdbx_dist_value 
_struct_conn.pdbx_value_order 
_struct_conn.pdbx_role 
disulf1 disulf ? ? A CYS 5  SG ? ? ? 1_555 A CYS 83 SG ? ? A CYS 2  A CYS 80 1_555 ? ? ? ? ? ? ? 2.033 ? ? 
disulf2 disulf ? ? A CYS 26 SG ? ? ? 1_555 A CYS 66 SG ? ? A CYS 23 A CYS 63 1_555 ? ? ? ? ? ? ? 2.031 ? ? 
disulf3 disulf ? ? A CYS 54 SG ? ? ? 1_555 A CYS 78 SG ? ? A CYS 51 A CYS 75 1_555 ? ? ? ? ? ? ? 2.028 ? ? 
# 
_struct_conn_type.id          disulf 
_struct_conn_type.criteria    ? 
_struct_conn_type.reference   ? 
# 
loop_
_pdbx_modification_feature.ordinal 
_pdbx_modification_feature.label_comp_id 
_pdbx_modification_feature.label_asym_id 
_pdbx_modification_feature.label_seq_id 
_pdbx_modification_feature.label_alt_id 
_pdbx_modification_feature.modified_residue_label_comp_id 
_pdbx_modification_feature.modified_residue_label_asym_id 
_pdbx_modification_feature.modified_residue_label_seq_id 
_pdbx_modification_feature.modified_residue_label_alt_id 
_pdbx_modification_feature.auth_comp_id 
_pdbx_modification_feature.auth_asym_id 
_pdbx_modification_feature.auth_seq_id 
_pdbx_modification_feature.PDB_ins_code 
_pdbx_modification_feature.symmetry 
_pdbx_modification_feature.modified_residue_auth_comp_id 
_pdbx_modification_feature.modified_residue_auth_asym_id 
_pdbx_modification_feature.modified_residue_auth_seq_id 
_pdbx_modification_feature.modified_residue_PDB_ins_code 
_pdbx_modification_feature.modified_residue_symmetry 
_pdbx_modification_feature.comp_id_linking_atom 
_pdbx_modification_feature.modified_residue_id_linking_atom 
_pdbx_modification_feature.modified_residue_id 
_pdbx_modification_feature.ref_pcm_id 
_pdbx_modification_feature.ref_comp_id 
_pdbx_modification_feature.type 
_pdbx_modification_feature.category 
1 CYS A 5  ? CYS A 83 ? CYS A 2  ? 1_555 CYS A 80 ? 1_555 SG SG . . . None 'Disulfide bridge' 
2 CYS A 26 ? CYS A 66 ? CYS A 23 ? 1_555 CYS A 63 ? 1_555 SG SG . . . None 'Disulfide bridge' 
3 CYS A 54 ? CYS A 78 ? CYS A 51 ? 1_555 CYS A 75 ? 1_555 SG SG . . . None 'Disulfide bridge' 
# 
_struct_mon_prot_cis.pdbx_id                1 
_struct_mon_prot_cis.label_comp_id          SER 
_struct_mon_prot_cis.label_seq_id           33 
_struct_mon_prot_cis.label_asym_id          A 
_struct_mon_prot_cis.label_alt_id           . 
_struct_mon_prot_cis.pdbx_PDB_ins_code      ? 
_struct_mon_prot_cis.auth_comp_id           SER 
_struct_mon_prot_cis.auth_seq_id            30 
_struct_mon_prot_cis.auth_asym_id           A 
_struct_mon_prot_cis.pdbx_label_comp_id_2   PRO 
_struct_mon_prot_cis.pdbx_label_seq_id_2    34 
_struct_mon_prot_cis.pdbx_label_asym_id_2   A 
_struct_mon_prot_cis.pdbx_PDB_ins_code_2    ? 
_struct_mon_prot_cis.pdbx_auth_comp_id_2    PRO 
_struct_mon_prot_cis.pdbx_auth_seq_id_2     31 
_struct_mon_prot_cis.pdbx_auth_asym_id_2    A 
_struct_mon_prot_cis.pdbx_PDB_model_num     1 
_struct_mon_prot_cis.pdbx_omega_angle       5.61 
# 
_struct_sheet.id               AA 
_struct_sheet.type             ? 
_struct_sheet.number_strands   2 
_struct_sheet.details          ? 
# 
_struct_sheet_order.sheet_id     AA 
_struct_sheet_order.range_id_1   1 
_struct_sheet_order.range_id_2   2 
_struct_sheet_order.offset       ? 
_struct_sheet_order.sense        anti-parallel 
# 
loop_
_struct_sheet_range.sheet_id 
_struct_sheet_range.id 
_struct_sheet_range.beg_label_comp_id 
_struct_sheet_range.beg_label_asym_id 
_struct_sheet_range.beg_label_seq_id 
_struct_sheet_range.pdbx_beg_PDB_ins_code 
_struct_sheet_range.end_label_comp_id 
_struct_sheet_range.end_label_asym_id 
_struct_sheet_range.end_label_seq_id 
_struct_sheet_range.pdbx_end_PDB_ins_code 
_struct_sheet_range.beg_auth_comp_id 
_struct_sheet_range.beg_auth_asym_id 
_struct_sheet_range.beg_auth_seq_id 
_struct_sheet_range.end_auth_comp_id 
_struct_sheet_range.end_auth_asym_id 
_struct_sheet_range.end_auth_seq_id 
AA 1 TRP A 65 ? TYR A 67 ? TRP A 62 TYR A 64 
AA 2 TYR A 75 ? TYR A 77 ? TYR A 72 TYR A 74 
# 
_pdbx_struct_sheet_hbond.sheet_id                AA 
_pdbx_struct_sheet_hbond.range_id_1              1 
_pdbx_struct_sheet_hbond.range_id_2              2 
_pdbx_struct_sheet_hbond.range_1_label_atom_id   N 
_pdbx_struct_sheet_hbond.range_1_label_comp_id   CYS 
_pdbx_struct_sheet_hbond.range_1_label_asym_id   A 
_pdbx_struct_sheet_hbond.range_1_label_seq_id    66 
_pdbx_struct_sheet_hbond.range_1_PDB_ins_code    ? 
_pdbx_struct_sheet_hbond.range_1_auth_atom_id    N 
_pdbx_struct_sheet_hbond.range_1_auth_comp_id    CYS 
_pdbx_struct_sheet_hbond.range_1_auth_asym_id    A 
_pdbx_struct_sheet_hbond.range_1_auth_seq_id     63 
_pdbx_struct_sheet_hbond.range_2_label_atom_id   O 
_pdbx_struct_sheet_hbond.range_2_label_comp_id   ASP 
_pdbx_struct_sheet_hbond.range_2_label_asym_id   A 
_pdbx_struct_sheet_hbond.range_2_label_seq_id    76 
_pdbx_struct_sheet_hbond.range_2_PDB_ins_code    ? 
_pdbx_struct_sheet_hbond.range_2_auth_atom_id    O 
_pdbx_struct_sheet_hbond.range_2_auth_comp_id    ASP 
_pdbx_struct_sheet_hbond.range_2_auth_asym_id    A 
_pdbx_struct_sheet_hbond.range_2_auth_seq_id     73 
# 
_struct_site.id                   AC1 
_struct_site.pdbx_evidence_code   Software 
_struct_site.pdbx_auth_asym_id    A 
_struct_site.pdbx_auth_comp_id    XO3 
_struct_site.pdbx_auth_seq_id     1081 
_struct_site.pdbx_auth_ins_code   ? 
_struct_site.pdbx_num_residues    8 
_struct_site.details              'BINDING SITE FOR RESIDUE XO3 A 1081' 
# 
loop_
_struct_site_gen.id 
_struct_site_gen.site_id 
_struct_site_gen.pdbx_num_res 
_struct_site_gen.label_comp_id 
_struct_site_gen.label_asym_id 
_struct_site_gen.label_seq_id 
_struct_site_gen.pdbx_auth_ins_code 
_struct_site_gen.auth_comp_id 
_struct_site_gen.auth_asym_id 
_struct_site_gen.auth_seq_id 
_struct_site_gen.label_atom_id 
_struct_site_gen.label_alt_id 
_struct_site_gen.symmetry 
_struct_site_gen.details 
1 AC1 8 ARG A 38 ? ARG A 35 . ? 1_555 ? 
2 AC1 8 ARG A 38 ? ARG A 35 . ? 8_555 ? 
3 AC1 8 ASP A 58 ? ASP A 55 . ? 1_555 ? 
4 AC1 8 ASP A 60 ? ASP A 57 . ? 1_555 ? 
5 AC1 8 TRP A 65 ? TRP A 62 . ? 1_555 ? 
6 AC1 8 TYR A 67 ? TYR A 64 . ? 1_555 ? 
7 AC1 8 ARG A 74 ? ARG A 71 . ? 1_555 ? 
8 AC1 8 TYR A 75 ? TYR A 72 . ? 1_555 ? 
# 
_pdbx_entry_details.entry_id                   4CIK 
_pdbx_entry_details.compound_details           ? 
_pdbx_entry_details.source_details             ? 
_pdbx_entry_details.nonpolymer_details         ? 
_pdbx_entry_details.sequence_details           ? 
_pdbx_entry_details.has_ligand_of_interest     ? 
_pdbx_entry_details.has_protein_modification   Y 
# 
_pdbx_validate_close_contact.id               1 
_pdbx_validate_close_contact.PDB_model_num    1 
_pdbx_validate_close_contact.auth_atom_id_1   O 
_pdbx_validate_close_contact.auth_asym_id_1   A 
_pdbx_validate_close_contact.auth_comp_id_1   HOH 
_pdbx_validate_close_contact.auth_seq_id_1    2144 
_pdbx_validate_close_contact.PDB_ins_code_1   ? 
_pdbx_validate_close_contact.label_alt_id_1   ? 
_pdbx_validate_close_contact.auth_atom_id_2   O 
_pdbx_validate_close_contact.auth_asym_id_2   A 
_pdbx_validate_close_contact.auth_comp_id_2   HOH 
_pdbx_validate_close_contact.auth_seq_id_2    2153 
_pdbx_validate_close_contact.PDB_ins_code_2   ? 
_pdbx_validate_close_contact.label_alt_id_2   ? 
_pdbx_validate_close_contact.dist             2.18 
# 
_pdbx_validate_symm_contact.id                1 
_pdbx_validate_symm_contact.PDB_model_num     1 
_pdbx_validate_symm_contact.auth_atom_id_1    O 
_pdbx_validate_symm_contact.auth_asym_id_1    A 
_pdbx_validate_symm_contact.auth_comp_id_1    HOH 
_pdbx_validate_symm_contact.auth_seq_id_1     2010 
_pdbx_validate_symm_contact.PDB_ins_code_1    ? 
_pdbx_validate_symm_contact.label_alt_id_1    ? 
_pdbx_validate_symm_contact.site_symmetry_1   1_555 
_pdbx_validate_symm_contact.auth_atom_id_2    O 
_pdbx_validate_symm_contact.auth_asym_id_2    A 
_pdbx_validate_symm_contact.auth_comp_id_2    HOH 
_pdbx_validate_symm_contact.auth_seq_id_2     2010 
_pdbx_validate_symm_contact.PDB_ins_code_2    ? 
_pdbx_validate_symm_contact.label_alt_id_2    ? 
_pdbx_validate_symm_contact.site_symmetry_2   7_555 
_pdbx_validate_symm_contact.dist              2.03 
# 
loop_
_pdbx_validate_torsion.id 
_pdbx_validate_torsion.PDB_model_num 
_pdbx_validate_torsion.auth_comp_id 
_pdbx_validate_torsion.auth_asym_id 
_pdbx_validate_torsion.auth_seq_id 
_pdbx_validate_torsion.PDB_ins_code 
_pdbx_validate_torsion.label_alt_id 
_pdbx_validate_torsion.phi 
_pdbx_validate_torsion.psi 
1 1 GLU A 1  ? ? -102.56 42.49   
2 1 GLU A 48 ? ? 48.52   -126.52 
# 
loop_
_pdbx_distant_solvent_atoms.id 
_pdbx_distant_solvent_atoms.PDB_model_num 
_pdbx_distant_solvent_atoms.auth_atom_id 
_pdbx_distant_solvent_atoms.label_alt_id 
_pdbx_distant_solvent_atoms.auth_asym_id 
_pdbx_distant_solvent_atoms.auth_comp_id 
_pdbx_distant_solvent_atoms.auth_seq_id 
_pdbx_distant_solvent_atoms.PDB_ins_code 
_pdbx_distant_solvent_atoms.neighbor_macromolecule_distance 
_pdbx_distant_solvent_atoms.neighbor_ligand_distance 
1  1 O ? A HOH 2022 ? 7.65  . 
2  1 O ? A HOH 2025 ? 6.66  . 
3  1 O ? A HOH 2031 ? 6.13  . 
4  1 O ? A HOH 2035 ? 7.21  . 
5  1 O ? A HOH 2043 ? 6.85  . 
6  1 O ? A HOH 2053 ? 6.01  . 
7  1 O ? A HOH 2055 ? 7.10  . 
8  1 O ? A HOH 2060 ? 6.47  . 
9  1 O ? A HOH 2063 ? 6.47  . 
10 1 O ? A HOH 2066 ? 6.38  . 
11 1 O ? A HOH 2067 ? 6.50  . 
12 1 O ? A HOH 2136 ? 7.79  . 
13 1 O ? A HOH 2137 ? 8.28  . 
14 1 O ? A HOH 2138 ? 7.55  . 
15 1 O ? A HOH 2139 ? 9.36  . 
16 1 O ? A HOH 2140 ? 9.38  . 
17 1 O ? A HOH 2141 ? 7.31  . 
18 1 O ? A HOH 2142 ? 9.16  . 
19 1 O ? A HOH 2143 ? 9.20  . 
20 1 O ? A HOH 2144 ? 7.51  . 
21 1 O ? A HOH 2145 ? 8.17  . 
22 1 O ? A HOH 2146 ? 7.10  . 
23 1 O ? A HOH 2147 ? 6.07  . 
24 1 O ? A HOH 2148 ? 8.50  . 
25 1 O ? A HOH 2149 ? 7.79  . 
26 1 O ? A HOH 2150 ? 6.18  . 
27 1 O ? A HOH 2151 ? 7.59  . 
28 1 O ? A HOH 2152 ? 8.83  . 
29 1 O ? A HOH 2153 ? 6.64  . 
30 1 O ? A HOH 2154 ? 8.48  . 
31 1 O ? A HOH 2155 ? 8.92  . 
32 1 O ? A HOH 2156 ? 6.16  . 
33 1 O ? A HOH 2157 ? 8.93  . 
34 1 O ? A HOH 2158 ? 7.73  . 
35 1 O ? A HOH 2159 ? 8.67  . 
36 1 O ? A HOH 2160 ? 8.84  . 
37 1 O ? A HOH 2161 ? 7.42  . 
38 1 O ? A HOH 2162 ? 9.22  . 
39 1 O ? A HOH 2163 ? 9.96  . 
40 1 O ? A HOH 2164 ? 9.12  . 
41 1 O ? A HOH 2165 ? 7.05  . 
42 1 O ? A HOH 2166 ? 8.61  . 
43 1 O ? A HOH 2167 ? 6.41  . 
44 1 O ? A HOH 2168 ? 9.18  . 
45 1 O ? A HOH 2169 ? 6.11  . 
46 1 O ? A HOH 2170 ? 8.74  . 
47 1 O ? A HOH 2171 ? 7.98  . 
48 1 O ? A HOH 2172 ? 8.62  . 
49 1 O ? A HOH 2173 ? 8.93  . 
50 1 O ? A HOH 2174 ? 6.60  . 
51 1 O ? A HOH 2175 ? 8.70  . 
52 1 O ? A HOH 2176 ? 9.93  . 
53 1 O ? A HOH 2177 ? 7.00  . 
54 1 O ? A HOH 2178 ? 7.60  . 
55 1 O ? A HOH 2179 ? 9.67  . 
56 1 O ? A HOH 2180 ? 9.18  . 
57 1 O ? A HOH 2181 ? 13.13 . 
58 1 O ? A HOH 2182 ? 9.95  . 
59 1 O ? A HOH 2183 ? 9.07  . 
# 
loop_
_pdbx_unobs_or_zero_occ_residues.id 
_pdbx_unobs_or_zero_occ_residues.PDB_model_num 
_pdbx_unobs_or_zero_occ_residues.polymer_flag 
_pdbx_unobs_or_zero_occ_residues.occupancy_flag 
_pdbx_unobs_or_zero_occ_residues.auth_asym_id 
_pdbx_unobs_or_zero_occ_residues.auth_comp_id 
_pdbx_unobs_or_zero_occ_residues.auth_seq_id 
_pdbx_unobs_or_zero_occ_residues.PDB_ins_code 
_pdbx_unobs_or_zero_occ_residues.label_asym_id 
_pdbx_unobs_or_zero_occ_residues.label_comp_id 
_pdbx_unobs_or_zero_occ_residues.label_seq_id 
1 1 Y 1 A LYS -2 ? A LYS 1 
2 1 Y 1 A ARG -1 ? A ARG 2 
# 
loop_
_chem_comp_atom.comp_id 
_chem_comp_atom.atom_id 
_chem_comp_atom.type_symbol 
_chem_comp_atom.pdbx_aromatic_flag 
_chem_comp_atom.pdbx_stereo_config 
_chem_comp_atom.pdbx_ordinal 
ALA N    N N N 1   
ALA CA   C N S 2   
ALA C    C N N 3   
ALA O    O N N 4   
ALA CB   C N N 5   
ALA OXT  O N N 6   
ALA H    H N N 7   
ALA H2   H N N 8   
ALA HA   H N N 9   
ALA HB1  H N N 10  
ALA HB2  H N N 11  
ALA HB3  H N N 12  
ALA HXT  H N N 13  
ARG N    N N N 14  
ARG CA   C N S 15  
ARG C    C N N 16  
ARG O    O N N 17  
ARG CB   C N N 18  
ARG CG   C N N 19  
ARG CD   C N N 20  
ARG NE   N N N 21  
ARG CZ   C N N 22  
ARG NH1  N N N 23  
ARG NH2  N N N 24  
ARG OXT  O N N 25  
ARG H    H N N 26  
ARG H2   H N N 27  
ARG HA   H N N 28  
ARG HB2  H N N 29  
ARG HB3  H N N 30  
ARG HG2  H N N 31  
ARG HG3  H N N 32  
ARG HD2  H N N 33  
ARG HD3  H N N 34  
ARG HE   H N N 35  
ARG HH11 H N N 36  
ARG HH12 H N N 37  
ARG HH21 H N N 38  
ARG HH22 H N N 39  
ARG HXT  H N N 40  
ASN N    N N N 41  
ASN CA   C N S 42  
ASN C    C N N 43  
ASN O    O N N 44  
ASN CB   C N N 45  
ASN CG   C N N 46  
ASN OD1  O N N 47  
ASN ND2  N N N 48  
ASN OXT  O N N 49  
ASN H    H N N 50  
ASN H2   H N N 51  
ASN HA   H N N 52  
ASN HB2  H N N 53  
ASN HB3  H N N 54  
ASN HD21 H N N 55  
ASN HD22 H N N 56  
ASN HXT  H N N 57  
ASP N    N N N 58  
ASP CA   C N S 59  
ASP C    C N N 60  
ASP O    O N N 61  
ASP CB   C N N 62  
ASP CG   C N N 63  
ASP OD1  O N N 64  
ASP OD2  O N N 65  
ASP OXT  O N N 66  
ASP H    H N N 67  
ASP H2   H N N 68  
ASP HA   H N N 69  
ASP HB2  H N N 70  
ASP HB3  H N N 71  
ASP HD2  H N N 72  
ASP HXT  H N N 73  
CYS N    N N N 74  
CYS CA   C N R 75  
CYS C    C N N 76  
CYS O    O N N 77  
CYS CB   C N N 78  
CYS SG   S N N 79  
CYS OXT  O N N 80  
CYS H    H N N 81  
CYS H2   H N N 82  
CYS HA   H N N 83  
CYS HB2  H N N 84  
CYS HB3  H N N 85  
CYS HG   H N N 86  
CYS HXT  H N N 87  
GLN N    N N N 88  
GLN CA   C N S 89  
GLN C    C N N 90  
GLN O    O N N 91  
GLN CB   C N N 92  
GLN CG   C N N 93  
GLN CD   C N N 94  
GLN OE1  O N N 95  
GLN NE2  N N N 96  
GLN OXT  O N N 97  
GLN H    H N N 98  
GLN H2   H N N 99  
GLN HA   H N N 100 
GLN HB2  H N N 101 
GLN HB3  H N N 102 
GLN HG2  H N N 103 
GLN HG3  H N N 104 
GLN HE21 H N N 105 
GLN HE22 H N N 106 
GLN HXT  H N N 107 
GLU N    N N N 108 
GLU CA   C N S 109 
GLU C    C N N 110 
GLU O    O N N 111 
GLU CB   C N N 112 
GLU CG   C N N 113 
GLU CD   C N N 114 
GLU OE1  O N N 115 
GLU OE2  O N N 116 
GLU OXT  O N N 117 
GLU H    H N N 118 
GLU H2   H N N 119 
GLU HA   H N N 120 
GLU HB2  H N N 121 
GLU HB3  H N N 122 
GLU HG2  H N N 123 
GLU HG3  H N N 124 
GLU HE2  H N N 125 
GLU HXT  H N N 126 
GLY N    N N N 127 
GLY CA   C N N 128 
GLY C    C N N 129 
GLY O    O N N 130 
GLY OXT  O N N 131 
GLY H    H N N 132 
GLY H2   H N N 133 
GLY HA2  H N N 134 
GLY HA3  H N N 135 
GLY HXT  H N N 136 
HIS N    N N N 137 
HIS CA   C N S 138 
HIS C    C N N 139 
HIS O    O N N 140 
HIS CB   C N N 141 
HIS CG   C Y N 142 
HIS ND1  N Y N 143 
HIS CD2  C Y N 144 
HIS CE1  C Y N 145 
HIS NE2  N Y N 146 
HIS OXT  O N N 147 
HIS H    H N N 148 
HIS H2   H N N 149 
HIS HA   H N N 150 
HIS HB2  H N N 151 
HIS HB3  H N N 152 
HIS HD1  H N N 153 
HIS HD2  H N N 154 
HIS HE1  H N N 155 
HIS HE2  H N N 156 
HIS HXT  H N N 157 
HOH O    O N N 158 
HOH H1   H N N 159 
HOH H2   H N N 160 
ILE N    N N N 161 
ILE CA   C N S 162 
ILE C    C N N 163 
ILE O    O N N 164 
ILE CB   C N S 165 
ILE CG1  C N N 166 
ILE CG2  C N N 167 
ILE CD1  C N N 168 
ILE OXT  O N N 169 
ILE H    H N N 170 
ILE H2   H N N 171 
ILE HA   H N N 172 
ILE HB   H N N 173 
ILE HG12 H N N 174 
ILE HG13 H N N 175 
ILE HG21 H N N 176 
ILE HG22 H N N 177 
ILE HG23 H N N 178 
ILE HD11 H N N 179 
ILE HD12 H N N 180 
ILE HD13 H N N 181 
ILE HXT  H N N 182 
LEU N    N N N 183 
LEU CA   C N S 184 
LEU C    C N N 185 
LEU O    O N N 186 
LEU CB   C N N 187 
LEU CG   C N N 188 
LEU CD1  C N N 189 
LEU CD2  C N N 190 
LEU OXT  O N N 191 
LEU H    H N N 192 
LEU H2   H N N 193 
LEU HA   H N N 194 
LEU HB2  H N N 195 
LEU HB3  H N N 196 
LEU HG   H N N 197 
LEU HD11 H N N 198 
LEU HD12 H N N 199 
LEU HD13 H N N 200 
LEU HD21 H N N 201 
LEU HD22 H N N 202 
LEU HD23 H N N 203 
LEU HXT  H N N 204 
LYS N    N N N 205 
LYS CA   C N S 206 
LYS C    C N N 207 
LYS O    O N N 208 
LYS CB   C N N 209 
LYS CG   C N N 210 
LYS CD   C N N 211 
LYS CE   C N N 212 
LYS NZ   N N N 213 
LYS OXT  O N N 214 
LYS H    H N N 215 
LYS H2   H N N 216 
LYS HA   H N N 217 
LYS HB2  H N N 218 
LYS HB3  H N N 219 
LYS HG2  H N N 220 
LYS HG3  H N N 221 
LYS HD2  H N N 222 
LYS HD3  H N N 223 
LYS HE2  H N N 224 
LYS HE3  H N N 225 
LYS HZ1  H N N 226 
LYS HZ2  H N N 227 
LYS HZ3  H N N 228 
LYS HXT  H N N 229 
MET N    N N N 230 
MET CA   C N S 231 
MET C    C N N 232 
MET O    O N N 233 
MET CB   C N N 234 
MET CG   C N N 235 
MET SD   S N N 236 
MET CE   C N N 237 
MET OXT  O N N 238 
MET H    H N N 239 
MET H2   H N N 240 
MET HA   H N N 241 
MET HB2  H N N 242 
MET HB3  H N N 243 
MET HG2  H N N 244 
MET HG3  H N N 245 
MET HE1  H N N 246 
MET HE2  H N N 247 
MET HE3  H N N 248 
MET HXT  H N N 249 
PHE N    N N N 250 
PHE CA   C N S 251 
PHE C    C N N 252 
PHE O    O N N 253 
PHE CB   C N N 254 
PHE CG   C Y N 255 
PHE CD1  C Y N 256 
PHE CD2  C Y N 257 
PHE CE1  C Y N 258 
PHE CE2  C Y N 259 
PHE CZ   C Y N 260 
PHE OXT  O N N 261 
PHE H    H N N 262 
PHE H2   H N N 263 
PHE HA   H N N 264 
PHE HB2  H N N 265 
PHE HB3  H N N 266 
PHE HD1  H N N 267 
PHE HD2  H N N 268 
PHE HE1  H N N 269 
PHE HE2  H N N 270 
PHE HZ   H N N 271 
PHE HXT  H N N 272 
PRO N    N N N 273 
PRO CA   C N S 274 
PRO C    C N N 275 
PRO O    O N N 276 
PRO CB   C N N 277 
PRO CG   C N N 278 
PRO CD   C N N 279 
PRO OXT  O N N 280 
PRO H    H N N 281 
PRO HA   H N N 282 
PRO HB2  H N N 283 
PRO HB3  H N N 284 
PRO HG2  H N N 285 
PRO HG3  H N N 286 
PRO HD2  H N N 287 
PRO HD3  H N N 288 
PRO HXT  H N N 289 
SER N    N N N 290 
SER CA   C N S 291 
SER C    C N N 292 
SER O    O N N 293 
SER CB   C N N 294 
SER OG   O N N 295 
SER OXT  O N N 296 
SER H    H N N 297 
SER H2   H N N 298 
SER HA   H N N 299 
SER HB2  H N N 300 
SER HB3  H N N 301 
SER HG   H N N 302 
SER HXT  H N N 303 
THR N    N N N 304 
THR CA   C N S 305 
THR C    C N N 306 
THR O    O N N 307 
THR CB   C N R 308 
THR OG1  O N N 309 
THR CG2  C N N 310 
THR OXT  O N N 311 
THR H    H N N 312 
THR H2   H N N 313 
THR HA   H N N 314 
THR HB   H N N 315 
THR HG1  H N N 316 
THR HG21 H N N 317 
THR HG22 H N N 318 
THR HG23 H N N 319 
THR HXT  H N N 320 
TRP N    N N N 321 
TRP CA   C N S 322 
TRP C    C N N 323 
TRP O    O N N 324 
TRP CB   C N N 325 
TRP CG   C Y N 326 
TRP CD1  C Y N 327 
TRP CD2  C Y N 328 
TRP NE1  N Y N 329 
TRP CE2  C Y N 330 
TRP CE3  C Y N 331 
TRP CZ2  C Y N 332 
TRP CZ3  C Y N 333 
TRP CH2  C Y N 334 
TRP OXT  O N N 335 
TRP H    H N N 336 
TRP H2   H N N 337 
TRP HA   H N N 338 
TRP HB2  H N N 339 
TRP HB3  H N N 340 
TRP HD1  H N N 341 
TRP HE1  H N N 342 
TRP HE3  H N N 343 
TRP HZ2  H N N 344 
TRP HZ3  H N N 345 
TRP HH2  H N N 346 
TRP HXT  H N N 347 
TYR N    N N N 348 
TYR CA   C N S 349 
TYR C    C N N 350 
TYR O    O N N 351 
TYR CB   C N N 352 
TYR CG   C Y N 353 
TYR CD1  C Y N 354 
TYR CD2  C Y N 355 
TYR CE1  C Y N 356 
TYR CE2  C Y N 357 
TYR CZ   C Y N 358 
TYR OH   O N N 359 
TYR OXT  O N N 360 
TYR H    H N N 361 
TYR H2   H N N 362 
TYR HA   H N N 363 
TYR HB2  H N N 364 
TYR HB3  H N N 365 
TYR HD1  H N N 366 
TYR HD2  H N N 367 
TYR HE1  H N N 368 
TYR HE2  H N N 369 
TYR HH   H N N 370 
TYR HXT  H N N 371 
XO3 C1   C N N 372 
XO3 C2   C N N 373 
XO3 N3   N N N 374 
XO3 C4   C N R 375 
XO3 C5   C N N 376 
XO3 C6   C N S 377 
XO3 C7   C N N 378 
XO3 O8   O N N 379 
XO3 N9   N N N 380 
XO3 C10  C N N 381 
XO3 C11  C N N 382 
XO3 O12  O N N 383 
XO3 C13  C N N 384 
XO3 C14  C Y N 385 
XO3 C15  C Y N 386 
XO3 C16  C Y N 387 
XO3 C17  C Y N 388 
XO3 C18  C Y N 389 
XO3 C19  C Y N 390 
XO3 H11C H N N 391 
XO3 H12C H N N 392 
XO3 H21C H N N 393 
XO3 H22C H N N 394 
XO3 H6   H N N 395 
XO3 H3   H N N 396 
XO3 H4   H N N 397 
XO3 H51C H N N 398 
XO3 H52C H N N 399 
XO3 H131 H N N 400 
XO3 H132 H N N 401 
XO3 H11  H N N 402 
XO3 H9   H N N 403 
XO3 H15  H N N 404 
XO3 H19  H N N 405 
XO3 H16  H N N 406 
XO3 H17  H N N 407 
XO3 H18  H N N 408 
# 
loop_
_chem_comp_bond.comp_id 
_chem_comp_bond.atom_id_1 
_chem_comp_bond.atom_id_2 
_chem_comp_bond.value_order 
_chem_comp_bond.pdbx_aromatic_flag 
_chem_comp_bond.pdbx_stereo_config 
_chem_comp_bond.pdbx_ordinal 
ALA N   CA   sing N N 1   
ALA N   H    sing N N 2   
ALA N   H2   sing N N 3   
ALA CA  C    sing N N 4   
ALA CA  CB   sing N N 5   
ALA CA  HA   sing N N 6   
ALA C   O    doub N N 7   
ALA C   OXT  sing N N 8   
ALA CB  HB1  sing N N 9   
ALA CB  HB2  sing N N 10  
ALA CB  HB3  sing N N 11  
ALA OXT HXT  sing N N 12  
ARG N   CA   sing N N 13  
ARG N   H    sing N N 14  
ARG N   H2   sing N N 15  
ARG CA  C    sing N N 16  
ARG CA  CB   sing N N 17  
ARG CA  HA   sing N N 18  
ARG C   O    doub N N 19  
ARG C   OXT  sing N N 20  
ARG CB  CG   sing N N 21  
ARG CB  HB2  sing N N 22  
ARG CB  HB3  sing N N 23  
ARG CG  CD   sing N N 24  
ARG CG  HG2  sing N N 25  
ARG CG  HG3  sing N N 26  
ARG CD  NE   sing N N 27  
ARG CD  HD2  sing N N 28  
ARG CD  HD3  sing N N 29  
ARG NE  CZ   sing N N 30  
ARG NE  HE   sing N N 31  
ARG CZ  NH1  sing N N 32  
ARG CZ  NH2  doub N N 33  
ARG NH1 HH11 sing N N 34  
ARG NH1 HH12 sing N N 35  
ARG NH2 HH21 sing N N 36  
ARG NH2 HH22 sing N N 37  
ARG OXT HXT  sing N N 38  
ASN N   CA   sing N N 39  
ASN N   H    sing N N 40  
ASN N   H2   sing N N 41  
ASN CA  C    sing N N 42  
ASN CA  CB   sing N N 43  
ASN CA  HA   sing N N 44  
ASN C   O    doub N N 45  
ASN C   OXT  sing N N 46  
ASN CB  CG   sing N N 47  
ASN CB  HB2  sing N N 48  
ASN CB  HB3  sing N N 49  
ASN CG  OD1  doub N N 50  
ASN CG  ND2  sing N N 51  
ASN ND2 HD21 sing N N 52  
ASN ND2 HD22 sing N N 53  
ASN OXT HXT  sing N N 54  
ASP N   CA   sing N N 55  
ASP N   H    sing N N 56  
ASP N   H2   sing N N 57  
ASP CA  C    sing N N 58  
ASP CA  CB   sing N N 59  
ASP CA  HA   sing N N 60  
ASP C   O    doub N N 61  
ASP C   OXT  sing N N 62  
ASP CB  CG   sing N N 63  
ASP CB  HB2  sing N N 64  
ASP CB  HB3  sing N N 65  
ASP CG  OD1  doub N N 66  
ASP CG  OD2  sing N N 67  
ASP OD2 HD2  sing N N 68  
ASP OXT HXT  sing N N 69  
CYS N   CA   sing N N 70  
CYS N   H    sing N N 71  
CYS N   H2   sing N N 72  
CYS CA  C    sing N N 73  
CYS CA  CB   sing N N 74  
CYS CA  HA   sing N N 75  
CYS C   O    doub N N 76  
CYS C   OXT  sing N N 77  
CYS CB  SG   sing N N 78  
CYS CB  HB2  sing N N 79  
CYS CB  HB3  sing N N 80  
CYS SG  HG   sing N N 81  
CYS OXT HXT  sing N N 82  
GLN N   CA   sing N N 83  
GLN N   H    sing N N 84  
GLN N   H2   sing N N 85  
GLN CA  C    sing N N 86  
GLN CA  CB   sing N N 87  
GLN CA  HA   sing N N 88  
GLN C   O    doub N N 89  
GLN C   OXT  sing N N 90  
GLN CB  CG   sing N N 91  
GLN CB  HB2  sing N N 92  
GLN CB  HB3  sing N N 93  
GLN CG  CD   sing N N 94  
GLN CG  HG2  sing N N 95  
GLN CG  HG3  sing N N 96  
GLN CD  OE1  doub N N 97  
GLN CD  NE2  sing N N 98  
GLN NE2 HE21 sing N N 99  
GLN NE2 HE22 sing N N 100 
GLN OXT HXT  sing N N 101 
GLU N   CA   sing N N 102 
GLU N   H    sing N N 103 
GLU N   H2   sing N N 104 
GLU CA  C    sing N N 105 
GLU CA  CB   sing N N 106 
GLU CA  HA   sing N N 107 
GLU C   O    doub N N 108 
GLU C   OXT  sing N N 109 
GLU CB  CG   sing N N 110 
GLU CB  HB2  sing N N 111 
GLU CB  HB3  sing N N 112 
GLU CG  CD   sing N N 113 
GLU CG  HG2  sing N N 114 
GLU CG  HG3  sing N N 115 
GLU CD  OE1  doub N N 116 
GLU CD  OE2  sing N N 117 
GLU OE2 HE2  sing N N 118 
GLU OXT HXT  sing N N 119 
GLY N   CA   sing N N 120 
GLY N   H    sing N N 121 
GLY N   H2   sing N N 122 
GLY CA  C    sing N N 123 
GLY CA  HA2  sing N N 124 
GLY CA  HA3  sing N N 125 
GLY C   O    doub N N 126 
GLY C   OXT  sing N N 127 
GLY OXT HXT  sing N N 128 
HIS N   CA   sing N N 129 
HIS N   H    sing N N 130 
HIS N   H2   sing N N 131 
HIS CA  C    sing N N 132 
HIS CA  CB   sing N N 133 
HIS CA  HA   sing N N 134 
HIS C   O    doub N N 135 
HIS C   OXT  sing N N 136 
HIS CB  CG   sing N N 137 
HIS CB  HB2  sing N N 138 
HIS CB  HB3  sing N N 139 
HIS CG  ND1  sing Y N 140 
HIS CG  CD2  doub Y N 141 
HIS ND1 CE1  doub Y N 142 
HIS ND1 HD1  sing N N 143 
HIS CD2 NE2  sing Y N 144 
HIS CD2 HD2  sing N N 145 
HIS CE1 NE2  sing Y N 146 
HIS CE1 HE1  sing N N 147 
HIS NE2 HE2  sing N N 148 
HIS OXT HXT  sing N N 149 
HOH O   H1   sing N N 150 
HOH O   H2   sing N N 151 
ILE N   CA   sing N N 152 
ILE N   H    sing N N 153 
ILE N   H2   sing N N 154 
ILE CA  C    sing N N 155 
ILE CA  CB   sing N N 156 
ILE CA  HA   sing N N 157 
ILE C   O    doub N N 158 
ILE C   OXT  sing N N 159 
ILE CB  CG1  sing N N 160 
ILE CB  CG2  sing N N 161 
ILE CB  HB   sing N N 162 
ILE CG1 CD1  sing N N 163 
ILE CG1 HG12 sing N N 164 
ILE CG1 HG13 sing N N 165 
ILE CG2 HG21 sing N N 166 
ILE CG2 HG22 sing N N 167 
ILE CG2 HG23 sing N N 168 
ILE CD1 HD11 sing N N 169 
ILE CD1 HD12 sing N N 170 
ILE CD1 HD13 sing N N 171 
ILE OXT HXT  sing N N 172 
LEU N   CA   sing N N 173 
LEU N   H    sing N N 174 
LEU N   H2   sing N N 175 
LEU CA  C    sing N N 176 
LEU CA  CB   sing N N 177 
LEU CA  HA   sing N N 178 
LEU C   O    doub N N 179 
LEU C   OXT  sing N N 180 
LEU CB  CG   sing N N 181 
LEU CB  HB2  sing N N 182 
LEU CB  HB3  sing N N 183 
LEU CG  CD1  sing N N 184 
LEU CG  CD2  sing N N 185 
LEU CG  HG   sing N N 186 
LEU CD1 HD11 sing N N 187 
LEU CD1 HD12 sing N N 188 
LEU CD1 HD13 sing N N 189 
LEU CD2 HD21 sing N N 190 
LEU CD2 HD22 sing N N 191 
LEU CD2 HD23 sing N N 192 
LEU OXT HXT  sing N N 193 
LYS N   CA   sing N N 194 
LYS N   H    sing N N 195 
LYS N   H2   sing N N 196 
LYS CA  C    sing N N 197 
LYS CA  CB   sing N N 198 
LYS CA  HA   sing N N 199 
LYS C   O    doub N N 200 
LYS C   OXT  sing N N 201 
LYS CB  CG   sing N N 202 
LYS CB  HB2  sing N N 203 
LYS CB  HB3  sing N N 204 
LYS CG  CD   sing N N 205 
LYS CG  HG2  sing N N 206 
LYS CG  HG3  sing N N 207 
LYS CD  CE   sing N N 208 
LYS CD  HD2  sing N N 209 
LYS CD  HD3  sing N N 210 
LYS CE  NZ   sing N N 211 
LYS CE  HE2  sing N N 212 
LYS CE  HE3  sing N N 213 
LYS NZ  HZ1  sing N N 214 
LYS NZ  HZ2  sing N N 215 
LYS NZ  HZ3  sing N N 216 
LYS OXT HXT  sing N N 217 
MET N   CA   sing N N 218 
MET N   H    sing N N 219 
MET N   H2   sing N N 220 
MET CA  C    sing N N 221 
MET CA  CB   sing N N 222 
MET CA  HA   sing N N 223 
MET C   O    doub N N 224 
MET C   OXT  sing N N 225 
MET CB  CG   sing N N 226 
MET CB  HB2  sing N N 227 
MET CB  HB3  sing N N 228 
MET CG  SD   sing N N 229 
MET CG  HG2  sing N N 230 
MET CG  HG3  sing N N 231 
MET SD  CE   sing N N 232 
MET CE  HE1  sing N N 233 
MET CE  HE2  sing N N 234 
MET CE  HE3  sing N N 235 
MET OXT HXT  sing N N 236 
PHE N   CA   sing N N 237 
PHE N   H    sing N N 238 
PHE N   H2   sing N N 239 
PHE CA  C    sing N N 240 
PHE CA  CB   sing N N 241 
PHE CA  HA   sing N N 242 
PHE C   O    doub N N 243 
PHE C   OXT  sing N N 244 
PHE CB  CG   sing N N 245 
PHE CB  HB2  sing N N 246 
PHE CB  HB3  sing N N 247 
PHE CG  CD1  doub Y N 248 
PHE CG  CD2  sing Y N 249 
PHE CD1 CE1  sing Y N 250 
PHE CD1 HD1  sing N N 251 
PHE CD2 CE2  doub Y N 252 
PHE CD2 HD2  sing N N 253 
PHE CE1 CZ   doub Y N 254 
PHE CE1 HE1  sing N N 255 
PHE CE2 CZ   sing Y N 256 
PHE CE2 HE2  sing N N 257 
PHE CZ  HZ   sing N N 258 
PHE OXT HXT  sing N N 259 
PRO N   CA   sing N N 260 
PRO N   CD   sing N N 261 
PRO N   H    sing N N 262 
PRO CA  C    sing N N 263 
PRO CA  CB   sing N N 264 
PRO CA  HA   sing N N 265 
PRO C   O    doub N N 266 
PRO C   OXT  sing N N 267 
PRO CB  CG   sing N N 268 
PRO CB  HB2  sing N N 269 
PRO CB  HB3  sing N N 270 
PRO CG  CD   sing N N 271 
PRO CG  HG2  sing N N 272 
PRO CG  HG3  sing N N 273 
PRO CD  HD2  sing N N 274 
PRO CD  HD3  sing N N 275 
PRO OXT HXT  sing N N 276 
SER N   CA   sing N N 277 
SER N   H    sing N N 278 
SER N   H2   sing N N 279 
SER CA  C    sing N N 280 
SER CA  CB   sing N N 281 
SER CA  HA   sing N N 282 
SER C   O    doub N N 283 
SER C   OXT  sing N N 284 
SER CB  OG   sing N N 285 
SER CB  HB2  sing N N 286 
SER CB  HB3  sing N N 287 
SER OG  HG   sing N N 288 
SER OXT HXT  sing N N 289 
THR N   CA   sing N N 290 
THR N   H    sing N N 291 
THR N   H2   sing N N 292 
THR CA  C    sing N N 293 
THR CA  CB   sing N N 294 
THR CA  HA   sing N N 295 
THR C   O    doub N N 296 
THR C   OXT  sing N N 297 
THR CB  OG1  sing N N 298 
THR CB  CG2  sing N N 299 
THR CB  HB   sing N N 300 
THR OG1 HG1  sing N N 301 
THR CG2 HG21 sing N N 302 
THR CG2 HG22 sing N N 303 
THR CG2 HG23 sing N N 304 
THR OXT HXT  sing N N 305 
TRP N   CA   sing N N 306 
TRP N   H    sing N N 307 
TRP N   H2   sing N N 308 
TRP CA  C    sing N N 309 
TRP CA  CB   sing N N 310 
TRP CA  HA   sing N N 311 
TRP C   O    doub N N 312 
TRP C   OXT  sing N N 313 
TRP CB  CG   sing N N 314 
TRP CB  HB2  sing N N 315 
TRP CB  HB3  sing N N 316 
TRP CG  CD1  doub Y N 317 
TRP CG  CD2  sing Y N 318 
TRP CD1 NE1  sing Y N 319 
TRP CD1 HD1  sing N N 320 
TRP CD2 CE2  doub Y N 321 
TRP CD2 CE3  sing Y N 322 
TRP NE1 CE2  sing Y N 323 
TRP NE1 HE1  sing N N 324 
TRP CE2 CZ2  sing Y N 325 
TRP CE3 CZ3  doub Y N 326 
TRP CE3 HE3  sing N N 327 
TRP CZ2 CH2  doub Y N 328 
TRP CZ2 HZ2  sing N N 329 
TRP CZ3 CH2  sing Y N 330 
TRP CZ3 HZ3  sing N N 331 
TRP CH2 HH2  sing N N 332 
TRP OXT HXT  sing N N 333 
TYR N   CA   sing N N 334 
TYR N   H    sing N N 335 
TYR N   H2   sing N N 336 
TYR CA  C    sing N N 337 
TYR CA  CB   sing N N 338 
TYR CA  HA   sing N N 339 
TYR C   O    doub N N 340 
TYR C   OXT  sing N N 341 
TYR CB  CG   sing N N 342 
TYR CB  HB2  sing N N 343 
TYR CB  HB3  sing N N 344 
TYR CG  CD1  doub Y N 345 
TYR CG  CD2  sing Y N 346 
TYR CD1 CE1  sing Y N 347 
TYR CD1 HD1  sing N N 348 
TYR CD2 CE2  doub Y N 349 
TYR CD2 HD2  sing N N 350 
TYR CE1 CZ   doub Y N 351 
TYR CE1 HE1  sing N N 352 
TYR CE2 CZ   sing Y N 353 
TYR CE2 HE2  sing N N 354 
TYR CZ  OH   sing N N 355 
TYR OH  HH   sing N N 356 
TYR OXT HXT  sing N N 357 
XO3 C1  C2   sing N N 358 
XO3 C1  C6   sing N N 359 
XO3 C2  N3   sing N N 360 
XO3 N3  C4   sing N N 361 
XO3 C4  C5   sing N N 362 
XO3 C4  C13  sing N N 363 
XO3 C5  C6   sing N N 364 
XO3 C6  C7   sing N N 365 
XO3 C7  O8   sing N N 366 
XO3 C7  C11  doub N N 367 
XO3 O8  N9   sing N N 368 
XO3 N9  C10  sing N N 369 
XO3 C10 C11  sing N N 370 
XO3 C10 O12  doub N N 371 
XO3 C13 C14  sing N N 372 
XO3 C14 C15  sing Y N 373 
XO3 C14 C19  doub Y N 374 
XO3 C15 C16  doub Y N 375 
XO3 C16 C17  sing Y N 376 
XO3 C17 C18  doub Y N 377 
XO3 C18 C19  sing Y N 378 
XO3 C1  H11C sing N N 379 
XO3 C1  H12C sing N N 380 
XO3 C2  H21C sing N N 381 
XO3 C2  H22C sing N N 382 
XO3 C6  H6   sing N N 383 
XO3 N3  H3   sing N N 384 
XO3 C4  H4   sing N N 385 
XO3 C5  H51C sing N N 386 
XO3 C5  H52C sing N N 387 
XO3 C13 H131 sing N N 388 
XO3 C13 H132 sing N N 389 
XO3 C11 H11  sing N N 390 
XO3 N9  H9   sing N N 391 
XO3 C15 H15  sing N N 392 
XO3 C19 H19  sing N N 393 
XO3 C16 H16  sing N N 394 
XO3 C17 H17  sing N N 395 
XO3 C18 H18  sing N N 396 
# 
_pdbx_initial_refinement_model.id               1 
_pdbx_initial_refinement_model.entity_id_list   ? 
_pdbx_initial_refinement_model.type             'experimental model' 
_pdbx_initial_refinement_model.source_name      PDB 
_pdbx_initial_refinement_model.accession_code   1CEB 
_pdbx_initial_refinement_model.details          'PDB ENTRY 1CEB' 
# 
_atom_sites.entry_id                    4CIK 
_atom_sites.fract_transf_matrix[1][1]   -0.00318214 
_atom_sites.fract_transf_matrix[1][2]   -0.01355734 
_atom_sites.fract_transf_matrix[1][3]   0.01392574 
_atom_sites.fract_transf_matrix[2][1]   0.01538692 
_atom_sites.fract_transf_matrix[2][2]   -0.00723160 
_atom_sites.fract_transf_matrix[2][3]   -0.00352426 
_atom_sites.fract_transf_matrix[3][1]   0.00533370 
_atom_sites.fract_transf_matrix[3][2]   0.00729406 
_atom_sites.fract_transf_matrix[3][3]   0.00831989 
_atom_sites.fract_transf_vector[1]      -0.013515 
_atom_sites.fract_transf_vector[2]      0.001014 
_atom_sites.fract_transf_vector[3]      0.101066 
# 
loop_
_atom_type.symbol 
C 
N 
O 
S 
# 
loop_
_atom_site.group_PDB 
_atom_site.id 
_atom_site.type_symbol 
_atom_site.label_atom_id 
_atom_site.label_alt_id 
_atom_site.label_comp_id 
_atom_site.label_asym_id 
_atom_site.label_entity_id 
_atom_site.label_seq_id 
_atom_site.pdbx_PDB_ins_code 
_atom_site.Cartn_x 
_atom_site.Cartn_y 
_atom_site.Cartn_z 
_atom_site.occupancy 
_atom_site.B_iso_or_equiv 
_atom_site.pdbx_formal_charge 
_atom_site.auth_seq_id 
_atom_site.auth_comp_id 
_atom_site.auth_asym_id 
_atom_site.auth_atom_id 
_atom_site.pdbx_PDB_model_num 
ATOM   1   N N   . SER A 1 3  ? -8.486  -9.220  7.331   1.00 23.42 ? 0    SER A N   1 
ATOM   2   C CA  . SER A 1 3  ? -9.831  -8.722  7.041   1.00 22.52 ? 0    SER A CA  1 
ATOM   3   C C   . SER A 1 3  ? -9.808  -7.882  5.779   1.00 22.67 ? 0    SER A C   1 
ATOM   4   O O   . SER A 1 3  ? -8.792  -7.276  5.457   1.00 23.00 ? 0    SER A O   1 
ATOM   5   C CB  . SER A 1 3  ? -10.318 -7.837  8.187   1.00 26.72 ? 0    SER A CB  1 
ATOM   6   O OG  . SER A 1 3  ? -11.042 -8.581  9.143   1.00 40.95 ? 0    SER A OG  1 
ATOM   7   N N   . GLU A 1 4  ? -10.957 -7.777  5.120   1.00 16.46 ? 1    GLU A N   1 
ATOM   8   C CA  . GLU A 1 4  ? -11.081 -6.964  3.928   1.00 13.97 ? 1    GLU A CA  1 
ATOM   9   C C   . GLU A 1 4  ? -11.775 -5.674  4.307   1.00 14.89 ? 1    GLU A C   1 
ATOM   10  O O   . GLU A 1 4  ? -12.696 -5.225  3.639   1.00 15.90 ? 1    GLU A O   1 
ATOM   11  C CB  . GLU A 1 4  ? -11.852 -7.699  2.841   1.00 15.16 ? 1    GLU A CB  1 
ATOM   12  C CG  . GLU A 1 4  ? -11.149 -8.945  2.305   1.00 17.81 ? 1    GLU A CG  1 
ATOM   13  C CD  . GLU A 1 4  ? -9.929  -8.625  1.459   1.00 22.25 ? 1    GLU A CD  1 
ATOM   14  O OE1 . GLU A 1 4  ? -9.675  -7.438  1.208   1.00 11.72 ? 1    GLU A OE1 1 
ATOM   15  O OE2 . GLU A 1 4  ? -9.218  -9.563  1.043   1.00 19.44 ? 1    GLU A OE2 1 
ATOM   16  N N   . CYS A 1 5  ? -11.368 -5.129  5.446   1.00 8.65  ? 2    CYS A N   1 
ATOM   17  C CA  . CYS A 1 5  ? -11.857 -3.840  5.910   1.00 9.42  ? 2    CYS A CA  1 
ATOM   18  C C   . CYS A 1 5  ? -10.788 -3.287  6.864   1.00 12.29 ? 2    CYS A C   1 
ATOM   19  O O   . CYS A 1 5  ? -9.868  -4.009  7.272   1.00 9.60  ? 2    CYS A O   1 
ATOM   20  C CB  . CYS A 1 5  ? -13.212 -3.962  6.590   1.00 9.95  ? 2    CYS A CB  1 
ATOM   21  S SG  . CYS A 1 5  ? -13.179 -4.938  8.080   1.00 14.85 ? 2    CYS A SG  1 
ATOM   22  N N   . LYS A 1 6  ? -10.860 -1.992  7.140   1.00 8.75  ? 3    LYS A N   1 
ATOM   23  C CA  . LYS A 1 6  ? -9.872  -1.351  8.013   1.00 8.20  ? 3    LYS A CA  1 
ATOM   24  C C   . LYS A 1 6  ? -10.500 -0.617  9.189   1.00 11.26 ? 3    LYS A C   1 
ATOM   25  O O   . LYS A 1 6  ? -11.667 -0.238  9.163   1.00 11.41 ? 3    LYS A O   1 
ATOM   26  C CB  . LYS A 1 6  ? -9.038  -0.366  7.211   1.00 10.87 ? 3    LYS A CB  1 
ATOM   27  C CG  . LYS A 1 6  ? -9.814  0.829   6.721   1.00 15.11 ? 3    LYS A CG  1 
ATOM   28  C CD  . LYS A 1 6  ? -8.877  1.901   6.218   1.00 16.19 ? 3    LYS A CD  1 
ATOM   29  C CE  . LYS A 1 6  ? -9.635  2.949   5.435   1.00 24.37 ? 3    LYS A CE  1 
ATOM   30  N NZ  . LYS A 1 6  ? -9.278  4.313   5.915   1.00 44.81 ? 3    LYS A NZ  1 
ATOM   31  N N   . THR A 1 7  ? -9.697  -0.393  10.215  1.00 10.13 ? 4    THR A N   1 
ATOM   32  C CA  . THR A 1 7  ? -10.116 0.414   11.351  1.00 10.12 ? 4    THR A CA  1 
ATOM   33  C C   . THR A 1 7  ? -9.153  1.590   11.430  1.00 14.34 ? 4    THR A C   1 
ATOM   34  O O   . THR A 1 7  ? -7.962  1.429   11.205  1.00 11.35 ? 4    THR A O   1 
ATOM   35  C CB  . THR A 1 7  ? -10.177 -0.363  12.705  1.00 18.71 ? 4    THR A CB  1 
ATOM   36  O OG1 . THR A 1 7  ? -8.922  -1.016  12.966  1.00 28.03 ? 4    THR A OG1 1 
ATOM   37  C CG2 . THR A 1 7  ? -11.273 -1.406  12.682  1.00 11.86 ? 4    THR A CG2 1 
ATOM   38  N N   . GLY A 1 8  ? -9.677  2.773   11.719  1.00 14.50 ? 5    GLY A N   1 
ATOM   39  C CA  . GLY A 1 8  ? -8.847  3.959   11.851  1.00 14.21 ? 5    GLY A CA  1 
ATOM   40  C C   . GLY A 1 8  ? -8.007  4.199   10.618  1.00 15.65 ? 5    GLY A C   1 
ATOM   41  O O   . GLY A 1 8  ? -8.523  4.193   9.513   1.00 14.02 ? 5    GLY A O   1 
ATOM   42  N N   . ASN A 1 9  ? -6.703  4.394   10.792  1.00 12.85 ? 6    ASN A N   1 
ATOM   43  C CA  . ASN A 1 9  ? -5.865  4.623   9.632   1.00 12.22 ? 6    ASN A CA  1 
ATOM   44  C C   . ASN A 1 9  ? -5.396  3.361   8.951   1.00 13.17 ? 6    ASN A C   1 
ATOM   45  O O   . ASN A 1 9  ? -4.611  3.414   8.015   1.00 11.91 ? 6    ASN A O   1 
ATOM   46  C CB  . ASN A 1 9  ? -4.719  5.590   9.904   1.00 10.05 ? 6    ASN A CB  1 
ATOM   47  C CG  . ASN A 1 9  ? -3.581  4.945   10.624  1.00 20.10 ? 6    ASN A CG  1 
ATOM   48  O OD1 . ASN A 1 9  ? -3.723  3.860   11.178  1.00 16.02 ? 6    ASN A OD1 1 
ATOM   49  N ND2 . ASN A 1 9  ? -2.447  5.628   10.667  1.00 17.05 ? 6    ASN A ND2 1 
ATOM   50  N N   . GLY A 1 10 ? -5.840  2.210   9.431   1.00 11.45 ? 7    GLY A N   1 
ATOM   51  C CA  . GLY A 1 10 ? -5.493  0.970   8.757   1.00 10.08 ? 7    GLY A CA  1 
ATOM   52  C C   . GLY A 1 10 ? -4.048  0.563   8.873   1.00 11.50 ? 7    GLY A C   1 
ATOM   53  O O   . GLY A 1 10 ? -3.544  -0.235  8.072   1.00 10.71 ? 7    GLY A O   1 
ATOM   54  N N   . LYS A 1 11 ? -3.375  1.091   9.889   1.00 8.62  ? 8    LYS A N   1 
ATOM   55  C CA  . LYS A 1 11 ? -1.996  0.703   10.142  1.00 11.30 ? 8    LYS A CA  1 
ATOM   56  C C   . LYS A 1 11 ? -1.833  -0.823  10.176  1.00 13.18 ? 8    LYS A C   1 
ATOM   57  O O   . LYS A 1 11 ? -0.832  -1.354  9.690   1.00 14.32 ? 8    LYS A O   1 
ATOM   58  C CB  . LYS A 1 11 ? -1.454  1.345   11.430  1.00 14.34 ? 8    LYS A CB  1 
ATOM   59  C CG  . LYS A 1 11 ? 0.028   1.017   11.728  1.00 30.74 ? 8    LYS A CG  1 
ATOM   60  C CD  . LYS A 1 11 ? 0.850   0.668   10.452  1.00 31.60 ? 8    LYS A CD  1 
ATOM   61  C CE  . LYS A 1 11 ? 2.372   0.681   10.650  1.00 24.76 ? 8    LYS A CE  1 
ATOM   62  N NZ  . LYS A 1 11 ? 2.990   -0.633  11.070  1.00 29.39 ? 8    LYS A NZ  1 
ATOM   63  N N   . ASN A 1 12 ? -2.835  -1.521  10.713  1.00 8.09  ? 9    ASN A N   1 
ATOM   64  C CA  . ASN A 1 12 ? -2.797  -2.985  10.807  1.00 8.47  ? 9    ASN A CA  1 
ATOM   65  C C   . ASN A 1 12 ? -3.628  -3.702  9.750   1.00 11.01 ? 9    ASN A C   1 
ATOM   66  O O   . ASN A 1 12 ? -3.851  -4.896  9.847   1.00 10.30 ? 9    ASN A O   1 
ATOM   67  C CB  . ASN A 1 12 ? -3.168  -3.463  12.217  1.00 10.81 ? 9    ASN A CB  1 
ATOM   68  C CG  . ASN A 1 12 ? -2.036  -3.276  13.208  1.00 28.79 ? 9    ASN A CG  1 
ATOM   69  O OD1 . ASN A 1 12 ? -2.131  -2.456  14.109  1.00 27.51 ? 9    ASN A OD1 1 
ATOM   70  N ND2 . ASN A 1 12 ? -0.934  -3.995  13.004  1.00 26.94 ? 9    ASN A ND2 1 
ATOM   71  N N   . TYR A 1 13 ? -4.077  -2.970  8.730   1.00 9.71  ? 10   TYR A N   1 
ATOM   72  C CA  . TYR A 1 13 ? -4.863  -3.556  7.642   1.00 7.69  ? 10   TYR A CA  1 
ATOM   73  C C   . TYR A 1 13 ? -4.074  -4.647  6.900   1.00 9.55  ? 10   TYR A C   1 
ATOM   74  O O   . TYR A 1 13 ? -2.917  -4.442  6.519   1.00 8.02  ? 10   TYR A O   1 
ATOM   75  C CB  . TYR A 1 13 ? -5.288  -2.442  6.682   1.00 8.18  ? 10   TYR A CB  1 
ATOM   76  C CG  . TYR A 1 13 ? -5.847  -2.913  5.363   1.00 8.14  ? 10   TYR A CG  1 
ATOM   77  C CD1 . TYR A 1 13 ? -7.179  -3.314  5.256   1.00 8.16  ? 10   TYR A CD1 1 
ATOM   78  C CD2 . TYR A 1 13 ? -5.043  -2.921  4.211   1.00 9.05  ? 10   TYR A CD2 1 
ATOM   79  C CE1 . TYR A 1 13 ? -7.713  -3.741  4.049   1.00 5.72  ? 10   TYR A CE1 1 
ATOM   80  C CE2 . TYR A 1 13 ? -5.553  -3.358  3.004   1.00 10.13 ? 10   TYR A CE2 1 
ATOM   81  C CZ  . TYR A 1 13 ? -6.894  -3.757  2.925   1.00 12.03 ? 10   TYR A CZ  1 
ATOM   82  O OH  . TYR A 1 13 ? -7.389  -4.164  1.713   1.00 10.23 ? 10   TYR A OH  1 
ATOM   83  N N   . ARG A 1 14 ? -4.709  -5.793  6.663   1.00 5.91  ? 11   ARG A N   1 
ATOM   84  C CA  . ARG A 1 14 ? -4.023  -6.876  5.969   1.00 6.70  ? 11   ARG A CA  1 
ATOM   85  C C   . ARG A 1 14 ? -4.905  -7.487  4.881   1.00 13.29 ? 11   ARG A C   1 
ATOM   86  O O   . ARG A 1 14 ? -4.742  -8.651  4.521   1.00 13.41 ? 11   ARG A O   1 
ATOM   87  C CB  . ARG A 1 14 ? -3.494  -7.930  6.954   1.00 6.76  ? 11   ARG A CB  1 
ATOM   88  C CG  . ARG A 1 14 ? -2.385  -7.461  7.928   1.00 9.88  ? 11   ARG A CG  1 
ATOM   89  C CD  . ARG A 1 14 ? -1.050  -7.235  7.224   1.00 13.38 ? 11   ARG A CD  1 
ATOM   90  N NE  . ARG A 1 14 ? 0.003   -6.799  8.148   1.00 11.27 ? 11   ARG A NE  1 
ATOM   91  C CZ  . ARG A 1 14 ? 0.249   -5.530  8.489   1.00 13.14 ? 11   ARG A CZ  1 
ATOM   92  N NH1 . ARG A 1 14 ? -0.462  -4.509  7.996   1.00 11.99 ? 11   ARG A NH1 1 
ATOM   93  N NH2 . ARG A 1 14 ? 1.231   -5.271  9.327   1.00 12.14 ? 11   ARG A NH2 1 
ATOM   94  N N   . GLY A 1 15 ? -5.812  -6.674  4.331   1.00 10.46 ? 12   GLY A N   1 
ATOM   95  C CA  . GLY A 1 15 ? -6.675  -7.076  3.239   1.00 10.56 ? 12   GLY A CA  1 
ATOM   96  C C   . GLY A 1 15 ? -5.936  -7.226  1.909   1.00 13.75 ? 12   GLY A C   1 
ATOM   97  O O   . GLY A 1 15 ? -4.704  -7.132  1.867   1.00 11.91 ? 12   GLY A O   1 
ATOM   98  N N   . THR A 1 16 ? -6.685  -7.462  0.826   1.00 10.17 ? 13   THR A N   1 
ATOM   99  C CA  . THR A 1 16 ? -6.079  -7.691  -0.485  1.00 10.49 ? 13   THR A CA  1 
ATOM   100 C C   . THR A 1 16 ? -6.409  -6.628  -1.545  1.00 14.14 ? 13   THR A C   1 
ATOM   101 O O   . THR A 1 16 ? -6.282  -6.893  -2.750  1.00 13.39 ? 13   THR A O   1 
ATOM   102 C CB  . THR A 1 16 ? -6.484  -9.088  -1.005  1.00 15.19 ? 13   THR A CB  1 
ATOM   103 O OG1 . THR A 1 16 ? -7.907  -9.130  -1.064  1.00 12.96 ? 13   THR A OG1 1 
ATOM   104 C CG2 . THR A 1 16 ? -5.991  -10.184 -0.055  1.00 11.46 ? 13   THR A CG2 1 
ATOM   105 N N   . MET A 1 17 ? -6.827  -5.435  -1.127  1.00 8.66  ? 14   MET A N   1 
ATOM   106 C CA  . MET A 1 17 ? -7.081  -4.396  -2.112  1.00 8.63  ? 14   MET A CA  1 
ATOM   107 C C   . MET A 1 17 ? -5.728  -4.090  -2.800  1.00 13.31 ? 14   MET A C   1 
ATOM   108 O O   . MET A 1 17 ? -4.704  -3.964  -2.121  1.00 12.47 ? 14   MET A O   1 
ATOM   109 C CB  . MET A 1 17 ? -7.742  -3.172  -1.471  1.00 10.26 ? 14   MET A CB  1 
ATOM   110 C CG  . MET A 1 17 ? -7.863  -1.970  -2.375  1.00 14.27 ? 14   MET A CG  1 
ATOM   111 S SD  . MET A 1 17 ? -8.965  -2.275  -3.794  1.00 18.45 ? 14   MET A SD  1 
ATOM   112 C CE  . MET A 1 17 ? -10.500 -3.011  -2.946  1.00 15.82 ? 14   MET A CE  1 
ATOM   113 N N   . SER A 1 18 ? -5.714  -4.051  -4.136  1.00 9.74  ? 15   SER A N   1 
ATOM   114 C CA  . SER A 1 18 ? -4.467  -3.862  -4.895  1.00 9.12  ? 15   SER A CA  1 
ATOM   115 C C   . SER A 1 18 ? -4.552  -2.825  -6.015  1.00 11.58 ? 15   SER A C   1 
ATOM   116 O O   . SER A 1 18 ? -3.694  -2.788  -6.907  1.00 10.78 ? 15   SER A O   1 
ATOM   117 C CB  . SER A 1 18 ? -3.960  -5.186  -5.483  1.00 9.88  ? 15   SER A CB  1 
ATOM   118 O OG  . SER A 1 18 ? -4.907  -5.715  -6.408  1.00 11.51 ? 15   SER A OG  1 
ATOM   119 N N   . LYS A 1 19 ? -5.591  -1.996  -5.971  1.00 7.51  ? 16   LYS A N   1 
ATOM   120 C CA  . LYS A 1 19 ? -5.762  -0.895  -6.910  1.00 6.81  ? 16   LYS A CA  1 
ATOM   121 C C   . LYS A 1 19 ? -5.848  0.376   -6.075  1.00 10.83 ? 16   LYS A C   1 
ATOM   122 O O   . LYS A 1 19 ? -6.313  0.347   -4.929  1.00 10.29 ? 16   LYS A O   1 
ATOM   123 C CB  . LYS A 1 19 ? -7.077  -1.055  -7.682  1.00 8.04  ? 16   LYS A CB  1 
ATOM   124 C CG  . LYS A 1 19 ? -7.229  -2.424  -8.270  1.00 14.12 ? 16   LYS A CG  1 
ATOM   125 C CD  . LYS A 1 19 ? -6.359  -2.571  -9.495  1.00 18.53 ? 16   LYS A CD  1 
ATOM   126 C CE  . LYS A 1 19 ? -6.885  -3.674  -10.398 1.00 22.72 ? 16   LYS A CE  1 
ATOM   127 N NZ  . LYS A 1 19 ? -5.757  -4.324  -11.112 1.00 19.51 ? 16   LYS A NZ  1 
ATOM   128 N N   . THR A 1 20 ? -5.420  1.491   -6.644  1.00 6.93  ? 17   THR A N   1 
ATOM   129 C CA  . THR A 1 20 ? -5.535  2.774   -5.948  1.00 5.98  ? 17   THR A CA  1 
ATOM   130 C C   . THR A 1 20 ? -6.981  3.234   -6.064  1.00 11.14 ? 17   THR A C   1 
ATOM   131 O O   . THR A 1 20 ? -7.786  2.636   -6.805  1.00 9.62  ? 17   THR A O   1 
ATOM   132 C CB  . THR A 1 20 ? -4.689  3.861   -6.636  1.00 7.54  ? 17   THR A CB  1 
ATOM   133 O OG1 . THR A 1 20 ? -5.233  4.096   -7.955  1.00 10.01 ? 17   THR A OG1 1 
ATOM   134 C CG2 . THR A 1 20 ? -3.169  3.466   -6.710  1.00 5.32  ? 17   THR A CG2 1 
ATOM   135 N N   . LYS A 1 21 ? -7.277  4.374   -5.436  1.00 7.80  ? 18   LYS A N   1 
ATOM   136 C CA  . LYS A 1 21 ? -8.616  4.947   -5.571  1.00 7.69  ? 18   LYS A CA  1 
ATOM   137 C C   . LYS A 1 21 ? -8.960  5.365   -7.008  1.00 13.66 ? 18   LYS A C   1 
ATOM   138 O O   . LYS A 1 21 ? -10.106 5.687   -7.280  1.00 10.21 ? 18   LYS A O   1 
ATOM   139 C CB  . LYS A 1 21 ? -8.815  6.122   -4.594  1.00 7.23  ? 18   LYS A CB  1 
ATOM   140 C CG  . LYS A 1 21 ? -8.163  7.426   -5.070  1.00 19.11 ? 18   LYS A CG  1 
ATOM   141 C CD  . LYS A 1 21 ? -7.900  8.403   -3.940  1.00 19.18 ? 18   LYS A CD  1 
ATOM   142 C CE  . LYS A 1 21 ? -7.534  9.771   -4.493  1.00 23.35 ? 18   LYS A CE  1 
ATOM   143 N NZ  . LYS A 1 21 ? -7.712  10.855  -3.474  1.00 39.97 ? 18   LYS A NZ  1 
ATOM   144 N N   . ASN A 1 22 ? -7.986  5.386   -7.922  1.00 12.01 ? 19   ASN A N   1 
ATOM   145 C CA  . ASN A 1 22 ? -8.254  5.754   -9.324  1.00 13.59 ? 19   ASN A CA  1 
ATOM   146 C C   . ASN A 1 22 ? -8.338  4.535   -10.225 1.00 18.42 ? 19   ASN A C   1 
ATOM   147 O O   . ASN A 1 22 ? -8.586  4.650   -11.437 1.00 19.47 ? 19   ASN A O   1 
ATOM   148 C CB  . ASN A 1 22 ? -7.205  6.724   -9.882  1.00 18.36 ? 19   ASN A CB  1 
ATOM   149 C CG  . ASN A 1 22 ? -7.012  7.948   -9.001  1.00 44.06 ? 19   ASN A CG  1 
ATOM   150 O OD1 . ASN A 1 22 ? -7.964  8.672   -8.708  1.00 28.14 ? 19   ASN A OD1 1 
ATOM   151 N ND2 . ASN A 1 22 ? -5.773  8.184   -8.573  1.00 41.23 ? 19   ASN A ND2 1 
ATOM   152 N N   . GLY A 1 23 ? -8.160  3.359   -9.628  1.00 13.48 ? 20   GLY A N   1 
ATOM   153 C CA  . GLY A 1 23 ? -8.270  2.104   -10.340 1.00 12.17 ? 20   GLY A CA  1 
ATOM   154 C C   . GLY A 1 23 ? -6.952  1.610   -10.911 1.00 14.62 ? 20   GLY A C   1 
ATOM   155 O O   . GLY A 1 23 ? -6.934  0.592   -11.608 1.00 14.21 ? 20   GLY A O   1 
ATOM   156 N N   . ILE A 1 24 ? -5.857  2.305   -10.597 1.00 10.52 ? 21   ILE A N   1 
ATOM   157 C CA  . ILE A 1 24 ? -4.524  1.899   -11.077 1.00 10.11 ? 21   ILE A CA  1 
ATOM   158 C C   . ILE A 1 24 ? -3.937  0.760   -10.258 1.00 12.38 ? 21   ILE A C   1 
ATOM   159 O O   . ILE A 1 24 ? -4.016  0.756   -9.021  1.00 8.30  ? 21   ILE A O   1 
ATOM   160 C CB  . ILE A 1 24 ? -3.568  3.086   -11.193 1.00 15.24 ? 21   ILE A CB  1 
ATOM   161 C CG1 . ILE A 1 24 ? -4.155  4.136   -12.145 1.00 17.62 ? 21   ILE A CG1 1 
ATOM   162 C CG2 . ILE A 1 24 ? -2.188  2.623   -11.689 1.00 18.37 ? 21   ILE A CG2 1 
ATOM   163 C CD1 . ILE A 1 24 ? -5.262  4.969   -11.527 1.00 30.62 ? 21   ILE A CD1 1 
ATOM   164 N N   . THR A 1 25 ? -3.368  -0.222  -10.957 1.00 8.03  ? 22   THR A N   1 
ATOM   165 C CA  . THR A 1 25 ? -2.774  -1.395  -10.319 1.00 7.36  ? 22   THR A CA  1 
ATOM   166 C C   . THR A 1 25 ? -1.594  -0.919  -9.459  1.00 8.19  ? 22   THR A C   1 
ATOM   167 O O   . THR A 1 25 ? -0.741  -0.145  -9.921  1.00 7.49  ? 22   THR A O   1 
ATOM   168 C CB  . THR A 1 25 ? -2.268  -2.420  -11.369 1.00 12.46 ? 22   THR A CB  1 
ATOM   169 O OG1 . THR A 1 25 ? -3.347  -2.866  -12.202 1.00 9.85  ? 22   THR A OG1 1 
ATOM   170 C CG2 . THR A 1 25 ? -1.605  -3.657  -10.681 1.00 10.39 ? 22   THR A CG2 1 
ATOM   171 N N   . CYS A 1 26 ? -1.545  -1.392  -8.222  1.00 5.03  ? 23   CYS A N   1 
ATOM   172 C CA  . CYS A 1 26 ? -0.456  -1.058  -7.342  1.00 5.25  ? 23   CYS A CA  1 
ATOM   173 C C   . CYS A 1 26 ? 0.795   -1.791  -7.825  1.00 6.28  ? 23   CYS A C   1 
ATOM   174 O O   . CYS A 1 26 ? 0.722   -2.874  -8.346  1.00 7.98  ? 23   CYS A O   1 
ATOM   175 C CB  . CYS A 1 26 ? -0.761  -1.562  -5.932  1.00 5.86  ? 23   CYS A CB  1 
ATOM   176 S SG  . CYS A 1 26 ? -2.039  -0.646  -5.067  1.00 9.17  ? 23   CYS A SG  1 
ATOM   177 N N   . GLN A 1 27 ? 1.950   -1.206  -7.578  1.00 5.36  ? 24   GLN A N   1 
ATOM   178 C CA  . GLN A 1 27 ? 3.214   -1.864  -7.855  1.00 5.90  ? 24   GLN A CA  1 
ATOM   179 C C   . GLN A 1 27 ? 3.509   -2.880  -6.722  1.00 7.92  ? 24   GLN A C   1 
ATOM   180 O O   . GLN A 1 27 ? 3.179   -2.649  -5.556  1.00 4.84  ? 24   GLN A O   1 
ATOM   181 C CB  . GLN A 1 27 ? 4.327   -0.802  -7.854  1.00 7.92  ? 24   GLN A CB  1 
ATOM   182 C CG  . GLN A 1 27 ? 5.730   -1.370  -8.082  1.00 3.41  ? 24   GLN A CG  1 
ATOM   183 C CD  . GLN A 1 27 ? 6.784   -0.297  -7.892  1.00 11.50 ? 24   GLN A CD  1 
ATOM   184 O OE1 . GLN A 1 27 ? 6.764   0.741   -8.571  1.00 6.45  ? 24   GLN A OE1 1 
ATOM   185 N NE2 . GLN A 1 27 ? 7.647   -0.491  -6.905  1.00 6.72  ? 24   GLN A NE2 1 
ATOM   186 N N   . LYS A 1 28 ? 4.145   -3.996  -7.058  1.00 6.99  ? 25   LYS A N   1 
ATOM   187 C CA  . LYS A 1 28 ? 4.582   -4.948  -6.036  1.00 5.36  ? 25   LYS A CA  1 
ATOM   188 C C   . LYS A 1 28 ? 5.612   -4.255  -5.134  1.00 8.80  ? 25   LYS A C   1 
ATOM   189 O O   . LYS A 1 28 ? 6.529   -3.560  -5.617  1.00 6.28  ? 25   LYS A O   1 
ATOM   190 C CB  . LYS A 1 28 ? 5.275   -6.159  -6.687  1.00 8.68  ? 25   LYS A CB  1 
ATOM   191 C CG  . LYS A 1 28 ? 4.388   -6.975  -7.601  1.00 12.92 ? 25   LYS A CG  1 
ATOM   192 C CD  . LYS A 1 28 ? 5.167   -8.144  -8.193  1.00 19.02 ? 25   LYS A CD  1 
ATOM   193 C CE  . LYS A 1 28 ? 4.258   -9.011  -9.047  1.00 24.89 ? 25   LYS A CE  1 
ATOM   194 N NZ  . LYS A 1 28 ? 4.114   -8.440  -10.416 1.00 31.79 ? 25   LYS A NZ  1 
ATOM   195 N N   . TRP A 1 29 ? 5.448   -4.446  -3.822  1.00 7.34  ? 26   TRP A N   1 
ATOM   196 C CA  . TRP A 1 29 ? 6.343   -3.887  -2.797  1.00 6.29  ? 26   TRP A CA  1 
ATOM   197 C C   . TRP A 1 29 ? 7.762   -4.453  -2.983  1.00 10.11 ? 26   TRP A C   1 
ATOM   198 O O   . TRP A 1 29 ? 8.736   -3.871  -2.470  1.00 8.87  ? 26   TRP A O   1 
ATOM   199 C CB  . TRP A 1 29 ? 5.834   -4.330  -1.424  1.00 5.42  ? 26   TRP A CB  1 
ATOM   200 C CG  . TRP A 1 29 ? 4.520   -3.714  -1.025  1.00 5.08  ? 26   TRP A CG  1 
ATOM   201 C CD1 . TRP A 1 29 ? 3.303   -4.296  -1.085  1.00 7.30  ? 26   TRP A CD1 1 
ATOM   202 C CD2 . TRP A 1 29 ? 4.305   -2.372  -0.585  1.00 4.39  ? 26   TRP A CD2 1 
ATOM   203 N NE1 . TRP A 1 29 ? 2.330   -3.421  -0.650  1.00 5.93  ? 26   TRP A NE1 1 
ATOM   204 C CE2 . TRP A 1 29 ? 2.926   -2.243  -0.302  1.00 5.92  ? 26   TRP A CE2 1 
ATOM   205 C CE3 . TRP A 1 29 ? 5.161   -1.293  -0.287  1.00 5.66  ? 26   TRP A CE3 1 
ATOM   206 C CZ2 . TRP A 1 29 ? 2.356   -1.034  0.123   1.00 5.09  ? 26   TRP A CZ2 1 
ATOM   207 C CZ3 . TRP A 1 29 ? 4.604   -0.132  0.222   1.00 6.95  ? 26   TRP A CZ3 1 
ATOM   208 C CH2 . TRP A 1 29 ? 3.212   0.000   0.381   1.00 7.03  ? 26   TRP A CH2 1 
ATOM   209 N N   . SER A 1 30 ? 7.857   -5.570  -3.718  1.00 6.57  ? 27   SER A N   1 
ATOM   210 C CA  . SER A 1 30 ? 9.133   -6.228  -4.001  1.00 5.68  ? 27   SER A CA  1 
ATOM   211 C C   . SER A 1 30 ? 9.842   -5.722  -5.263  1.00 9.48  ? 27   SER A C   1 
ATOM   212 O O   . SER A 1 30 ? 10.938  -6.182  -5.595  1.00 12.57 ? 27   SER A O   1 
ATOM   213 C CB  . SER A 1 30 ? 8.929   -7.748  -4.145  1.00 9.72  ? 27   SER A CB  1 
ATOM   214 O OG  . SER A 1 30 ? 8.041   -8.050  -5.210  1.00 12.62 ? 27   SER A OG  1 
ATOM   215 N N   . SER A 1 31 ? 9.164   -4.882  -6.026  1.00 6.38  ? 28   SER A N   1 
ATOM   216 C CA  . SER A 1 31 ? 9.715   -4.347  -7.267  1.00 6.63  ? 28   SER A CA  1 
ATOM   217 C C   . SER A 1 31 ? 10.311  -2.963  -7.019  1.00 9.45  ? 28   SER A C   1 
ATOM   218 O O   . SER A 1 31 ? 10.012  -2.309  -5.980  1.00 6.35  ? 28   SER A O   1 
ATOM   219 C CB  . SER A 1 31 ? 8.625   -4.323  -8.352  1.00 11.26 ? 28   SER A CB  1 
ATOM   220 O OG  . SER A 1 31 ? 8.910   -3.357  -9.355  1.00 21.79 ? 28   SER A OG  1 
ATOM   221 N N   . THR A 1 32 ? 11.196  -2.534  -7.922  1.00 7.03  ? 29   THR A N   1 
ATOM   222 C CA  . THR A 1 32 ? 11.797  -1.218  -7.806  1.00 7.69  ? 29   THR A CA  1 
ATOM   223 C C   . THR A 1 32 ? 11.468  -0.396  -9.027  1.00 9.22  ? 29   THR A C   1 
ATOM   224 O O   . THR A 1 32 ? 12.097  0.620   -9.279  1.00 8.04  ? 29   THR A O   1 
ATOM   225 C CB  . THR A 1 32 ? 13.335  -1.267  -7.579  1.00 13.80 ? 29   THR A CB  1 
ATOM   226 O OG1 . THR A 1 32 ? 13.970  -1.911  -8.692  1.00 7.82  ? 29   THR A OG1 1 
ATOM   227 C CG2 . THR A 1 32 ? 13.669  -2.016  -6.297  1.00 12.65 ? 29   THR A CG2 1 
ATOM   228 N N   . SER A 1 33 ? 10.522  -0.870  -9.831  1.00 7.56  ? 30   SER A N   1 
ATOM   229 C CA  . SER A 1 33 ? 10.174  -0.132  -11.029 1.00 6.26  ? 30   SER A CA  1 
ATOM   230 C C   . SER A 1 33 ? 8.656   -0.097  -11.148 1.00 10.46 ? 30   SER A C   1 
ATOM   231 O O   . SER A 1 33 ? 7.987   -1.106  -10.889 1.00 10.92 ? 30   SER A O   1 
ATOM   232 C CB  . SER A 1 33 ? 10.793  -0.802  -12.251 1.00 11.67 ? 30   SER A CB  1 
ATOM   233 O OG  . SER A 1 33 ? 10.601  0.012   -13.403 1.00 18.44 ? 30   SER A OG  1 
ATOM   234 N N   . PRO A 1 34 ? 8.087   1.082   -11.472 1.00 7.71  ? 31   PRO A N   1 
ATOM   235 C CA  . PRO A 1 34 ? 8.773   2.325   -11.838 1.00 7.49  ? 31   PRO A CA  1 
ATOM   236 C C   . PRO A 1 34 ? 9.330   3.097   -10.653 1.00 10.61 ? 31   PRO A C   1 
ATOM   237 O O   . PRO A 1 34 ? 10.067  4.072   -10.831 1.00 9.25  ? 31   PRO A O   1 
ATOM   238 C CB  . PRO A 1 34 ? 7.667   3.155   -12.528 1.00 8.75  ? 31   PRO A CB  1 
ATOM   239 C CG  . PRO A 1 34 ? 6.376   2.649   -11.916 1.00 13.09 ? 31   PRO A CG  1 
ATOM   240 C CD  . PRO A 1 34 ? 6.625   1.162   -11.666 1.00 7.85  ? 31   PRO A CD  1 
ATOM   241 N N   . HIS A 1 35 ? 8.922   2.707   -9.455  1.00 6.43  ? 32   HIS A N   1 
ATOM   242 C CA  . HIS A 1 35 ? 9.328   3.424   -8.247  1.00 6.43  ? 32   HIS A CA  1 
ATOM   243 C C   . HIS A 1 35 ? 10.189  2.587   -7.321  1.00 10.57 ? 32   HIS A C   1 
ATOM   244 O O   . HIS A 1 35 ? 9.914   1.404   -7.098  1.00 10.45 ? 32   HIS A O   1 
ATOM   245 C CB  . HIS A 1 35 ? 8.103   3.972   -7.504  1.00 6.35  ? 32   HIS A CB  1 
ATOM   246 C CG  . HIS A 1 35 ? 7.179   4.751   -8.393  1.00 7.91  ? 32   HIS A CG  1 
ATOM   247 N ND1 . HIS A 1 35 ? 5.963   4.252   -8.818  1.00 8.70  ? 32   HIS A ND1 1 
ATOM   248 C CD2 . HIS A 1 35 ? 7.365   5.912   -9.068  1.00 8.59  ? 32   HIS A CD2 1 
ATOM   249 C CE1 . HIS A 1 35 ? 5.411   5.103   -9.667  1.00 7.40  ? 32   HIS A CE1 1 
ATOM   250 N NE2 . HIS A 1 35 ? 6.232   6.122   -9.829  1.00 8.79  ? 32   HIS A NE2 1 
ATOM   251 N N   . ARG A 1 36 ? 11.232  3.203   -6.771  1.00 7.51  ? 33   ARG A N   1 
ATOM   252 C CA  . ARG A 1 36 ? 12.042  2.481   -5.806  1.00 7.14  ? 33   ARG A CA  1 
ATOM   253 C C   . ARG A 1 36 ? 11.499  2.760   -4.393  1.00 7.40  ? 33   ARG A C   1 
ATOM   254 O O   . ARG A 1 36 ? 11.437  3.892   -3.947  1.00 4.93  ? 33   ARG A O   1 
ATOM   255 C CB  . ARG A 1 36 ? 13.510  2.851   -5.917  1.00 9.44  ? 33   ARG A CB  1 
ATOM   256 C CG  . ARG A 1 36 ? 14.337  2.205   -4.817  1.00 9.04  ? 33   ARG A CG  1 
ATOM   257 C CD  . ARG A 1 36 ? 15.769  2.198   -5.235  1.00 15.25 ? 33   ARG A CD  1 
ATOM   258 N NE  . ARG A 1 36 ? 16.329  3.530   -5.070  1.00 13.75 ? 33   ARG A NE  1 
ATOM   259 C CZ  . ARG A 1 36 ? 16.611  4.081   -3.897  1.00 34.12 ? 33   ARG A CZ  1 
ATOM   260 N NH1 . ARG A 1 36 ? 16.359  3.419   -2.780  1.00 20.31 ? 33   ARG A NH1 1 
ATOM   261 N NH2 . ARG A 1 36 ? 17.162  5.289   -3.841  1.00 28.60 ? 33   ARG A NH2 1 
ATOM   262 N N   . PRO A 1 37 ? 11.028  1.725   -3.699  1.00 5.88  ? 34   PRO A N   1 
ATOM   263 C CA  . PRO A 1 37 ? 10.396  2.004   -2.395  1.00 5.71  ? 34   PRO A CA  1 
ATOM   264 C C   . PRO A 1 37 ? 11.310  2.414   -1.246  1.00 9.65  ? 34   PRO A C   1 
ATOM   265 O O   . PRO A 1 37 ? 12.504  2.108   -1.246  1.00 7.68  ? 34   PRO A O   1 
ATOM   266 C CB  . PRO A 1 37 ? 9.836   0.631   -1.980  1.00 7.13  ? 34   PRO A CB  1 
ATOM   267 C CG  . PRO A 1 37 ? 9.736   -0.168  -3.201  1.00 10.68 ? 34   PRO A CG  1 
ATOM   268 C CD  . PRO A 1 37 ? 10.705  0.380   -4.211  1.00 7.16  ? 34   PRO A CD  1 
ATOM   269 N N   . ARG A 1 38 ? 10.690  3.049   -0.246  1.00 8.86  ? 35   ARG A N   1 
ATOM   270 C CA  A ARG A 1 38 ? 11.340  3.383   1.027   0.50 8.27  ? 35   ARG A CA  1 
ATOM   271 C CA  B ARG A 1 38 ? 11.342  3.380   1.027   0.50 8.29  ? 35   ARG A CA  1 
ATOM   272 C C   . ARG A 1 38 ? 10.906  2.274   2.006   1.00 11.67 ? 35   ARG A C   1 
ATOM   273 O O   . ARG A 1 38 ? 11.566  2.006   3.021   1.00 9.45  ? 35   ARG A O   1 
ATOM   274 C CB  A ARG A 1 38 ? 10.842  4.738   1.552   0.50 7.90  ? 35   ARG A CB  1 
ATOM   275 C CB  B ARG A 1 38 ? 10.855  4.738   1.551   0.50 8.03  ? 35   ARG A CB  1 
ATOM   276 C CG  A ARG A 1 38 ? 11.574  5.959   0.997   0.50 11.86 ? 35   ARG A CG  1 
ATOM   277 C CG  B ARG A 1 38 ? 11.761  5.915   1.203   0.50 12.67 ? 35   ARG A CG  1 
ATOM   278 C CD  A ARG A 1 38 ? 11.232  7.223   1.825   0.50 10.72 ? 35   ARG A CD  1 
ATOM   279 C CD  B ARG A 1 38 ? 11.128  7.256   1.641   0.50 9.79  ? 35   ARG A CD  1 
ATOM   280 N NE  A ARG A 1 38 ? 9.790   7.420   1.925   0.50 13.71 ? 35   ARG A NE  1 
ATOM   281 N NE  B ARG A 1 38 ? 10.557  7.953   0.496   0.50 12.16 ? 35   ARG A NE  1 
ATOM   282 C CZ  A ARG A 1 38 ? 9.136   7.710   3.045   0.50 14.64 ? 35   ARG A CZ  1 
ATOM   283 C CZ  B ARG A 1 38 ? 10.994  9.111   0.021   0.50 29.83 ? 35   ARG A CZ  1 
ATOM   284 N NH1 A ARG A 1 38 ? 9.784   7.868   4.203   0.50 5.53  ? 35   ARG A NH1 1 
ATOM   285 N NH1 B ARG A 1 38 ? 11.983  9.757   0.624   0.50 27.92 ? 35   ARG A NH1 1 
ATOM   286 N NH2 A ARG A 1 38 ? 7.822   7.848   3.003   0.50 3.00  ? 35   ARG A NH2 1 
ATOM   287 N NH2 B ARG A 1 38 ? 10.429  9.627   -1.058  0.50 18.01 ? 35   ARG A NH2 1 
ATOM   288 N N   . PHE A 1 39 ? 9.789   1.625   1.678   1.00 8.27  ? 36   PHE A N   1 
ATOM   289 C CA  . PHE A 1 39 ? 9.219   0.518   2.460   1.00 5.96  ? 36   PHE A CA  1 
ATOM   290 C C   . PHE A 1 39 ? 9.054   -0.682  1.549   1.00 10.90 ? 36   PHE A C   1 
ATOM   291 O O   . PHE A 1 39 ? 8.345   -0.618  0.546   1.00 8.90  ? 36   PHE A O   1 
ATOM   292 C CB  . PHE A 1 39 ? 7.860   0.895   3.050   1.00 6.93  ? 36   PHE A CB  1 
ATOM   293 C CG  . PHE A 1 39 ? 7.918   2.035   4.019   1.00 6.60  ? 36   PHE A CG  1 
ATOM   294 C CD1 . PHE A 1 39 ? 8.113   1.805   5.372   1.00 9.15  ? 36   PHE A CD1 1 
ATOM   295 C CD2 . PHE A 1 39 ? 7.741   3.336   3.579   1.00 8.90  ? 36   PHE A CD2 1 
ATOM   296 C CE1 . PHE A 1 39 ? 8.204   2.887   6.277   1.00 12.47 ? 36   PHE A CE1 1 
ATOM   297 C CE2 . PHE A 1 39 ? 7.816   4.409   4.461   1.00 10.19 ? 36   PHE A CE2 1 
ATOM   298 C CZ  . PHE A 1 39 ? 8.062   4.192   5.808   1.00 9.93  ? 36   PHE A CZ  1 
ATOM   299 N N   . SER A 1 40 ? 9.702   -1.777  1.936   1.00 9.94  ? 37   SER A N   1 
ATOM   300 C CA  . SER A 1 40 ? 9.675   -3.007  1.192   1.00 9.42  ? 37   SER A CA  1 
ATOM   301 C C   . SER A 1 40 ? 9.895   -4.131  2.184   1.00 12.62 ? 37   SER A C   1 
ATOM   302 O O   . SER A 1 40 ? 10.370  -3.914  3.300   1.00 10.31 ? 37   SER A O   1 
ATOM   303 C CB  . SER A 1 40 ? 10.766  -3.017  0.137   1.00 13.27 ? 37   SER A CB  1 
ATOM   304 O OG  . SER A 1 40 ? 11.898  -2.355  0.636   1.00 23.33 ? 37   SER A OG  1 
ATOM   305 N N   . PRO A 1 41 ? 9.534   -5.355  1.786   1.00 13.68 ? 38   PRO A N   1 
ATOM   306 C CA  . PRO A 1 41 ? 9.571   -6.524  2.647   1.00 13.29 ? 38   PRO A CA  1 
ATOM   307 C C   . PRO A 1 41 ? 10.884  -6.738  3.389   1.00 15.29 ? 38   PRO A C   1 
ATOM   308 O O   . PRO A 1 41 ? 10.887  -6.927  4.614   1.00 14.36 ? 38   PRO A O   1 
ATOM   309 C CB  . PRO A 1 41 ? 9.240   -7.674  1.690   1.00 15.60 ? 38   PRO A CB  1 
ATOM   310 C CG  . PRO A 1 41 ? 8.590   -7.048  0.536   1.00 20.40 ? 38   PRO A CG  1 
ATOM   311 C CD  . PRO A 1 41 ? 9.271   -5.729  0.387   1.00 16.29 ? 38   PRO A CD  1 
ATOM   312 N N   . ALA A 1 42 ? 12.006  -6.701  2.679   1.00 11.83 ? 39   ALA A N   1 
ATOM   313 C CA  . ALA A 1 42 ? 13.264  -6.963  3.365   1.00 10.87 ? 39   ALA A CA  1 
ATOM   314 C C   . ALA A 1 42 ? 13.490  -6.064  4.575   1.00 15.70 ? 39   ALA A C   1 
ATOM   315 O O   . ALA A 1 42 ? 13.917  -6.532  5.639   1.00 16.55 ? 39   ALA A O   1 
ATOM   316 C CB  . ALA A 1 42 ? 14.447  -6.885  2.402   1.00 10.68 ? 39   ALA A CB  1 
ATOM   317 N N   . THR A 1 43 ? 13.207  -4.769  4.422   1.00 10.15 ? 40   THR A N   1 
ATOM   318 C CA  . THR A 1 43 ? 13.452  -3.814  5.507   1.00 9.26  ? 40   THR A CA  1 
ATOM   319 C C   . THR A 1 43 ? 12.302  -3.752  6.517   1.00 12.21 ? 40   THR A C   1 
ATOM   320 O O   . THR A 1 43 ? 12.486  -3.266  7.629   1.00 10.74 ? 40   THR A O   1 
ATOM   321 C CB  . THR A 1 43 ? 13.710  -2.381  4.959   1.00 10.63 ? 40   THR A CB  1 
ATOM   322 O OG1 . THR A 1 43 ? 12.750  -2.098  3.935   1.00 7.32  ? 40   THR A OG1 1 
ATOM   323 C CG2 . THR A 1 43 ? 15.125  -2.260  4.396   1.00 11.87 ? 40   THR A CG2 1 
ATOM   324 N N   . HIS A 1 44 ? 11.103  -4.130  6.075   1.00 9.43  ? 41   HIS A N   1 
ATOM   325 C CA  . HIS A 1 44 ? 9.882   -4.006  6.883   1.00 8.18  ? 41   HIS A CA  1 
ATOM   326 C C   . HIS A 1 44 ? 9.034   -5.283  6.826   1.00 13.65 ? 41   HIS A C   1 
ATOM   327 O O   . HIS A 1 44 ? 7.894   -5.271  6.353   1.00 12.17 ? 41   HIS A O   1 
ATOM   328 C CB  . HIS A 1 44 ? 9.054   -2.833  6.339   1.00 7.99  ? 41   HIS A CB  1 
ATOM   329 C CG  . HIS A 1 44 ? 9.731   -1.501  6.476   1.00 10.18 ? 41   HIS A CG  1 
ATOM   330 N ND1 . HIS A 1 44 ? 10.595  -0.997  5.528   1.00 11.79 ? 41   HIS A ND1 1 
ATOM   331 C CD2 . HIS A 1 44 ? 9.665   -0.568  7.459   1.00 9.28  ? 41   HIS A CD2 1 
ATOM   332 C CE1 . HIS A 1 44 ? 11.036  0.187   5.923   1.00 10.23 ? 41   HIS A CE1 1 
ATOM   333 N NE2 . HIS A 1 44 ? 10.451  0.488   7.069   1.00 9.55  ? 41   HIS A NE2 1 
ATOM   334 N N   . PRO A 1 45 ? 9.589   -6.410  7.306   1.00 11.19 ? 42   PRO A N   1 
ATOM   335 C CA  . PRO A 1 45 ? 8.994   -7.746  7.302   1.00 11.04 ? 42   PRO A CA  1 
ATOM   336 C C   . PRO A 1 45 ? 7.734   -7.922  8.156   1.00 15.55 ? 42   PRO A C   1 
ATOM   337 O O   . PRO A 1 45 ? 7.032   -8.918  8.011   1.00 17.21 ? 42   PRO A O   1 
ATOM   338 C CB  . PRO A 1 45 ? 10.126  -8.627  7.811   1.00 13.30 ? 42   PRO A CB  1 
ATOM   339 C CG  . PRO A 1 45 ? 10.920  -7.743  8.684   1.00 17.68 ? 42   PRO A CG  1 
ATOM   340 C CD  . PRO A 1 45 ? 10.864  -6.376  8.044   1.00 12.57 ? 42   PRO A CD  1 
ATOM   341 N N   . SER A 1 46 ? 7.427   -6.940  8.997   1.00 12.01 ? 43   SER A N   1 
ATOM   342 C CA  . SER A 1 46 ? 6.243   -6.999  9.842   1.00 12.16 ? 43   SER A CA  1 
ATOM   343 C C   . SER A 1 46 ? 5.109   -6.079  9.379   1.00 14.36 ? 43   SER A C   1 
ATOM   344 O O   . SER A 1 46 ? 4.078   -5.987  10.044  1.00 12.71 ? 43   SER A O   1 
ATOM   345 C CB  . SER A 1 46 ? 6.597   -6.646  11.290  1.00 15.13 ? 43   SER A CB  1 
ATOM   346 O OG  . SER A 1 46 ? 7.187   -7.763  11.936  1.00 25.65 ? 43   SER A OG  1 
ATOM   347 N N   . GLU A 1 47 ? 5.301   -5.407  8.243   1.00 9.14  ? 44   GLU A N   1 
ATOM   348 C CA  . GLU A 1 47 ? 4.312   -4.446  7.746   1.00 6.97  ? 44   GLU A CA  1 
ATOM   349 C C   . GLU A 1 47 ? 3.370   -5.040  6.685   1.00 8.15  ? 44   GLU A C   1 
ATOM   350 O O   . GLU A 1 47 ? 2.544   -4.329  6.084   1.00 6.92  ? 44   GLU A O   1 
ATOM   351 C CB  . GLU A 1 47 ? 5.045   -3.223  7.181   1.00 7.25  ? 44   GLU A CB  1 
ATOM   352 C CG  . GLU A 1 47 ? 5.734   -2.381  8.210   1.00 10.33 ? 44   GLU A CG  1 
ATOM   353 C CD  . GLU A 1 47 ? 4.745   -1.716  9.183   1.00 23.71 ? 44   GLU A CD  1 
ATOM   354 O OE1 . GLU A 1 47 ? 3.527   -1.774  8.936   1.00 12.03 ? 44   GLU A OE1 1 
ATOM   355 O OE2 . GLU A 1 47 ? 5.188   -1.114  10.183  1.00 18.56 ? 44   GLU A OE2 1 
ATOM   356 N N   . GLY A 1 48 ? 3.500   -6.341  6.461   1.00 6.63  ? 45   GLY A N   1 
ATOM   357 C CA  . GLY A 1 48 ? 2.730   -7.073  5.475   1.00 6.16  ? 45   GLY A CA  1 
ATOM   358 C C   . GLY A 1 48 ? 2.890   -6.626  4.037   1.00 10.41 ? 45   GLY A C   1 
ATOM   359 O O   . GLY A 1 48 ? 1.940   -6.650  3.262   1.00 10.45 ? 45   GLY A O   1 
ATOM   360 N N   . LEU A 1 49 ? 4.102   -6.251  3.652   1.00 6.47  ? 46   LEU A N   1 
ATOM   361 C CA  . LEU A 1 49 ? 4.296   -5.770  2.285   1.00 7.40  ? 46   LEU A CA  1 
ATOM   362 C C   . LEU A 1 49 ? 4.312   -6.913  1.282   1.00 13.67 ? 46   LEU A C   1 
ATOM   363 O O   . LEU A 1 49 ? 5.347   -7.213  0.664   1.00 14.15 ? 46   LEU A O   1 
ATOM   364 C CB  . LEU A 1 49 ? 5.503   -4.833  2.209   1.00 7.13  ? 46   LEU A CB  1 
ATOM   365 C CG  . LEU A 1 49 ? 5.440   -3.798  3.325   1.00 11.47 ? 46   LEU A CG  1 
ATOM   366 C CD1 . LEU A 1 49 ? 6.575   -2.791  3.213   1.00 14.74 ? 46   LEU A CD1 1 
ATOM   367 C CD2 . LEU A 1 49 ? 4.052   -3.122  3.312   1.00 10.93 ? 46   LEU A CD2 1 
ATOM   368 N N   . GLU A 1 50 ? 3.148   -7.563  1.171   1.00 10.10 ? 47   GLU A N   1 
ATOM   369 C CA  . GLU A 1 50 ? 2.944   -8.721  0.279   1.00 11.27 ? 47   GLU A CA  1 
ATOM   370 C C   . GLU A 1 50 ? 2.309   -8.335  -1.060  1.00 8.97  ? 47   GLU A C   1 
ATOM   371 O O   . GLU A 1 50 ? 1.497   -7.417  -1.126  1.00 9.52  ? 47   GLU A O   1 
ATOM   372 C CB  . GLU A 1 50 ? 2.054   -9.766  0.967   1.00 13.21 ? 47   GLU A CB  1 
ATOM   373 C CG  . GLU A 1 50 ? 2.643   -10.270 2.275   1.00 26.17 ? 47   GLU A CG  1 
ATOM   374 C CD  . GLU A 1 50 ? 3.895   -11.090 2.051   1.00 55.96 ? 47   GLU A CD  1 
ATOM   375 O OE1 . GLU A 1 50 ? 3.818   -12.108 1.326   1.00 61.40 ? 47   GLU A OE1 1 
ATOM   376 O OE2 . GLU A 1 50 ? 4.963   -10.692 2.565   1.00 49.75 ? 47   GLU A OE2 1 
ATOM   377 N N   . GLU A 1 51 ? 2.717   -9.031  -2.115  1.00 7.20  ? 48   GLU A N   1 
ATOM   378 C CA  . GLU A 1 51 ? 2.200   -8.819  -3.466  1.00 7.47  ? 48   GLU A CA  1 
ATOM   379 C C   . GLU A 1 51 ? 2.229   -7.340  -3.768  1.00 9.61  ? 48   GLU A C   1 
ATOM   380 O O   . GLU A 1 51 ? 3.255   -6.683  -3.594  1.00 8.61  ? 48   GLU A O   1 
ATOM   381 C CB  . GLU A 1 51 ? 0.771   -9.334  -3.589  1.00 9.11  ? 48   GLU A CB  1 
ATOM   382 C CG  . GLU A 1 51 ? 0.623   -10.832 -3.333  1.00 21.32 ? 48   GLU A CG  1 
ATOM   383 C CD  . GLU A 1 51 ? 1.556   -11.660 -4.190  1.00 35.25 ? 48   GLU A CD  1 
ATOM   384 O OE1 . GLU A 1 51 ? 1.785   -11.290 -5.361  1.00 33.78 ? 48   GLU A OE1 1 
ATOM   385 O OE2 . GLU A 1 51 ? 2.072   -12.670 -3.684  1.00 34.56 ? 48   GLU A OE2 1 
ATOM   386 N N   . ASN A 1 52 ? 1.080   -6.823  -4.174  1.00 5.67  ? 49   ASN A N   1 
ATOM   387 C CA  . ASN A 1 52 ? 0.911   -5.404  -4.419  1.00 5.91  ? 49   ASN A CA  1 
ATOM   388 C C   . ASN A 1 52 ? -0.287  -4.888  -3.580  1.00 8.52  ? 49   ASN A C   1 
ATOM   389 O O   . ASN A 1 52 ? -1.040  -4.039  -4.013  1.00 6.06  ? 49   ASN A O   1 
ATOM   390 C CB  . ASN A 1 52 ? 0.700   -5.139  -5.925  1.00 4.26  ? 49   ASN A CB  1 
ATOM   391 C CG  . ASN A 1 52 ? -0.591  -5.712  -6.448  1.00 14.27 ? 49   ASN A CG  1 
ATOM   392 O OD1 . ASN A 1 52 ? -1.100  -6.722  -5.941  1.00 13.30 ? 49   ASN A OD1 1 
ATOM   393 N ND2 . ASN A 1 52 ? -1.093  -5.122  -7.527  1.00 7.07  ? 49   ASN A ND2 1 
ATOM   394 N N   . TYR A 1 53 ? -0.447  -5.391  -2.350  1.00 8.73  ? 50   TYR A N   1 
ATOM   395 C CA  . TYR A 1 53 ? -1.588  -4.962  -1.533  1.00 8.37  ? 50   TYR A CA  1 
ATOM   396 C C   . TYR A 1 53 ? -1.403  -3.581  -0.897  1.00 9.82  ? 50   TYR A C   1 
ATOM   397 O O   . TYR A 1 53 ? -0.326  -3.249  -0.410  1.00 8.10  ? 50   TYR A O   1 
ATOM   398 C CB  . TYR A 1 53 ? -1.893  -5.971  -0.427  1.00 10.84 ? 50   TYR A CB  1 
ATOM   399 C CG  . TYR A 1 53 ? -2.102  -7.383  -0.919  1.00 12.96 ? 50   TYR A CG  1 
ATOM   400 C CD1 . TYR A 1 53 ? -2.851  -7.637  -2.066  1.00 15.67 ? 50   TYR A CD1 1 
ATOM   401 C CD2 . TYR A 1 53 ? -1.641  -8.477  -0.177  1.00 13.78 ? 50   TYR A CD2 1 
ATOM   402 C CE1 . TYR A 1 53 ? -3.065  -8.955  -2.512  1.00 17.30 ? 50   TYR A CE1 1 
ATOM   403 C CE2 . TYR A 1 53 ? -1.864  -9.783  -0.601  1.00 14.32 ? 50   TYR A CE2 1 
ATOM   404 C CZ  . TYR A 1 53 ? -2.569  -10.016 -1.769  1.00 23.42 ? 50   TYR A CZ  1 
ATOM   405 O OH  . TYR A 1 53 ? -2.769  -11.315 -2.197  1.00 25.79 ? 50   TYR A OH  1 
ATOM   406 N N   . CYS A 1 54 ? -2.498  -2.831  -0.799  1.00 5.36  ? 51   CYS A N   1 
ATOM   407 C CA  . CYS A 1 54 ? -2.442  -1.525  -0.160  1.00 3.76  ? 51   CYS A CA  1 
ATOM   408 C C   . CYS A 1 54 ? -2.136  -1.700  1.327   1.00 6.95  ? 51   CYS A C   1 
ATOM   409 O O   . CYS A 1 54 ? -2.700  -2.579  1.970   1.00 7.77  ? 51   CYS A O   1 
ATOM   410 C CB  . CYS A 1 54 ? -3.772  -0.796  -0.348  1.00 5.09  ? 51   CYS A CB  1 
ATOM   411 S SG  . CYS A 1 54 ? -4.194  -0.525  -2.069  1.00 9.97  ? 51   CYS A SG  1 
ATOM   412 N N   . ARG A 1 55 ? -1.184  -0.920  1.846   1.00 5.76  ? 52   ARG A N   1 
ATOM   413 C CA  . ARG A 1 55 ? -0.748  -1.024  3.252   1.00 4.22  ? 52   ARG A CA  1 
ATOM   414 C C   . ARG A 1 55 ? -0.439  0.388   3.771   1.00 8.59  ? 52   ARG A C   1 
ATOM   415 O O   . ARG A 1 55 ? -0.416  1.380   3.008   1.00 7.71  ? 52   ARG A O   1 
ATOM   416 C CB  . ARG A 1 55 ? 0.528   -1.897  3.394   1.00 3.88  ? 52   ARG A CB  1 
ATOM   417 C CG  . ARG A 1 55 ? 0.369   -3.373  3.005   1.00 5.32  ? 52   ARG A CG  1 
ATOM   418 C CD  . ARG A 1 55 ? -0.433  -4.113  4.092   1.00 6.14  ? 52   ARG A CD  1 
ATOM   419 N NE  . ARG A 1 55 ? -0.725  -5.511  3.759   1.00 9.29  ? 52   ARG A NE  1 
ATOM   420 C CZ  . ARG A 1 55 ? -1.838  -5.942  3.175   1.00 9.48  ? 52   ARG A CZ  1 
ATOM   421 N NH1 . ARG A 1 55 ? -2.778  -5.096  2.791   1.00 8.06  ? 52   ARG A NH1 1 
ATOM   422 N NH2 . ARG A 1 55 ? -2.015  -7.242  2.970   1.00 6.94  ? 52   ARG A NH2 1 
ATOM   423 N N   . ASN A 1 56 ? -0.123  0.456   5.057   1.00 6.72  ? 53   ASN A N   1 
ATOM   424 C CA  . ASN A 1 56 ? 0.224   1.732   5.671   1.00 5.84  ? 53   ASN A CA  1 
ATOM   425 C C   . ASN A 1 56 ? 1.493   1.610   6.545   1.00 9.80  ? 53   ASN A C   1 
ATOM   426 O O   . ASN A 1 56 ? 1.421   1.739   7.756   1.00 9.72  ? 53   ASN A O   1 
ATOM   427 C CB  . ASN A 1 56 ? -0.975  2.258   6.488   1.00 4.31  ? 53   ASN A CB  1 
ATOM   428 C CG  . ASN A 1 56 ? -0.847  3.721   6.778   1.00 8.39  ? 53   ASN A CG  1 
ATOM   429 O OD1 . ASN A 1 56 ? 0.122   4.311   6.337   1.00 6.64  ? 53   ASN A OD1 1 
ATOM   430 N ND2 . ASN A 1 56 ? -1.889  4.349   7.298   1.00 4.56  ? 53   ASN A ND2 1 
ATOM   431 N N   . PRO A 1 57 ? 2.652   1.281   5.937   1.00 5.97  ? 54   PRO A N   1 
ATOM   432 C CA  . PRO A 1 57 ? 3.847   1.078   6.785   1.00 6.29  ? 54   PRO A CA  1 
ATOM   433 C C   . PRO A 1 57 ? 4.367   2.370   7.450   1.00 8.22  ? 54   PRO A C   1 
ATOM   434 O O   . PRO A 1 57 ? 5.108   2.334   8.442   1.00 7.00  ? 54   PRO A O   1 
ATOM   435 C CB  . PRO A 1 57 ? 4.883   0.499   5.807   1.00 7.77  ? 54   PRO A CB  1 
ATOM   436 C CG  . PRO A 1 57 ? 4.426   0.967   4.436   1.00 9.01  ? 54   PRO A CG  1 
ATOM   437 C CD  . PRO A 1 57 ? 2.914   0.890   4.531   1.00 5.01  ? 54   PRO A CD  1 
ATOM   438 N N   . ASP A 1 58 ? 3.886   3.498   6.957   1.00 5.98  ? 55   ASP A N   1 
ATOM   439 C CA  . ASP A 1 58 ? 4.306   4.798   7.482   1.00 4.94  ? 55   ASP A CA  1 
ATOM   440 C C   . ASP A 1 58 ? 3.261   5.535   8.350   1.00 8.06  ? 55   ASP A C   1 
ATOM   441 O O   . ASP A 1 58 ? 3.406   6.726   8.630   1.00 6.36  ? 55   ASP A O   1 
ATOM   442 C CB  . ASP A 1 58 ? 4.875   5.689   6.361   1.00 5.91  ? 55   ASP A CB  1 
ATOM   443 C CG  . ASP A 1 58 ? 3.807   6.218   5.425   1.00 6.28  ? 55   ASP A CG  1 
ATOM   444 O OD1 . ASP A 1 58 ? 2.689   5.634   5.376   1.00 6.61  ? 55   ASP A OD1 1 
ATOM   445 O OD2 . ASP A 1 58 ? 4.084   7.256   4.782   1.00 6.70  ? 55   ASP A OD2 1 
ATOM   446 N N   . ASN A 1 59 ? 2.208   4.823   8.762   1.00 4.32  ? 56   ASN A N   1 
ATOM   447 C CA  A ASN A 1 59 ? 1.212   5.406   9.659   0.50 4.99  ? 56   ASN A CA  1 
ATOM   448 C CA  B ASN A 1 59 ? 1.184   5.390   9.636   0.50 5.29  ? 56   ASN A CA  1 
ATOM   449 C C   . ASN A 1 59 ? 0.555   6.683   9.123   1.00 9.14  ? 56   ASN A C   1 
ATOM   450 O O   . ASN A 1 59 ? 0.231   7.579   9.903   1.00 7.95  ? 56   ASN A O   1 
ATOM   451 C CB  A ASN A 1 59 ? 1.876   5.684   11.023  0.50 7.19  ? 56   ASN A CB  1 
ATOM   452 C CB  B ASN A 1 59 ? 1.732   5.568   11.061  0.50 9.61  ? 56   ASN A CB  1 
ATOM   453 C CG  A ASN A 1 59 ? 0.883   5.756   12.168  0.50 12.09 ? 56   ASN A CG  1 
ATOM   454 C CG  B ASN A 1 59 ? 2.249   4.271   11.646  0.50 34.66 ? 56   ASN A CG  1 
ATOM   455 O OD1 A ASN A 1 59 ? -0.232  5.238   12.088  0.50 3.00  ? 56   ASN A OD1 1 
ATOM   456 O OD1 B ASN A 1 59 ? 1.667   3.214   11.421  0.50 29.83 ? 56   ASN A OD1 1 
ATOM   457 N ND2 A ASN A 1 59 ? 1.305   6.364   13.264  0.50 5.10  ? 56   ASN A ND2 1 
ATOM   458 N ND2 B ASN A 1 59 ? 3.364   4.338   12.365  0.50 29.97 ? 56   ASN A ND2 1 
ATOM   459 N N   . ASP A 1 60 ? 0.355   6.760   7.806   1.00 4.14  ? 57   ASP A N   1 
ATOM   460 C CA  . ASP A 1 60 ? -0.251  7.928   7.177   1.00 3.00  ? 57   ASP A CA  1 
ATOM   461 C C   . ASP A 1 60 ? -1.662  8.068   7.753   1.00 9.14  ? 57   ASP A C   1 
ATOM   462 O O   . ASP A 1 60 ? -2.463  7.132   7.713   1.00 8.87  ? 57   ASP A O   1 
ATOM   463 C CB  . ASP A 1 60 ? -0.343  7.716   5.646   1.00 4.76  ? 57   ASP A CB  1 
ATOM   464 C CG  . ASP A 1 60 ? -0.690  9.005   4.890   1.00 7.23  ? 57   ASP A CG  1 
ATOM   465 O OD1 . ASP A 1 60 ? -1.544  9.778   5.371   1.00 12.62 ? 57   ASP A OD1 1 
ATOM   466 O OD2 . ASP A 1 60 ? -0.131  9.252   3.799   1.00 9.77  ? 57   ASP A OD2 1 
ATOM   467 N N   . PRO A 1 61 ? -2.003  9.261   8.237   1.00 8.00  ? 58   PRO A N   1 
ATOM   468 C CA  . PRO A 1 61 ? -3.360  9.435   8.755   1.00 8.99  ? 58   PRO A CA  1 
ATOM   469 C C   . PRO A 1 61 ? -4.404  9.277   7.645   1.00 13.36 ? 58   PRO A C   1 
ATOM   470 O O   . PRO A 1 61 ? -5.588  9.127   7.918   1.00 11.44 ? 58   PRO A O   1 
ATOM   471 C CB  . PRO A 1 61 ? -3.372  10.886  9.230   1.00 11.51 ? 58   PRO A CB  1 
ATOM   472 C CG  . PRO A 1 61 ? -1.924  11.210  9.520   1.00 15.45 ? 58   PRO A CG  1 
ATOM   473 C CD  . PRO A 1 61 ? -1.142  10.432  8.491   1.00 9.43  ? 58   PRO A CD  1 
ATOM   474 N N   . GLN A 1 62 ? -3.969  9.366   6.395   1.00 12.21 ? 59   GLN A N   1 
ATOM   475 C CA  . GLN A 1 62 ? -4.888  9.234   5.263   1.00 12.12 ? 59   GLN A CA  1 
ATOM   476 C C   . GLN A 1 62 ? -5.200  7.781   4.948   1.00 15.34 ? 59   GLN A C   1 
ATOM   477 O O   . GLN A 1 62 ? -6.059  7.510   4.091   1.00 17.53 ? 59   GLN A O   1 
ATOM   478 C CB  . GLN A 1 62 ? -4.325  9.917   4.030   1.00 13.78 ? 59   GLN A CB  1 
ATOM   479 C CG  . GLN A 1 62 ? -3.978  11.360  4.272   1.00 28.40 ? 59   GLN A CG  1 
ATOM   480 C CD  . GLN A 1 62 ? -5.137  12.250  3.988   1.00 46.03 ? 59   GLN A CD  1 
ATOM   481 O OE1 . GLN A 1 62 ? -5.543  12.391  2.836   1.00 48.92 ? 59   GLN A OE1 1 
ATOM   482 N NE2 . GLN A 1 62 ? -5.747  12.783  5.039   1.00 32.07 ? 59   GLN A NE2 1 
ATOM   483 N N   . GLY A 1 63 ? -4.525  6.871   5.654   1.00 9.17  ? 60   GLY A N   1 
ATOM   484 C CA  . GLY A 1 63 ? -4.733  5.434   5.544   1.00 8.50  ? 60   GLY A CA  1 
ATOM   485 C C   . GLY A 1 63 ? -3.864  4.685   4.554   1.00 9.98  ? 60   GLY A C   1 
ATOM   486 O O   . GLY A 1 63 ? -2.893  5.211   4.042   1.00 6.94  ? 60   GLY A O   1 
ATOM   487 N N   . PRO A 1 64 ? -4.212  3.423   4.282   1.00 7.36  ? 61   PRO A N   1 
ATOM   488 C CA  . PRO A 1 64 ? -3.420  2.587   3.375   1.00 7.91  ? 61   PRO A CA  1 
ATOM   489 C C   . PRO A 1 64 ? -3.272  3.160   1.984   1.00 9.85  ? 61   PRO A C   1 
ATOM   490 O O   . PRO A 1 64 ? -4.175  3.806   1.422   1.00 9.79  ? 61   PRO A O   1 
ATOM   491 C CB  . PRO A 1 64 ? -4.186  1.256   3.337   1.00 8.90  ? 61   PRO A CB  1 
ATOM   492 C CG  . PRO A 1 64 ? -4.957  1.247   4.627   1.00 12.89 ? 61   PRO A CG  1 
ATOM   493 C CD  . PRO A 1 64 ? -5.344  2.685   4.858   1.00 7.76  ? 61   PRO A CD  1 
ATOM   494 N N   . TRP A 1 65 ? -2.145  2.806   1.394   1.00 8.60  ? 62   TRP A N   1 
ATOM   495 C CA  . TRP A 1 65 ? -1.783  3.277   0.075   1.00 6.18  ? 62   TRP A CA  1 
ATOM   496 C C   . TRP A 1 65 ? -0.850  2.259   -0.575  1.00 7.51  ? 62   TRP A C   1 
ATOM   497 O O   . TRP A 1 65 ? -0.546  1.217   0.003   1.00 5.92  ? 62   TRP A O   1 
ATOM   498 C CB  . TRP A 1 65 ? -1.032  4.596   0.254   1.00 4.11  ? 62   TRP A CB  1 
ATOM   499 C CG  . TRP A 1 65 ? 0.086   4.492   1.235   1.00 4.77  ? 62   TRP A CG  1 
ATOM   500 C CD1 . TRP A 1 65 ? 0.012   4.738   2.563   1.00 7.00  ? 62   TRP A CD1 1 
ATOM   501 C CD2 . TRP A 1 65 ? 1.453   4.114   0.968   1.00 5.20  ? 62   TRP A CD2 1 
ATOM   502 N NE1 . TRP A 1 65 ? 1.237   4.546   3.153   1.00 6.85  ? 62   TRP A NE1 1 
ATOM   503 C CE2 . TRP A 1 65 ? 2.157   4.226   2.188   1.00 8.22  ? 62   TRP A CE2 1 
ATOM   504 C CE3 . TRP A 1 65 ? 2.167   3.783   -0.188  1.00 6.28  ? 62   TRP A CE3 1 
ATOM   505 C CZ2 . TRP A 1 65 ? 3.530   3.945   2.299   1.00 7.63  ? 62   TRP A CZ2 1 
ATOM   506 C CZ3 . TRP A 1 65 ? 3.550   3.565   -0.085  1.00 7.95  ? 62   TRP A CZ3 1 
ATOM   507 C CH2 . TRP A 1 65 ? 4.214   3.633   1.154   1.00 8.26  ? 62   TRP A CH2 1 
ATOM   508 N N   . CYS A 1 66 ? -0.356  2.588   -1.763  1.00 5.14  ? 63   CYS A N   1 
ATOM   509 C CA  . CYS A 1 66 ? 0.611   1.701   -2.422  1.00 5.37  ? 63   CYS A CA  1 
ATOM   510 C C   . CYS A 1 66 ? 1.467   2.442   -3.417  1.00 8.15  ? 63   CYS A C   1 
ATOM   511 O O   . CYS A 1 66 ? 1.049   3.439   -3.934  1.00 7.45  ? 63   CYS A O   1 
ATOM   512 C CB  . CYS A 1 66 ? -0.104  0.558   -3.145  1.00 5.41  ? 63   CYS A CB  1 
ATOM   513 S SG  . CYS A 1 66 ? -1.075  1.074   -4.578  1.00 9.55  ? 63   CYS A SG  1 
ATOM   514 N N   . TYR A 1 67 ? 2.655   1.935   -3.726  1.00 4.27  ? 64   TYR A N   1 
ATOM   515 C CA  . TYR A 1 67 ? 3.407   2.556   -4.815  1.00 4.22  ? 64   TYR A CA  1 
ATOM   516 C C   . TYR A 1 67 ? 2.604   2.125   -6.051  1.00 8.49  ? 64   TYR A C   1 
ATOM   517 O O   . TYR A 1 67 ? 2.093   1.001   -6.074  1.00 9.05  ? 64   TYR A O   1 
ATOM   518 C CB  . TYR A 1 67 ? 4.852   2.039   -4.858  1.00 3.69  ? 64   TYR A CB  1 
ATOM   519 C CG  . TYR A 1 67 ? 5.681   2.507   -3.687  1.00 4.47  ? 64   TYR A CG  1 
ATOM   520 C CD1 . TYR A 1 67 ? 6.025   3.845   -3.543  1.00 5.20  ? 64   TYR A CD1 1 
ATOM   521 C CD2 . TYR A 1 67 ? 6.032   1.633   -2.656  1.00 6.50  ? 64   TYR A CD2 1 
ATOM   522 C CE1 . TYR A 1 67 ? 6.789   4.278   -2.470  1.00 5.51  ? 64   TYR A CE1 1 
ATOM   523 C CE2 . TYR A 1 67 ? 6.717   2.084   -1.541  1.00 5.85  ? 64   TYR A CE2 1 
ATOM   524 C CZ  . TYR A 1 67 ? 7.147   3.390   -1.484  1.00 10.56 ? 64   TYR A CZ  1 
ATOM   525 O OH  . TYR A 1 67 ? 7.862   3.858   -0.404  1.00 6.28  ? 64   TYR A OH  1 
ATOM   526 N N   . THR A 1 68 ? 2.430   3.030   -7.018  1.00 6.05  ? 65   THR A N   1 
ATOM   527 C CA  . THR A 1 68 ? 1.612   2.768   -8.225  1.00 5.32  ? 65   THR A CA  1 
ATOM   528 C C   . THR A 1 68 ? 2.429   2.404   -9.439  1.00 8.00  ? 65   THR A C   1 
ATOM   529 O O   . THR A 1 68 ? 3.578   2.804   -9.565  1.00 8.05  ? 65   THR A O   1 
ATOM   530 C CB  . THR A 1 68 ? 0.577   3.918   -8.578  1.00 13.44 ? 65   THR A CB  1 
ATOM   531 O OG1 . THR A 1 68 ? 1.067   4.712   -9.670  1.00 9.35  ? 65   THR A OG1 1 
ATOM   532 C CG2 . THR A 1 68 ? 0.277   4.838   -7.390  1.00 7.66  ? 65   THR A CG2 1 
ATOM   533 N N   . THR A 1 69 ? 1.812   1.661   -10.354 1.00 5.97  ? 66   THR A N   1 
ATOM   534 C CA  . THR A 1 69 ? 2.492   1.268   -11.597 1.00 6.08  ? 66   THR A CA  1 
ATOM   535 C C   . THR A 1 69 ? 2.617   2.433   -12.578 1.00 8.56  ? 66   THR A C   1 
ATOM   536 O O   . THR A 1 69 ? 3.277   2.316   -13.620 1.00 6.99  ? 66   THR A O   1 
ATOM   537 C CB  . THR A 1 69 ? 1.823   0.069   -12.236 1.00 8.18  ? 66   THR A CB  1 
ATOM   538 O OG1 . THR A 1 69 ? 0.452   0.390   -12.527 1.00 8.32  ? 66   THR A OG1 1 
ATOM   539 C CG2 . THR A 1 69 ? 1.886   -1.132  -11.286 1.00 7.44  ? 66   THR A CG2 1 
ATOM   540 N N   . ASP A 1 70 ? 1.940   3.537   -12.271 1.00 6.46  ? 67   ASP A N   1 
ATOM   541 C CA  . ASP A 1 70 ? 2.005   4.718   -13.134 1.00 7.79  ? 67   ASP A CA  1 
ATOM   542 C C   . ASP A 1 70 ? 3.315   5.406   -12.804 1.00 10.04 ? 67   ASP A C   1 
ATOM   543 O O   . ASP A 1 70 ? 3.546   5.767   -11.657 1.00 10.12 ? 67   ASP A O   1 
ATOM   544 C CB  . ASP A 1 70 ? 0.837   5.651   -12.834 1.00 9.79  ? 67   ASP A CB  1 
ATOM   545 C CG  . ASP A 1 70 ? 0.799   6.866   -13.755 1.00 10.20 ? 67   ASP A CG  1 
ATOM   546 O OD1 . ASP A 1 70 ? 1.873   7.358   -14.172 1.00 7.06  ? 67   ASP A OD1 1 
ATOM   547 O OD2 . ASP A 1 70 ? -0.323  7.352   -14.010 1.00 7.49  ? 67   ASP A OD2 1 
ATOM   548 N N   . PRO A 1 71 ? 4.217   5.528   -13.784 1.00 6.55  ? 68   PRO A N   1 
ATOM   549 C CA  . PRO A 1 71 ? 5.524   6.108   -13.411 1.00 7.62  ? 68   PRO A CA  1 
ATOM   550 C C   . PRO A 1 71 ? 5.554   7.593   -13.023 1.00 8.88  ? 68   PRO A C   1 
ATOM   551 O O   . PRO A 1 71 ? 6.568   8.083   -12.506 1.00 7.18  ? 68   PRO A O   1 
ATOM   552 C CB  . PRO A 1 71 ? 6.438   5.791   -14.610 1.00 8.86  ? 68   PRO A CB  1 
ATOM   553 C CG  . PRO A 1 71 ? 5.509   5.432   -15.762 1.00 13.11 ? 68   PRO A CG  1 
ATOM   554 C CD  . PRO A 1 71 ? 4.122   5.157   -15.216 1.00 7.46  ? 68   PRO A CD  1 
ATOM   555 N N   . GLU A 1 72 ? 4.451   8.289   -13.287 1.00 4.76  ? 69   GLU A N   1 
ATOM   556 C CA  . GLU A 1 72 ? 4.281   9.686   -12.929 1.00 6.95  ? 69   GLU A CA  1 
ATOM   557 C C   . GLU A 1 72 ? 3.463   9.857   -11.657 1.00 9.53  ? 69   GLU A C   1 
ATOM   558 O O   . GLU A 1 72 ? 3.164   10.971  -11.244 1.00 9.23  ? 69   GLU A O   1 
ATOM   559 C CB  . GLU A 1 72 ? 3.706   10.474  -14.097 1.00 9.19  ? 69   GLU A CB  1 
ATOM   560 C CG  . GLU A 1 72 ? 4.738   10.619  -15.213 1.00 8.11  ? 69   GLU A CG  1 
ATOM   561 C CD  . GLU A 1 72 ? 4.279   11.492  -16.342 1.00 29.20 ? 69   GLU A CD  1 
ATOM   562 O OE1 . GLU A 1 72 ? 3.348   12.285  -16.131 1.00 21.70 ? 69   GLU A OE1 1 
ATOM   563 O OE2 . GLU A 1 72 ? 4.887   11.410  -17.432 1.00 26.25 ? 69   GLU A OE2 1 
ATOM   564 N N   . LYS A 1 73 ? 3.150   8.748   -11.004 1.00 6.47  ? 70   LYS A N   1 
ATOM   565 C CA  . LYS A 1 73 ? 2.429   8.788   -9.718  1.00 6.00  ? 70   LYS A CA  1 
ATOM   566 C C   . LYS A 1 73 ? 3.128   7.837   -8.750  1.00 7.15  ? 70   LYS A C   1 
ATOM   567 O O   . LYS A 1 73 ? 2.888   6.626   -8.787  1.00 7.33  ? 70   LYS A O   1 
ATOM   568 C CB  . LYS A 1 73 ? 0.964   8.363   -9.875  1.00 10.13 ? 70   LYS A CB  1 
ATOM   569 C CG  . LYS A 1 73 ? 0.197   8.404   -8.551  1.00 12.52 ? 70   LYS A CG  1 
ATOM   570 C CD  . LYS A 1 73 ? -0.222  9.838   -8.229  1.00 10.36 ? 70   LYS A CD  1 
ATOM   571 C CE  . LYS A 1 73 ? -1.523  9.889   -7.477  1.00 16.73 ? 70   LYS A CE  1 
ATOM   572 N NZ  . LYS A 1 73 ? -1.733  11.278  -7.008  1.00 24.13 ? 70   LYS A NZ  1 
ATOM   573 N N   . ARG A 1 74 ? 4.021   8.352   -7.907  1.00 4.68  ? 71   ARG A N   1 
ATOM   574 C CA  . ARG A 1 74 ? 4.751   7.428   -7.037  1.00 4.76  ? 71   ARG A CA  1 
ATOM   575 C C   . ARG A 1 74 ? 3.855   6.595   -6.132  1.00 7.00  ? 71   ARG A C   1 
ATOM   576 O O   . ARG A 1 74 ? 4.050   5.389   -5.990  1.00 5.08  ? 71   ARG A O   1 
ATOM   577 C CB  . ARG A 1 74 ? 5.760   8.172   -6.177  1.00 7.38  ? 71   ARG A CB  1 
ATOM   578 C CG  . ARG A 1 74 ? 6.593   7.260   -5.334  1.00 13.90 ? 71   ARG A CG  1 
ATOM   579 C CD  . ARG A 1 74 ? 7.783   8.047   -4.860  1.00 9.33  ? 71   ARG A CD  1 
ATOM   580 N NE  . ARG A 1 74 ? 8.387   7.393   -3.722  1.00 18.34 ? 71   ARG A NE  1 
ATOM   581 C CZ  . ARG A 1 74 ? 9.385   6.528   -3.811  1.00 19.12 ? 71   ARG A CZ  1 
ATOM   582 N NH1 . ARG A 1 74 ? 9.933   6.238   -4.990  1.00 8.93  ? 71   ARG A NH1 1 
ATOM   583 N NH2 . ARG A 1 74 ? 9.821   5.951   -2.714  1.00 7.73  ? 71   ARG A NH2 1 
ATOM   584 N N   . TYR A 1 75 ? 2.924   7.253   -5.458  1.00 5.49  ? 72   TYR A N   1 
ATOM   585 C CA  . TYR A 1 75 ? 2.047   6.551   -4.543  1.00 4.28  ? 72   TYR A CA  1 
ATOM   586 C C   . TYR A 1 75 ? 0.655   7.125   -4.630  1.00 8.69  ? 72   TYR A C   1 
ATOM   587 O O   . TYR A 1 75 ? 0.435   8.255   -5.102  1.00 8.66  ? 72   TYR A O   1 
ATOM   588 C CB  . TYR A 1 75 ? 2.562   6.675   -3.081  1.00 3.62  ? 72   TYR A CB  1 
ATOM   589 C CG  . TYR A 1 75 ? 2.389   8.079   -2.492  1.00 9.43  ? 72   TYR A CG  1 
ATOM   590 C CD1 . TYR A 1 75 ? 3.385   9.048   -2.643  1.00 11.17 ? 72   TYR A CD1 1 
ATOM   591 C CD2 . TYR A 1 75 ? 1.257   8.415   -1.736  1.00 10.72 ? 72   TYR A CD2 1 
ATOM   592 C CE1 . TYR A 1 75 ? 3.222   10.338  -2.116  1.00 12.78 ? 72   TYR A CE1 1 
ATOM   593 C CE2 . TYR A 1 75 ? 1.102   9.674   -1.199  1.00 11.57 ? 72   TYR A CE2 1 
ATOM   594 C CZ  . TYR A 1 75 ? 2.092   10.634  -1.392  1.00 17.80 ? 72   TYR A CZ  1 
ATOM   595 O OH  . TYR A 1 75 ? 1.948   11.903  -0.863  1.00 19.16 ? 72   TYR A OH  1 
ATOM   596 N N   . ASP A 1 76 ? -0.284  6.378   -4.083  1.00 6.29  ? 73   ASP A N   1 
ATOM   597 C CA  . ASP A 1 76 ? -1.634  6.874   -3.969  1.00 4.67  ? 73   ASP A CA  1 
ATOM   598 C C   . ASP A 1 76 ? -2.409  6.038   -2.992  1.00 7.85  ? 73   ASP A C   1 
ATOM   599 O O   . ASP A 1 76 ? -2.126  4.875   -2.783  1.00 7.64  ? 73   ASP A O   1 
ATOM   600 C CB  . ASP A 1 76 ? -2.325  6.894   -5.322  1.00 7.24  ? 73   ASP A CB  1 
ATOM   601 C CG  . ASP A 1 76 ? -3.552  7.788   -5.332  1.00 15.31 ? 73   ASP A CG  1 
ATOM   602 O OD1 . ASP A 1 76 ? -3.729  8.559   -4.369  1.00 14.20 ? 73   ASP A OD1 1 
ATOM   603 O OD2 . ASP A 1 76 ? -4.357  7.682   -6.283  1.00 21.02 ? 73   ASP A OD2 1 
ATOM   604 N N   . TYR A 1 77 ? -3.463  6.627   -2.457  1.00 6.61  ? 74   TYR A N   1 
ATOM   605 C CA  . TYR A 1 77 ? -4.343  5.919   -1.553  1.00 6.42  ? 74   TYR A CA  1 
ATOM   606 C C   . TYR A 1 77 ? -5.324  4.986   -2.249  1.00 13.03 ? 74   TYR A C   1 
ATOM   607 O O   . TYR A 1 77 ? -5.655  5.141   -3.440  1.00 13.39 ? 74   TYR A O   1 
ATOM   608 C CB  . TYR A 1 77 ? -5.074  6.925   -0.679  1.00 6.71  ? 74   TYR A CB  1 
ATOM   609 C CG  . TYR A 1 77 ? -4.101  7.836   0.026   1.00 5.85  ? 74   TYR A CG  1 
ATOM   610 C CD1 . TYR A 1 77 ? -3.428  7.405   1.166   1.00 5.43  ? 74   TYR A CD1 1 
ATOM   611 C CD2 . TYR A 1 77 ? -3.797  9.097   -0.481  1.00 8.79  ? 74   TYR A CD2 1 
ATOM   612 C CE1 . TYR A 1 77 ? -2.474  8.203   1.774   1.00 6.83  ? 74   TYR A CE1 1 
ATOM   613 C CE2 . TYR A 1 77 ? -2.839  9.887   0.110   1.00 10.55 ? 74   TYR A CE2 1 
ATOM   614 C CZ  . TYR A 1 77 ? -2.200  9.448   1.266   1.00 9.39  ? 74   TYR A CZ  1 
ATOM   615 O OH  . TYR A 1 77 ? -1.261  10.256  1.894   1.00 10.36 ? 74   TYR A OH  1 
ATOM   616 N N   . CYS A 1 78 ? -5.768  4.014   -1.478  1.00 8.19  ? 75   CYS A N   1 
ATOM   617 C CA  . CYS A 1 78 ? -6.734  3.031   -1.928  1.00 7.50  ? 75   CYS A CA  1 
ATOM   618 C C   . CYS A 1 78 ? -8.066  3.196   -1.207  1.00 7.90  ? 75   CYS A C   1 
ATOM   619 O O   . CYS A 1 78 ? -8.139  3.747   -0.122  1.00 7.91  ? 75   CYS A O   1 
ATOM   620 C CB  . CYS A 1 78 ? -6.177  1.644   -1.655  1.00 7.47  ? 75   CYS A CB  1 
ATOM   621 S SG  . CYS A 1 78 ? -4.427  1.489   -2.111  1.00 10.14 ? 75   CYS A SG  1 
ATOM   622 N N   . ASP A 1 79 ? -9.108  2.681   -1.815  1.00 8.07  ? 76   ASP A N   1 
ATOM   623 C CA  . ASP A 1 79 ? -10.440 2.793   -1.255  1.00 8.94  ? 76   ASP A CA  1 
ATOM   624 C C   . ASP A 1 79 ? -10.651 1.489   -0.530  1.00 12.52 ? 76   ASP A C   1 
ATOM   625 O O   . ASP A 1 79 ? -10.566 0.409   -1.132  1.00 10.49 ? 76   ASP A O   1 
ATOM   626 C CB  . ASP A 1 79 ? -11.458 2.972   -2.381  1.00 11.08 ? 76   ASP A CB  1 
ATOM   627 C CG  . ASP A 1 79 ? -11.601 4.419   -2.812  1.00 12.28 ? 76   ASP A CG  1 
ATOM   628 O OD1 . ASP A 1 79 ? -11.735 5.306   -1.938  1.00 13.95 ? 76   ASP A OD1 1 
ATOM   629 O OD2 . ASP A 1 79 ? -11.611 4.668   -4.030  1.00 14.29 ? 76   ASP A OD2 1 
ATOM   630 N N   . ILE A 1 80 ? -10.763 1.599   0.790   1.00 8.99  ? 77   ILE A N   1 
ATOM   631 C CA  . ILE A 1 80 ? -10.910 0.434   1.642   1.00 8.80  ? 77   ILE A CA  1 
ATOM   632 C C   . ILE A 1 80 ? -12.154 0.533   2.514   1.00 11.80 ? 77   ILE A C   1 
ATOM   633 O O   . ILE A 1 80 ? -12.412 1.587   3.092   1.00 10.00 ? 77   ILE A O   1 
ATOM   634 C CB  . ILE A 1 80 ? -9.630  0.182   2.466   1.00 10.95 ? 77   ILE A CB  1 
ATOM   635 C CG1 . ILE A 1 80 ? -8.422  0.058   1.510   1.00 12.88 ? 77   ILE A CG1 1 
ATOM   636 C CG2 . ILE A 1 80 ? -9.783  -1.093  3.329   1.00 12.14 ? 77   ILE A CG2 1 
ATOM   637 C CD1 . ILE A 1 80 ? -7.142  -0.318  2.195   1.00 15.82 ? 77   ILE A CD1 1 
ATOM   638 N N   . LEU A 1 81 ? -12.920 -0.563  2.592   1.00 9.62  ? 78   LEU A N   1 
ATOM   639 C CA  . LEU A 1 81 ? -14.144 -0.567  3.401   1.00 10.36 ? 78   LEU A CA  1 
ATOM   640 C C   . LEU A 1 81 ? -13.807 -0.441  4.887   1.00 11.49 ? 78   LEU A C   1 
ATOM   641 O O   . LEU A 1 81 ? -12.856 -1.037  5.359   1.00 10.11 ? 78   LEU A O   1 
ATOM   642 C CB  . LEU A 1 81 ? -14.949 -1.837  3.162   1.00 11.00 ? 78   LEU A CB  1 
ATOM   643 C CG  . LEU A 1 81 ? -15.455 -2.040  1.735   1.00 16.18 ? 78   LEU A CG  1 
ATOM   644 C CD1 . LEU A 1 81 ? -16.034 -3.442  1.552   1.00 17.14 ? 78   LEU A CD1 1 
ATOM   645 C CD2 . LEU A 1 81 ? -16.465 -0.976  1.380   1.00 18.70 ? 78   LEU A CD2 1 
ATOM   646 N N   . GLU A 1 82 ? -14.607 0.321   5.623   1.00 10.00 ? 79   GLU A N   1 
ATOM   647 C CA  . GLU A 1 82 ? -14.381 0.504   7.056   1.00 10.35 ? 79   GLU A CA  1 
ATOM   648 C C   . GLU A 1 82 ? -15.061 -0.611  7.835   1.00 12.82 ? 79   GLU A C   1 
ATOM   649 O O   . GLU A 1 82 ? -16.241 -0.855  7.647   1.00 11.97 ? 79   GLU A O   1 
ATOM   650 C CB  . GLU A 1 82 ? -14.937 1.855   7.498   1.00 12.86 ? 79   GLU A CB  1 
ATOM   651 C CG  . GLU A 1 82 ? -13.902 2.965   7.464   1.00 28.34 ? 79   GLU A CG  1 
ATOM   652 C CD  . GLU A 1 82 ? -12.992 2.946   8.684   1.00 52.91 ? 79   GLU A CD  1 
ATOM   653 O OE1 . GLU A 1 82 ? -13.368 2.325   9.704   1.00 48.61 ? 79   GLU A OE1 1 
ATOM   654 O OE2 . GLU A 1 82 ? -11.904 3.557   8.622   1.00 52.76 ? 79   GLU A OE2 1 
ATOM   655 N N   . CYS A 1 83 ? -14.306 -1.320  8.671   1.00 8.73  ? 80   CYS A N   1 
ATOM   656 C CA  . CYS A 1 83 ? -14.867 -2.426  9.419   1.00 7.81  ? 80   CYS A CA  1 
ATOM   657 C C   . CYS A 1 83 ? -16.090 -2.006  10.223  1.00 29.66 ? 80   CYS A C   1 
ATOM   658 O O   . CYS A 1 83 ? -16.166 -0.866  10.676  1.00 16.29 ? 80   CYS A O   1 
ATOM   659 C CB  . CYS A 1 83 ? -13.833 -3.013  10.340  1.00 9.97  ? 80   CYS A CB  1 
ATOM   660 S SG  . CYS A 1 83 ? -12.423 -3.678  9.485   1.00 14.88 ? 80   CYS A SG  1 
HETATM 661 C C1  . XO3 B 2 .  ? 3.386   7.297   1.217   1.00 11.27 ? 1081 XO3 A C1  1 
HETATM 662 C C2  . XO3 B 2 .  ? 2.012   7.742   1.740   1.00 3.00  ? 1081 XO3 A C2  1 
HETATM 663 N N3  . XO3 B 2 .  ? 2.318   8.560   2.942   1.00 4.86  ? 1081 XO3 A N3  1 
HETATM 664 C C4  . XO3 B 2 .  ? 2.983   9.817   2.543   1.00 4.90  ? 1081 XO3 A C4  1 
HETATM 665 C C5  . XO3 B 2 .  ? 4.398   9.462   2.013   1.00 3.00  ? 1081 XO3 A C5  1 
HETATM 666 C C6  . XO3 B 2 .  ? 4.175   8.552   0.805   1.00 12.97 ? 1081 XO3 A C6  1 
HETATM 667 C C7  . XO3 B 2 .  ? 5.526   8.208   0.268   1.00 16.33 ? 1081 XO3 A C7  1 
HETATM 668 O O8  . XO3 B 2 .  ? 6.322   9.038   -0.418  1.00 16.60 ? 1081 XO3 A O8  1 
HETATM 669 N N9  . XO3 B 2 .  ? 7.361   8.489   -0.743  1.00 22.40 ? 1081 XO3 A N9  1 
HETATM 670 C C10 . XO3 B 2 .  ? 7.394   7.235   -0.251  1.00 10.17 ? 1081 XO3 A C10 1 
HETATM 671 C C11 . XO3 B 2 .  ? 6.165   7.033   0.434   1.00 6.99  ? 1081 XO3 A C11 1 
HETATM 672 O O12 . XO3 B 2 .  ? 8.272   6.414   -0.373  1.00 11.53 ? 1081 XO3 A O12 1 
HETATM 673 C C13 . XO3 B 2 .  ? 3.202   10.666  3.791   1.00 10.31 ? 1081 XO3 A C13 1 
HETATM 674 C C14 . XO3 B 2 .  ? 3.597   12.084  3.428   1.00 8.28  ? 1081 XO3 A C14 1 
HETATM 675 C C15 . XO3 B 2 .  ? 4.785   12.605  3.924   1.00 9.17  ? 1081 XO3 A C15 1 
HETATM 676 C C16 . XO3 B 2 .  ? 5.147   13.914  3.643   1.00 31.71 ? 1081 XO3 A C16 1 
HETATM 677 C C17 . XO3 B 2 .  ? 4.337   14.698  2.835   1.00 17.72 ? 1081 XO3 A C17 1 
HETATM 678 C C18 . XO3 B 2 .  ? 3.143   14.180  2.361   1.00 19.94 ? 1081 XO3 A C18 1 
HETATM 679 C C19 . XO3 B 2 .  ? 2.775   12.875  2.647   1.00 11.59 ? 1081 XO3 A C19 1 
HETATM 680 O O   . HOH C 3 .  ? -6.837  -6.766  7.886   1.00 9.91  ? 2001 HOH A O   1 
HETATM 681 O O   . HOH C 3 .  ? -12.182 -10.555 9.165   1.00 24.53 ? 2002 HOH A O   1 
HETATM 682 O O   . HOH C 3 .  ? -8.716  -8.744  11.590  1.00 21.14 ? 2003 HOH A O   1 
HETATM 683 O O   . HOH C 3 .  ? -14.599 -8.296  10.365  1.00 31.45 ? 2004 HOH A O   1 
HETATM 684 O O   . HOH C 3 .  ? -11.507 -11.845 11.698  1.00 28.67 ? 2005 HOH A O   1 
HETATM 685 O O   . HOH C 3 .  ? -13.344 -3.845  -0.670  1.00 25.38 ? 2006 HOH A O   1 
HETATM 686 O O   . HOH C 3 .  ? -18.213 -5.285  4.227   1.00 21.61 ? 2007 HOH A O   1 
HETATM 687 O O   . HOH C 3 .  ? -11.949 -8.945  13.951  1.00 17.34 ? 2008 HOH A O   1 
HETATM 688 O O   . HOH C 3 .  ? -15.398 -9.497  12.141  1.00 27.18 ? 2009 HOH A O   1 
HETATM 689 O O   . HOH C 3 .  ? -13.585 -9.493  5.169   1.00 25.45 ? 2010 HOH A O   1 
HETATM 690 O O   . HOH C 3 .  ? -12.351 -3.238  1.531   1.00 13.35 ? 2011 HOH A O   1 
HETATM 691 O O   . HOH C 3 .  ? -15.610 -5.940  4.183   1.00 23.45 ? 2012 HOH A O   1 
HETATM 692 O O   . HOH C 3 .  ? -9.897  -4.707  1.737   1.00 13.22 ? 2013 HOH A O   1 
HETATM 693 O O   . HOH C 3 .  ? -14.393 -6.665  0.231   1.00 41.20 ? 2014 HOH A O   1 
HETATM 694 O O   . HOH C 3 .  ? -12.717 -5.736  -2.285  1.00 22.03 ? 2015 HOH A O   1 
HETATM 695 O O   . HOH C 3 .  ? -8.517  -4.906  9.324   1.00 11.67 ? 2016 HOH A O   1 
HETATM 696 O O   . HOH C 3 .  ? -8.684  3.512   2.760   1.00 26.05 ? 2017 HOH A O   1 
HETATM 697 O O   . HOH C 3 .  ? -7.142  -2.028  10.077  1.00 4.35  ? 2018 HOH A O   1 
HETATM 698 O O   . HOH C 3 .  ? -4.987  1.998   13.217  1.00 27.43 ? 2019 HOH A O   1 
HETATM 699 O O   . HOH C 3 .  ? -5.241  -0.336  11.710  1.00 17.04 ? 2020 HOH A O   1 
HETATM 700 O O   . HOH C 3 .  ? -10.211 -3.424  -7.296  1.00 19.68 ? 2021 HOH A O   1 
HETATM 701 O O   . HOH C 3 .  ? -12.810 -7.261  -11.475 1.00 19.01 ? 2022 HOH A O   1 
HETATM 702 O O   . HOH C 3 .  ? -9.307  7.266   9.935   1.00 20.73 ? 2023 HOH A O   1 
HETATM 703 O O   . HOH C 3 .  ? -8.287  12.979  -7.519  1.00 27.51 ? 2024 HOH A O   1 
HETATM 704 O O   . HOH C 3 .  ? -6.984  16.936  -6.096  1.00 24.61 ? 2025 HOH A O   1 
HETATM 705 O O   . HOH C 3 .  ? -1.416  -1.719  6.449   1.00 15.04 ? 2026 HOH A O   1 
HETATM 706 O O   . HOH C 3 .  ? 1.078   -5.443  -12.709 1.00 30.13 ? 2027 HOH A O   1 
HETATM 707 O O   . HOH C 3 .  ? 1.489   -2.750  10.428  1.00 12.00 ? 2028 HOH A O   1 
HETATM 708 O O   . HOH C 3 .  ? -4.533  -6.879  11.334  1.00 26.28 ? 2029 HOH A O   1 
HETATM 709 O O   . HOH C 3 .  ? 5.079   -1.792  -14.478 1.00 16.02 ? 2030 HOH A O   1 
HETATM 710 O O   . HOH C 3 .  ? 5.272   -3.715  -15.732 1.00 25.68 ? 2031 HOH A O   1 
HETATM 711 O O   . HOH C 3 .  ? 11.987  8.037   -10.977 1.00 32.93 ? 2032 HOH A O   1 
HETATM 712 O O   . HOH C 3 .  ? 12.668  7.116   -13.740 1.00 29.83 ? 2033 HOH A O   1 
HETATM 713 O O   . HOH C 3 .  ? 15.598  5.539   -11.463 1.00 23.54 ? 2034 HOH A O   1 
HETATM 714 O O   . HOH C 3 .  ? 15.540  8.704   -10.033 1.00 16.04 ? 2035 HOH A O   1 
HETATM 715 O O   . HOH C 3 .  ? 1.574   -9.162  7.972   1.00 26.19 ? 2036 HOH A O   1 
HETATM 716 O O   . HOH C 3 .  ? 15.166  0.918   5.351   1.00 24.64 ? 2037 HOH A O   1 
HETATM 717 O O   . HOH C 3 .  ? -5.865  -8.315  -4.714  1.00 19.26 ? 2038 HOH A O   1 
HETATM 718 O O   . HOH C 3 .  ? 9.333   -12.381 9.577   1.00 22.25 ? 2039 HOH A O   1 
HETATM 719 O O   . HOH C 3 .  ? 11.342  -6.555  14.999  1.00 20.53 ? 2040 HOH A O   1 
HETATM 720 O O   . HOH C 3 .  ? 9.329   -12.799 12.900  1.00 12.39 ? 2041 HOH A O   1 
HETATM 721 O O   . HOH C 3 .  ? 7.939   -10.196 15.478  1.00 37.00 ? 2042 HOH A O   1 
HETATM 722 O O   . HOH C 3 .  ? 10.058  -8.312  18.132  1.00 19.71 ? 2043 HOH A O   1 
HETATM 723 O O   . HOH C 3 .  ? -8.831  1.053   -4.211  1.00 19.92 ? 2044 HOH A O   1 
HETATM 724 O O   . HOH C 3 .  ? -8.037  -4.877  -5.815  1.00 23.51 ? 2045 HOH A O   1 
HETATM 725 O O   . HOH C 3 .  ? -4.167  -5.751  -9.290  1.00 24.76 ? 2046 HOH A O   1 
HETATM 726 O O   . HOH C 3 .  ? -6.060  -1.977  -13.009 1.00 27.85 ? 2047 HOH A O   1 
HETATM 727 O O   . HOH C 3 .  ? -8.533  -5.990  -12.681 1.00 30.59 ? 2048 HOH A O   1 
HETATM 728 O O   . HOH C 3 .  ? -10.039 1.475   -7.148  1.00 25.04 ? 2049 HOH A O   1 
HETATM 729 O O   . HOH C 3 .  ? -3.928  6.471   -8.430  1.00 11.15 ? 2050 HOH A O   1 
HETATM 730 O O   . HOH C 3 .  ? -12.724 4.387   -7.165  1.00 20.42 ? 2051 HOH A O   1 
HETATM 731 O O   . HOH C 3 .  ? -6.359  13.196  -5.524  1.00 25.33 ? 2052 HOH A O   1 
HETATM 732 O O   . HOH C 3 .  ? -6.535  18.685  5.832   1.00 21.75 ? 2053 HOH A O   1 
HETATM 733 O O   . HOH C 3 .  ? -4.943  16.489  3.421   1.00 15.01 ? 2054 HOH A O   1 
HETATM 734 O O   . HOH C 3 .  ? -9.578  18.522  3.386   1.00 34.03 ? 2055 HOH A O   1 
HETATM 735 O O   . HOH C 3 .  ? -8.772  15.694  -2.496  1.00 16.87 ? 2056 HOH A O   1 
HETATM 736 O O   . HOH C 3 .  ? -8.130  2.589   -13.869 1.00 43.51 ? 2057 HOH A O   1 
HETATM 737 O O   . HOH C 3 .  ? -5.048  10.917  -6.861  1.00 22.53 ? 2058 HOH A O   1 
HETATM 738 O O   . HOH C 3 .  ? -11.503 3.139   -9.760  1.00 20.12 ? 2059 HOH A O   1 
HETATM 739 O O   . HOH C 3 .  ? 8.723   14.125  -10.234 1.00 30.60 ? 2060 HOH A O   1 
HETATM 740 O O   . HOH C 3 .  ? 2.007   -4.828  -9.906  1.00 10.25 ? 2061 HOH A O   1 
HETATM 741 O O   . HOH C 3 .  ? 5.557   11.726  -4.567  1.00 12.53 ? 2062 HOH A O   1 
HETATM 742 O O   . HOH C 3 .  ? 12.064  10.531  -10.116 1.00 15.53 ? 2063 HOH A O   1 
HETATM 743 O O   . HOH C 3 .  ? 3.256   -0.729  -3.348  1.00 10.85 ? 2064 HOH A O   1 
HETATM 744 O O   . HOH C 3 .  ? -13.651 0.676   -4.393  1.00 19.24 ? 2065 HOH A O   1 
HETATM 745 O O   . HOH C 3 .  ? -16.806 0.977   -4.235  1.00 18.52 ? 2066 HOH A O   1 
HETATM 746 O O   . HOH C 3 .  ? -16.592 -3.545  -1.865  1.00 15.27 ? 2067 HOH A O   1 
HETATM 747 O O   . HOH C 3 .  ? 4.892   -4.461  -9.963  1.00 3.34  ? 2068 HOH A O   1 
HETATM 748 O O   . HOH C 3 .  ? 1.219   -7.554  -9.164  1.00 21.69 ? 2069 HOH A O   1 
HETATM 749 O O   . HOH C 3 .  ? -17.487 -5.097  10.001  1.00 36.73 ? 2070 HOH A O   1 
HETATM 750 O O   . HOH C 3 .  ? 3.857   -6.199  -13.566 1.00 19.36 ? 2071 HOH A O   1 
HETATM 751 O O   . HOH C 3 .  ? 2.594   -12.115 -9.498  1.00 29.82 ? 2072 HOH A O   1 
HETATM 752 O O   . HOH C 3 .  ? 5.760   -7.569  -3.148  1.00 13.78 ? 2073 HOH A O   1 
HETATM 753 O O   . HOH C 3 .  ? 11.292  -3.082  -3.567  1.00 10.49 ? 2074 HOH A O   1 
HETATM 754 O O   . HOH C 3 .  ? 9.345   -7.974  -7.873  1.00 19.28 ? 2075 HOH A O   1 
HETATM 755 O O   . HOH C 3 .  ? 12.939  -6.187  -7.299  1.00 28.61 ? 2076 HOH A O   1 
HETATM 756 O O   . HOH C 3 .  ? 11.589  -4.196  -10.412 1.00 14.02 ? 2077 HOH A O   1 
HETATM 757 O O   . HOH C 3 .  ? 13.015  2.581   -10.905 1.00 25.12 ? 2078 HOH A O   1 
HETATM 758 O O   . HOH C 3 .  ? 14.450  -1.972  -12.310 1.00 33.88 ? 2079 HOH A O   1 
HETATM 759 O O   . HOH C 3 .  ? 5.613   -2.058  -11.522 1.00 13.35 ? 2080 HOH A O   1 
HETATM 760 O O   . HOH C 3 .  ? 12.088  3.290   -13.721 1.00 29.28 ? 2081 HOH A O   1 
HETATM 761 O O   . HOH C 3 .  ? 7.887   -1.367  -15.136 1.00 23.01 ? 2082 HOH A O   1 
HETATM 762 O O   . HOH C 3 .  ? 10.515  6.203   -12.687 1.00 22.93 ? 2083 HOH A O   1 
HETATM 763 O O   . HOH C 3 .  ? 12.246  6.024   -7.482  1.00 3.00  ? 2084 HOH A O   1 
HETATM 764 O O   . HOH C 3 .  ? 13.176  5.468   -2.171  1.00 23.31 ? 2085 HOH A O   1 
HETATM 765 O O   . HOH C 3 .  ? 16.587  3.454   0.461   1.00 24.73 ? 2086 HOH A O   1 
HETATM 766 O O   . HOH C 3 .  ? 16.091  2.749   -8.429  1.00 23.29 ? 2087 HOH A O   1 
HETATM 767 O O   . HOH C 3 .  ? 19.134  5.687   -6.341  1.00 18.55 ? 2088 HOH A O   1 
HETATM 768 O O   . HOH C 3 .  ? 15.986  8.517   -5.103  1.00 17.53 ? 2089 HOH A O   1 
HETATM 769 O O   . HOH C 3 .  ? 17.008  7.741   -8.287  1.00 22.06 ? 2090 HOH A O   1 
HETATM 770 O O   . HOH C 3 .  ? 20.904  7.716   -2.320  1.00 18.80 ? 2091 HOH A O   1 
HETATM 771 O O   . HOH C 3 .  ? 14.649  1.328   0.337   1.00 14.51 ? 2092 HOH A O   1 
HETATM 772 O O   . HOH C 3 .  ? 13.744  1.306   3.049   1.00 27.59 ? 2093 HOH A O   1 
HETATM 773 O O   . HOH C 3 .  ? 6.401   8.522   4.974   1.00 13.44 ? 2094 HOH A O   1 
HETATM 774 O O   . HOH C 3 .  ? 13.213  -6.863  -0.257  1.00 28.76 ? 2095 HOH A O   1 
HETATM 775 O O   . HOH C 3 .  ? 6.523   -7.187  4.869   1.00 12.93 ? 2096 HOH A O   1 
HETATM 776 O O   . HOH C 3 .  ? 11.343  2.452   8.671   1.00 17.13 ? 2097 HOH A O   1 
HETATM 777 O O   . HOH C 3 .  ? 4.183   -8.971  7.382   1.00 13.97 ? 2098 HOH A O   1 
HETATM 778 O O   . HOH C 3 .  ? 8.681   -9.529  10.821  1.00 25.03 ? 2099 HOH A O   1 
HETATM 779 O O   . HOH C 3 .  ? 9.005   -4.342  10.336  1.00 3.70  ? 2100 HOH A O   1 
HETATM 780 O O   . HOH C 3 .  ? 8.826   -6.744  14.160  1.00 22.36 ? 2101 HOH A O   1 
HETATM 781 O O   . HOH C 3 .  ? 1.634   -1.807  6.680   1.00 17.75 ? 2102 HOH A O   1 
HETATM 782 O O   . HOH C 3 .  ? -0.071  -9.348  4.153   1.00 24.26 ? 2103 HOH A O   1 
HETATM 783 O O   . HOH C 3 .  ? 0.699   -13.904 1.988   1.00 36.53 ? 2104 HOH A O   1 
HETATM 784 O O   . HOH C 3 .  ? 6.802   -9.500  3.442   1.00 34.08 ? 2105 HOH A O   1 
HETATM 785 O O   . HOH C 3 .  ? 1.310   -9.139  -6.806  1.00 29.22 ? 2106 HOH A O   1 
HETATM 786 O O   . HOH C 3 .  ? -2.575  -8.734  -6.454  1.00 17.80 ? 2107 HOH A O   1 
HETATM 787 O O   . HOH C 3 .  ? 2.914   9.158   7.047   1.00 9.25  ? 2108 HOH A O   1 
HETATM 788 O O   . HOH C 3 .  ? 0.119   5.909   15.711  1.00 24.93 ? 2109 HOH A O   1 
HETATM 789 O O   . HOH C 3 .  ? 1.371   2.380   14.615  1.00 30.35 ? 2110 HOH A O   1 
HETATM 790 O O   . HOH C 3 .  ? -1.063  12.366  5.295   1.00 15.49 ? 2111 HOH A O   1 
HETATM 791 O O   . HOH C 3 .  ? -6.379  5.231   2.137   1.00 10.54 ? 2112 HOH A O   1 
HETATM 792 O O   . HOH C 3 .  ? -7.057  15.943  5.224   1.00 16.97 ? 2113 HOH A O   1 
HETATM 793 O O   . HOH C 3 .  ? -2.847  13.890  6.761   1.00 12.53 ? 2114 HOH A O   1 
HETATM 794 O O   . HOH C 3 .  ? -1.861  8.283   -12.188 1.00 17.88 ? 2115 HOH A O   1 
HETATM 795 O O   . HOH C 3 .  ? 7.026   10.024  -10.709 1.00 24.94 ? 2116 HOH A O   1 
HETATM 796 O O   . HOH C 3 .  ? 5.264   10.980  -8.442  1.00 14.07 ? 2117 HOH A O   1 
HETATM 797 O O   . HOH C 3 .  ? 3.349   14.572  -13.592 1.00 28.36 ? 2118 HOH A O   1 
HETATM 798 O O   . HOH C 3 .  ? 0.589   10.749  -4.823  1.00 20.79 ? 2119 HOH A O   1 
HETATM 799 O O   . HOH C 3 .  ? -3.400  10.945  -4.510  1.00 27.97 ? 2120 HOH A O   1 
HETATM 800 O O   . HOH C 3 .  ? 2.890   10.748  -6.064  1.00 23.17 ? 2121 HOH A O   1 
HETATM 801 O O   . HOH C 3 .  ? 9.664   7.316   -7.778  1.00 9.34  ? 2122 HOH A O   1 
HETATM 802 O O   . HOH C 3 .  ? -0.294  12.803  0.658   1.00 21.53 ? 2123 HOH A O   1 
HETATM 803 O O   . HOH C 3 .  ? 5.935   12.820  -0.303  1.00 35.08 ? 2124 HOH A O   1 
HETATM 804 O O   . HOH C 3 .  ? -8.920  6.540   -0.656  1.00 24.57 ? 2125 HOH A O   1 
HETATM 805 O O   . HOH C 3 .  ? -12.605 -1.431  -2.070  1.00 20.35 ? 2126 HOH A O   1 
HETATM 806 O O   . HOH C 3 .  ? -13.780 0.468   -1.667  1.00 35.90 ? 2127 HOH A O   1 
HETATM 807 O O   . HOH C 3 .  ? -13.150 5.329   0.218   1.00 32.24 ? 2128 HOH A O   1 
HETATM 808 O O   . HOH C 3 .  ? -12.180 2.793   -5.661  1.00 16.86 ? 2129 HOH A O   1 
HETATM 809 O O   . HOH C 3 .  ? -10.779 4.346   2.384   1.00 27.00 ? 2130 HOH A O   1 
HETATM 810 O O   . HOH C 3 .  ? -17.802 -1.523  5.281   1.00 14.09 ? 2131 HOH A O   1 
HETATM 811 O O   . HOH C 3 .  ? -16.868 -3.478  6.442   1.00 21.33 ? 2132 HOH A O   1 
HETATM 812 O O   . HOH C 3 .  ? -19.025 -2.588  8.417   1.00 22.95 ? 2133 HOH A O   1 
HETATM 813 O O   . HOH C 3 .  ? -10.052 -5.529  11.129  1.00 31.42 ? 2134 HOH A O   1 
HETATM 814 O O   . HOH C 3 .  ? -15.275 -5.207  13.138  1.00 12.64 ? 2135 HOH A O   1 
HETATM 815 O O   . HOH C 3 .  ? -5.049  -4.831  20.934  1.00 18.41 ? 2136 HOH A O   1 
HETATM 816 O O   . HOH C 3 .  ? 12.952  -8.589  17.815  1.00 8.41  ? 2137 HOH A O   1 
HETATM 817 O O   . HOH C 3 .  ? 6.492   -14.295 15.667  1.00 21.03 ? 2138 HOH A O   1 
HETATM 818 O O   . HOH C 3 .  ? 4.773   20.063  -4.462  1.00 29.00 ? 2139 HOH A O   1 
HETATM 819 O O   . HOH C 3 .  ? 6.783   18.074  -6.021  1.00 45.11 ? 2140 HOH A O   1 
HETATM 820 O O   . HOH C 3 .  ? -10.808 -9.243  -8.887  1.00 19.41 ? 2141 HOH A O   1 
HETATM 821 O O   . HOH C 3 .  ? -7.320  -2.620  21.844  1.00 14.60 ? 2142 HOH A O   1 
HETATM 822 O O   . HOH C 3 .  ? -13.485 -5.355  19.680  1.00 22.03 ? 2143 HOH A O   1 
HETATM 823 O O   . HOH C 3 .  ? -9.301  -4.450  19.638  1.00 20.21 ? 2144 HOH A O   1 
HETATM 824 O O   . HOH C 3 .  ? 3.920   19.088  -10.762 1.00 27.75 ? 2145 HOH A O   1 
HETATM 825 O O   . HOH C 3 .  ? -12.358 -11.541 -6.038  1.00 17.91 ? 2146 HOH A O   1 
HETATM 826 O O   . HOH C 3 .  ? 5.202   16.633  -10.461 1.00 14.99 ? 2147 HOH A O   1 
HETATM 827 O O   . HOH C 3 .  ? 6.354   -10.229 20.030  1.00 26.95 ? 2148 HOH A O   1 
HETATM 828 O O   . HOH C 3 .  ? -13.989 -6.335  15.996  1.00 18.92 ? 2149 HOH A O   1 
HETATM 829 O O   . HOH C 3 .  ? 3.930   -11.898 15.175  1.00 15.55 ? 2150 HOH A O   1 
HETATM 830 O O   . HOH C 3 .  ? 7.241   15.082  -5.272  1.00 35.60 ? 2151 HOH A O   1 
HETATM 831 O O   . HOH C 3 .  ? -3.899  -10.598 18.059  1.00 23.18 ? 2152 HOH A O   1 
HETATM 832 O O   . HOH C 3 .  ? -7.384  -3.916  18.737  1.00 21.49 ? 2153 HOH A O   1 
HETATM 833 O O   . HOH C 3 .  ? -2.813  18.927  -3.505  1.00 14.19 ? 2154 HOH A O   1 
HETATM 834 O O   . HOH C 3 .  ? -13.205 -0.390  20.770  1.00 27.48 ? 2155 HOH A O   1 
HETATM 835 O O   . HOH C 3 .  ? -8.520  -5.976  16.588  1.00 20.63 ? 2156 HOH A O   1 
HETATM 836 O O   . HOH C 3 .  ? -11.360 -5.863  20.060  1.00 16.83 ? 2157 HOH A O   1 
HETATM 837 O O   . HOH C 3 .  ? -17.838 -5.752  16.434  1.00 15.40 ? 2158 HOH A O   1 
HETATM 838 O O   . HOH C 3 .  ? -13.156 -2.960  20.282  1.00 23.39 ? 2159 HOH A O   1 
HETATM 839 O O   . HOH C 3 .  ? -14.479 -13.747 -4.759  1.00 21.48 ? 2160 HOH A O   1 
HETATM 840 O O   . HOH C 3 .  ? 10.403  14.414  -12.060 1.00 29.35 ? 2161 HOH A O   1 
HETATM 841 O O   . HOH C 3 .  ? -12.904 -10.137 -11.560 1.00 23.84 ? 2162 HOH A O   1 
HETATM 842 O O   . HOH C 3 .  ? -1.029  -6.130  23.302  1.00 33.79 ? 2163 HOH A O   1 
HETATM 843 O O   . HOH C 3 .  ? -12.014 3.390   20.509  1.00 19.52 ? 2164 HOH A O   1 
HETATM 844 O O   . HOH C 3 .  ? 11.239  15.222  -5.278  1.00 26.31 ? 2165 HOH A O   1 
HETATM 845 O O   . HOH C 3 .  ? -13.085 -9.373  -7.940  1.00 17.07 ? 2166 HOH A O   1 
HETATM 846 O O   . HOH C 3 .  ? 11.510  12.148  -12.847 1.00 18.82 ? 2167 HOH A O   1 
HETATM 847 O O   . HOH C 3 .  ? 9.234   17.261  -8.453  1.00 26.84 ? 2168 HOH A O   1 
HETATM 848 O O   . HOH C 3 .  ? -12.988 -9.935  -4.369  1.00 23.25 ? 2169 HOH A O   1 
HETATM 849 O O   . HOH C 3 .  ? 0.601   19.236  -9.982  1.00 27.72 ? 2170 HOH A O   1 
HETATM 850 O O   . HOH C 3 .  ? 12.297  -13.333 14.504  1.00 20.22 ? 2171 HOH A O   1 
HETATM 851 O O   . HOH C 3 .  ? 11.944  -12.822 17.043  1.00 20.43 ? 2172 HOH A O   1 
HETATM 852 O O   . HOH C 3 .  ? 18.275  10.014  -11.333 1.00 19.38 ? 2173 HOH A O   1 
HETATM 853 O O   . HOH C 3 .  ? -17.068 -6.283  -1.189  1.00 22.19 ? 2174 HOH A O   1 
HETATM 854 O O   . HOH C 3 .  ? -18.949 -7.153  -2.091  1.00 26.19 ? 2175 HOH A O   1 
HETATM 855 O O   . HOH C 3 .  ? -19.802 -5.427  -3.294  1.00 28.91 ? 2176 HOH A O   1 
HETATM 856 O O   . HOH C 3 .  ? 1.783   17.279  -8.550  1.00 24.65 ? 2177 HOH A O   1 
HETATM 857 O O   . HOH C 3 .  ? -13.136 -5.276  -9.574  1.00 31.45 ? 2178 HOH A O   1 
HETATM 858 O O   . HOH C 3 .  ? -15.970 -8.233  17.451  1.00 37.42 ? 2179 HOH A O   1 
HETATM 859 O O   . HOH C 3 .  ? 14.286  13.054  -12.250 1.00 28.41 ? 2180 HOH A O   1 
HETATM 860 O O   . HOH C 3 .  ? 3.207   -19.202 17.007  1.00 19.34 ? 2181 HOH A O   1 
HETATM 861 O O   . HOH C 3 .  ? 20.855  9.292   -12.173 1.00 29.33 ? 2182 HOH A O   1 
HETATM 862 O O   . HOH C 3 .  ? -7.287  -7.098  19.951  1.00 16.97 ? 2183 HOH A O   1 
# 
